data_2LGV
#
_entry.id   2LGV
#
loop_
_entity.id
_entity.type
_entity.pdbx_description
1 polymer 'E3 ubiquitin-protein ligase RBX1'
2 non-polymer 'ZINC ION'
#
_entity_poly.entity_id   1
_entity_poly.type   'polypeptide(L)'
_entity_poly.pdbx_seq_one_letter_code
;GGGGTNSGAGKKRFEVKKSNASAQSAWDIVVDNCAICRNHIMDLCIECQANQASATSEECTVAWGVCNHAFHFHCISRWL
KTRQVCPLDNREWEFQKYGH
;
_entity_poly.pdbx_strand_id   A
#
loop_
_chem_comp.id
_chem_comp.type
_chem_comp.name
_chem_comp.formula
ZN non-polymer 'ZINC ION' 'Zn 2'
#
# COMPACT_ATOMS: atom_id res chain seq x y z
N GLY A 1 6.34 -31.09 55.09
CA GLY A 1 6.44 -29.87 54.31
C GLY A 1 6.79 -28.65 55.15
N GLY A 2 6.62 -27.48 54.57
CA GLY A 2 6.95 -26.25 55.25
C GLY A 2 6.42 -25.05 54.52
N GLY A 3 7.01 -23.91 54.78
CA GLY A 3 6.57 -22.70 54.14
C GLY A 3 7.75 -21.82 53.74
N GLY A 4 7.45 -20.63 53.28
CA GLY A 4 8.46 -19.72 52.86
C GLY A 4 8.67 -18.61 53.88
N THR A 5 9.56 -17.69 53.57
CA THR A 5 9.86 -16.60 54.46
C THR A 5 8.83 -15.48 54.29
N ASN A 6 8.65 -14.67 55.31
CA ASN A 6 7.66 -13.60 55.32
C ASN A 6 8.21 -12.38 54.60
N SER A 7 7.58 -12.01 53.50
CA SER A 7 7.99 -10.87 52.70
C SER A 7 7.89 -9.57 53.50
N GLY A 8 9.01 -8.99 53.83
CA GLY A 8 9.03 -7.79 54.62
C GLY A 8 9.22 -6.55 53.77
N ALA A 9 8.45 -5.54 54.05
CA ALA A 9 8.57 -4.27 53.36
C ALA A 9 9.46 -3.32 54.16
N GLY A 10 10.05 -2.38 53.47
CA GLY A 10 10.97 -1.46 54.12
C GLY A 10 12.34 -1.58 53.50
N LYS A 11 12.51 -2.61 52.69
CA LYS A 11 13.77 -2.87 52.00
C LYS A 11 13.75 -2.21 50.62
N LYS A 12 12.78 -1.32 50.44
CA LYS A 12 12.59 -0.62 49.20
C LYS A 12 13.66 0.44 49.00
N ARG A 13 14.28 0.39 47.85
CA ARG A 13 15.19 1.41 47.41
C ARG A 13 14.46 2.29 46.43
N PHE A 14 14.70 3.57 46.48
CA PHE A 14 13.98 4.50 45.64
C PHE A 14 14.41 4.29 44.19
N GLU A 15 13.44 4.19 43.31
CA GLU A 15 13.71 3.92 41.93
C GLU A 15 13.76 5.19 41.11
N VAL A 16 14.60 5.17 40.12
CA VAL A 16 14.82 6.32 39.27
C VAL A 16 14.50 5.93 37.84
N LYS A 17 13.79 6.80 37.14
CA LYS A 17 13.58 6.61 35.72
C LYS A 17 14.93 6.67 35.05
N LYS A 18 15.48 5.51 34.77
CA LYS A 18 16.85 5.43 34.35
C LYS A 18 16.98 4.41 33.24
N SER A 19 17.16 4.88 32.05
CA SER A 19 17.40 4.04 30.91
C SER A 19 18.52 4.61 30.07
N ASN A 20 19.38 3.74 29.57
CA ASN A 20 20.48 4.16 28.71
C ASN A 20 19.98 4.77 27.41
N ALA A 21 18.95 4.17 26.85
CA ALA A 21 18.42 4.60 25.57
C ALA A 21 16.94 4.92 25.69
N SER A 22 16.49 5.92 24.94
CA SER A 22 15.09 6.36 24.96
C SER A 22 14.17 5.41 24.18
N ALA A 23 14.75 4.60 23.31
CA ALA A 23 13.94 3.68 22.51
C ALA A 23 13.61 2.42 23.30
N GLN A 24 12.63 2.52 24.16
CA GLN A 24 12.20 1.40 24.98
C GLN A 24 11.54 0.32 24.13
N SER A 25 10.71 0.72 23.19
CA SER A 25 9.99 -0.21 22.35
C SER A 25 9.57 0.46 21.04
N ALA A 26 9.13 -0.34 20.09
CA ALA A 26 8.60 0.16 18.85
C ALA A 26 7.08 0.26 18.95
N TRP A 27 6.44 0.69 17.89
CA TRP A 27 4.99 0.79 17.85
C TRP A 27 4.36 -0.44 17.21
N ASP A 28 3.14 -0.74 17.59
CA ASP A 28 2.43 -1.94 17.16
C ASP A 28 1.96 -1.83 15.70
N ILE A 29 1.81 -2.95 15.05
CA ILE A 29 1.42 -3.00 13.65
C ILE A 29 -0.09 -2.81 13.53
N VAL A 30 -0.50 -2.07 12.55
CA VAL A 30 -1.91 -1.75 12.33
C VAL A 30 -2.31 -2.09 10.88
N VAL A 31 -3.47 -2.72 10.71
CA VAL A 31 -3.97 -3.06 9.37
C VAL A 31 -5.01 -2.07 8.85
N ASP A 32 -5.25 -1.01 9.61
CA ASP A 32 -6.15 0.05 9.16
C ASP A 32 -5.35 1.13 8.47
N ASN A 33 -4.13 0.81 8.19
CA ASN A 33 -3.29 1.63 7.39
C ASN A 33 -2.36 0.75 6.63
N CYS A 34 -1.78 1.28 5.60
CA CYS A 34 -0.82 0.57 4.83
C CYS A 34 0.52 0.76 5.48
N ALA A 35 1.08 -0.28 6.02
CA ALA A 35 2.33 -0.15 6.76
C ALA A 35 3.48 0.03 5.80
N ILE A 36 3.24 -0.34 4.56
CA ILE A 36 4.28 -0.34 3.55
C ILE A 36 4.69 1.10 3.19
N CYS A 37 3.69 1.95 3.01
CA CYS A 37 3.94 3.36 2.73
C CYS A 37 3.75 4.18 4.00
N ARG A 38 2.97 3.61 4.90
CA ARG A 38 2.59 4.19 6.16
C ARG A 38 1.63 5.33 5.91
N ASN A 39 0.60 4.98 5.18
CA ASN A 39 -0.51 5.85 4.86
C ASN A 39 -1.79 5.12 5.21
N HIS A 40 -2.89 5.85 5.32
CA HIS A 40 -4.11 5.27 5.87
C HIS A 40 -4.71 4.21 4.94
N ILE A 41 -5.49 3.30 5.51
CA ILE A 41 -6.05 2.19 4.77
C ILE A 41 -6.94 2.65 3.62
N MET A 42 -6.79 1.97 2.49
CA MET A 42 -7.64 2.17 1.32
C MET A 42 -7.74 3.66 0.92
N ASP A 43 -6.66 4.38 1.16
CA ASP A 43 -6.57 5.81 0.82
C ASP A 43 -5.38 6.01 -0.16
N LEU A 44 -4.89 7.24 -0.30
CA LEU A 44 -3.73 7.58 -1.15
C LEU A 44 -2.42 7.06 -0.50
N CYS A 45 -1.47 6.63 -1.34
CA CYS A 45 -0.18 6.11 -0.87
C CYS A 45 0.83 7.26 -0.64
N ILE A 46 2.12 6.89 -0.48
CA ILE A 46 3.25 7.82 -0.23
C ILE A 46 3.25 9.01 -1.16
N GLU A 47 3.81 8.81 -2.32
CA GLU A 47 3.93 9.81 -3.31
C GLU A 47 2.59 10.09 -3.88
N CYS A 48 1.75 9.08 -3.96
CA CYS A 48 0.50 9.13 -4.71
C CYS A 48 -0.36 10.35 -4.35
N GLN A 49 -0.47 10.68 -3.07
CA GLN A 49 -1.20 11.87 -2.67
C GLN A 49 -0.59 13.16 -3.22
N ALA A 50 0.74 13.27 -3.17
CA ALA A 50 1.45 14.42 -3.74
C ALA A 50 1.44 14.37 -5.27
N ASN A 51 1.56 13.15 -5.75
CA ASN A 51 1.68 12.79 -7.16
C ASN A 51 0.42 13.19 -7.91
N GLN A 52 -0.70 13.06 -7.22
CA GLN A 52 -2.03 13.21 -7.78
C GLN A 52 -2.41 11.97 -8.55
N ALA A 53 -2.92 10.99 -7.82
CA ALA A 53 -3.30 9.74 -8.41
C ALA A 53 -4.46 9.95 -9.36
N SER A 54 -4.43 9.26 -10.47
CA SER A 54 -5.44 9.42 -11.47
C SER A 54 -6.23 8.13 -11.64
N ALA A 55 -7.21 7.93 -10.76
CA ALA A 55 -8.07 6.76 -10.74
C ALA A 55 -9.12 6.97 -9.66
N THR A 56 -8.68 6.91 -8.43
CA THR A 56 -9.48 7.24 -7.28
C THR A 56 -8.54 7.80 -6.21
N SER A 57 -8.88 8.94 -5.64
CA SER A 57 -8.08 9.49 -4.56
C SER A 57 -8.65 9.07 -3.23
N GLU A 58 -9.89 8.62 -3.25
CA GLU A 58 -10.52 8.00 -2.11
C GLU A 58 -9.73 6.77 -1.74
N GLU A 59 -9.32 6.04 -2.76
CA GLU A 59 -8.51 4.87 -2.63
C GLU A 59 -7.60 4.77 -3.82
N CYS A 60 -6.32 4.87 -3.59
CA CYS A 60 -5.36 4.67 -4.64
C CYS A 60 -5.49 3.25 -5.17
N THR A 61 -5.18 2.31 -4.32
CA THR A 61 -5.31 0.88 -4.58
C THR A 61 -5.24 0.13 -3.25
N VAL A 62 -6.11 -0.83 -3.03
CA VAL A 62 -6.09 -1.60 -1.79
C VAL A 62 -6.32 -3.09 -2.03
N ALA A 63 -5.69 -3.92 -1.22
CA ALA A 63 -5.85 -5.36 -1.29
C ALA A 63 -5.85 -5.95 0.10
N TRP A 64 -6.69 -6.94 0.32
CA TRP A 64 -6.74 -7.58 1.59
C TRP A 64 -5.95 -8.88 1.51
N GLY A 65 -5.31 -9.22 2.58
CA GLY A 65 -4.57 -10.43 2.66
C GLY A 65 -5.33 -11.48 3.41
N VAL A 66 -5.22 -12.73 2.97
CA VAL A 66 -5.91 -13.86 3.60
C VAL A 66 -5.38 -14.05 5.02
N CYS A 67 -4.19 -13.56 5.22
CA CYS A 67 -3.47 -13.64 6.46
C CYS A 67 -3.94 -12.54 7.44
N ASN A 68 -5.16 -12.03 7.20
CA ASN A 68 -5.78 -10.99 8.02
C ASN A 68 -4.95 -9.72 7.97
N HIS A 69 -4.52 -9.42 6.77
CA HIS A 69 -3.74 -8.24 6.52
C HIS A 69 -4.41 -7.32 5.57
N ALA A 70 -4.07 -6.06 5.65
CA ALA A 70 -4.61 -5.09 4.76
C ALA A 70 -3.52 -4.12 4.37
N PHE A 71 -3.26 -4.01 3.09
CA PHE A 71 -2.25 -3.12 2.56
C PHE A 71 -2.77 -2.47 1.30
N HIS A 72 -2.06 -1.51 0.79
CA HIS A 72 -2.40 -0.96 -0.47
C HIS A 72 -1.98 -1.93 -1.53
N PHE A 73 -2.81 -2.14 -2.52
CA PHE A 73 -2.48 -3.04 -3.60
C PHE A 73 -1.22 -2.56 -4.29
N HIS A 74 -1.09 -1.26 -4.46
CA HIS A 74 0.10 -0.66 -5.05
C HIS A 74 1.34 -1.00 -4.21
N CYS A 75 1.25 -0.75 -2.93
CA CYS A 75 2.37 -0.93 -2.04
C CYS A 75 2.72 -2.40 -1.90
N ILE A 76 1.70 -3.22 -1.72
CA ILE A 76 1.91 -4.65 -1.55
C ILE A 76 2.48 -5.27 -2.83
N SER A 77 2.02 -4.80 -3.99
CA SER A 77 2.50 -5.29 -5.27
C SER A 77 3.99 -5.04 -5.44
N ARG A 78 4.46 -3.85 -5.08
CA ARG A 78 5.89 -3.54 -5.10
C ARG A 78 6.63 -4.42 -4.11
N TRP A 79 6.01 -4.61 -2.96
CA TRP A 79 6.56 -5.42 -1.90
C TRP A 79 6.74 -6.85 -2.38
N LEU A 80 5.70 -7.39 -2.97
CA LEU A 80 5.65 -8.75 -3.47
C LEU A 80 6.57 -8.95 -4.64
N LYS A 81 6.79 -7.89 -5.37
CA LYS A 81 7.66 -7.89 -6.51
C LYS A 81 9.08 -8.26 -6.05
N THR A 82 9.45 -7.76 -4.89
CA THR A 82 10.74 -8.09 -4.30
C THR A 82 10.68 -9.21 -3.21
N ARG A 83 9.55 -9.30 -2.49
CA ARG A 83 9.41 -10.23 -1.35
C ARG A 83 8.22 -11.18 -1.51
N GLN A 84 8.33 -12.38 -0.97
CA GLN A 84 7.25 -13.36 -1.04
C GLN A 84 6.43 -13.42 0.25
N VAL A 85 6.89 -12.74 1.26
CA VAL A 85 6.30 -12.85 2.59
C VAL A 85 5.83 -11.51 3.09
N CYS A 86 4.85 -11.53 3.98
CA CYS A 86 4.31 -10.34 4.60
C CYS A 86 5.41 -9.56 5.29
N PRO A 87 5.32 -8.23 5.23
CA PRO A 87 6.28 -7.36 5.92
C PRO A 87 6.07 -7.43 7.43
N LEU A 88 4.86 -7.85 7.81
CA LEU A 88 4.47 -7.91 9.20
C LEU A 88 4.51 -9.35 9.70
N ASP A 89 3.82 -10.24 8.96
CA ASP A 89 3.70 -11.66 9.34
C ASP A 89 5.00 -12.39 9.20
N ASN A 90 5.77 -12.01 8.17
CA ASN A 90 6.95 -12.76 7.72
C ASN A 90 6.50 -14.15 7.28
N ARG A 91 5.28 -14.21 6.74
CA ARG A 91 4.65 -15.45 6.24
C ARG A 91 4.31 -15.17 4.81
N GLU A 92 4.17 -16.19 4.00
CA GLU A 92 3.92 -15.96 2.59
C GLU A 92 2.58 -15.26 2.39
N TRP A 93 2.63 -14.17 1.65
CA TRP A 93 1.48 -13.34 1.46
C TRP A 93 0.51 -13.98 0.47
N GLU A 94 -0.77 -13.84 0.76
CA GLU A 94 -1.82 -14.36 -0.07
C GLU A 94 -2.92 -13.30 -0.24
N PHE A 95 -3.45 -13.17 -1.44
CA PHE A 95 -4.46 -12.16 -1.73
C PHE A 95 -5.84 -12.68 -1.43
N GLN A 96 -6.52 -12.03 -0.53
CA GLN A 96 -7.88 -12.35 -0.19
C GLN A 96 -8.82 -11.73 -1.23
N LYS A 97 -8.65 -10.44 -1.43
CA LYS A 97 -9.45 -9.66 -2.36
C LYS A 97 -8.67 -8.42 -2.79
N TYR A 98 -8.58 -8.17 -4.09
CA TYR A 98 -7.92 -6.98 -4.60
C TYR A 98 -8.74 -6.28 -5.69
N GLY A 99 -9.40 -7.06 -6.52
CA GLY A 99 -10.25 -6.51 -7.55
C GLY A 99 -9.53 -6.27 -8.85
N HIS A 100 -8.98 -5.10 -9.00
CA HIS A 100 -8.31 -4.70 -10.23
C HIS A 100 -6.78 -4.70 -10.06
ZN ZN B . 0.40 2.02 0.84
ZN ZN C . -0.38 4.41 -4.96
ZN ZN D . 0.06 -11.73 6.30
N GLY A 1 -20.62 35.84 8.11
CA GLY A 1 -19.61 34.84 7.88
C GLY A 1 -18.32 35.47 7.40
N GLY A 2 -17.81 34.97 6.30
CA GLY A 2 -16.58 35.47 5.76
C GLY A 2 -16.28 34.88 4.41
N GLY A 3 -15.14 35.20 3.86
CA GLY A 3 -14.78 34.64 2.58
C GLY A 3 -14.08 33.33 2.74
N GLY A 4 -14.83 32.25 2.62
CA GLY A 4 -14.24 30.94 2.74
C GLY A 4 -13.72 30.47 1.41
N THR A 5 -12.56 29.84 1.42
CA THR A 5 -11.95 29.38 0.20
C THR A 5 -11.16 28.09 0.43
N ASN A 6 -11.13 27.25 -0.58
CA ASN A 6 -10.37 26.02 -0.53
C ASN A 6 -9.67 25.78 -1.85
N SER A 7 -8.43 26.19 -1.93
CA SER A 7 -7.62 25.94 -3.08
C SER A 7 -6.33 25.27 -2.63
N GLY A 8 -6.34 23.95 -2.61
CA GLY A 8 -5.17 23.20 -2.21
C GLY A 8 -4.88 22.06 -3.14
N ALA A 9 -5.89 21.60 -3.84
CA ALA A 9 -5.77 20.51 -4.78
C ALA A 9 -4.93 20.94 -5.98
N GLY A 10 -3.75 20.39 -6.07
CA GLY A 10 -2.87 20.66 -7.17
C GLY A 10 -2.24 19.39 -7.65
N LYS A 11 -2.39 19.09 -8.92
CA LYS A 11 -1.88 17.85 -9.46
C LYS A 11 -0.42 17.96 -9.79
N LYS A 12 0.28 16.85 -9.74
CA LYS A 12 1.68 16.81 -10.08
C LYS A 12 1.89 15.88 -11.25
N ARG A 13 2.95 16.13 -11.97
CA ARG A 13 3.21 15.44 -13.20
C ARG A 13 3.68 14.01 -12.94
N PHE A 14 3.48 13.15 -13.93
CA PHE A 14 3.83 11.75 -13.81
C PHE A 14 5.34 11.55 -13.67
N GLU A 15 5.72 10.47 -13.00
CA GLU A 15 7.11 10.05 -12.83
C GLU A 15 7.84 10.97 -11.83
N VAL A 16 7.07 11.79 -11.13
CA VAL A 16 7.63 12.62 -10.09
C VAL A 16 7.33 11.98 -8.74
N LYS A 17 8.20 11.11 -8.30
CA LYS A 17 8.03 10.41 -7.04
C LYS A 17 9.37 10.09 -6.44
N LYS A 18 9.45 10.04 -5.13
CA LYS A 18 10.67 9.66 -4.45
C LYS A 18 10.52 8.29 -3.81
N SER A 19 11.48 7.44 -4.06
CA SER A 19 11.47 6.10 -3.53
C SER A 19 12.80 5.82 -2.82
N ASN A 20 13.04 6.53 -1.73
CA ASN A 20 14.25 6.36 -0.94
C ASN A 20 14.26 4.97 -0.32
N ALA A 21 13.11 4.55 0.15
CA ALA A 21 12.94 3.24 0.73
C ALA A 21 12.92 2.16 -0.34
N SER A 22 13.67 1.12 -0.11
CA SER A 22 13.67 -0.04 -0.96
C SER A 22 13.54 -1.29 -0.09
N ALA A 23 13.87 -1.14 1.18
CA ALA A 23 13.80 -2.21 2.14
C ALA A 23 13.46 -1.65 3.50
N GLN A 24 12.73 -2.41 4.28
CA GLN A 24 12.38 -2.00 5.63
C GLN A 24 12.20 -3.21 6.52
N SER A 25 12.26 -2.99 7.82
CA SER A 25 12.09 -4.05 8.79
C SER A 25 10.65 -4.54 8.83
N ALA A 26 10.46 -5.73 9.36
CA ALA A 26 9.15 -6.31 9.48
C ALA A 26 8.56 -5.95 10.84
N TRP A 27 7.48 -5.21 10.82
CA TRP A 27 6.86 -4.72 12.04
C TRP A 27 5.51 -5.38 12.27
N ASP A 28 4.85 -4.96 13.32
CA ASP A 28 3.49 -5.36 13.59
C ASP A 28 2.70 -4.17 14.09
N ILE A 29 1.78 -3.72 13.27
CA ILE A 29 0.98 -2.55 13.55
C ILE A 29 -0.47 -2.89 13.34
N VAL A 30 -1.36 -2.00 13.73
CA VAL A 30 -2.76 -2.18 13.43
C VAL A 30 -2.93 -2.14 11.92
N VAL A 31 -3.63 -3.12 11.39
CA VAL A 31 -3.61 -3.40 9.97
C VAL A 31 -4.56 -2.48 9.17
N ASP A 32 -4.89 -1.33 9.73
CA ASP A 32 -5.66 -0.34 9.01
C ASP A 32 -4.76 0.74 8.45
N ASN A 33 -3.47 0.55 8.61
CA ASN A 33 -2.50 1.40 8.00
C ASN A 33 -1.57 0.60 7.13
N CYS A 34 -1.29 1.13 5.96
CA CYS A 34 -0.35 0.50 5.06
C CYS A 34 1.03 0.80 5.59
N ALA A 35 1.73 -0.20 6.04
CA ALA A 35 3.07 0.01 6.60
C ALA A 35 4.10 0.06 5.50
N ILE A 36 3.67 -0.33 4.31
CA ILE A 36 4.55 -0.38 3.18
C ILE A 36 4.93 1.03 2.74
N CYS A 37 3.93 1.90 2.72
CA CYS A 37 4.12 3.29 2.40
C CYS A 37 4.01 4.13 3.66
N ARG A 38 3.38 3.52 4.67
CA ARG A 38 3.12 4.15 5.97
C ARG A 38 1.97 5.14 5.89
N ASN A 39 1.07 4.90 4.95
CA ASN A 39 -0.13 5.69 4.80
C ASN A 39 -1.29 4.91 5.43
N HIS A 40 -2.50 5.33 5.24
CA HIS A 40 -3.63 4.64 5.79
C HIS A 40 -4.07 3.54 4.80
N ILE A 41 -4.94 2.64 5.23
CA ILE A 41 -5.33 1.48 4.43
C ILE A 41 -6.00 1.85 3.10
N MET A 42 -6.91 2.77 3.10
CA MET A 42 -7.64 3.05 1.92
C MET A 42 -7.73 4.54 1.64
N ASP A 43 -6.67 5.05 1.06
CA ASP A 43 -6.50 6.45 0.67
C ASP A 43 -5.41 6.46 -0.40
N LEU A 44 -4.96 7.62 -0.78
CA LEU A 44 -3.84 7.76 -1.69
C LEU A 44 -2.54 7.42 -0.96
N CYS A 45 -1.63 6.76 -1.65
CA CYS A 45 -0.36 6.37 -1.05
C CYS A 45 0.56 7.59 -0.88
N ILE A 46 1.77 7.33 -0.38
CA ILE A 46 2.82 8.33 -0.14
C ILE A 46 2.89 9.42 -1.21
N GLU A 47 3.56 9.10 -2.28
CA GLU A 47 3.75 9.98 -3.39
C GLU A 47 2.45 10.14 -4.15
N CYS A 48 1.60 9.14 -4.05
CA CYS A 48 0.37 9.10 -4.84
C CYS A 48 -0.55 10.27 -4.52
N GLN A 49 -0.69 10.60 -3.26
CA GLN A 49 -1.47 11.76 -2.84
C GLN A 49 -0.87 13.05 -3.37
N ALA A 50 0.44 13.10 -3.38
CA ALA A 50 1.13 14.23 -3.93
C ALA A 50 0.96 14.27 -5.46
N ASN A 51 1.16 13.12 -6.10
CA ASN A 51 1.09 13.01 -7.55
C ASN A 51 -0.32 13.30 -8.08
N GLN A 52 -1.31 12.75 -7.39
CA GLN A 52 -2.69 12.69 -7.87
C GLN A 52 -2.73 12.10 -9.28
N ALA A 53 -2.70 10.78 -9.34
CA ALA A 53 -2.68 10.07 -10.62
C ALA A 53 -4.08 9.95 -11.19
N SER A 54 -4.18 9.53 -12.44
CA SER A 54 -5.47 9.32 -13.05
C SER A 54 -6.00 7.96 -12.61
N ALA A 55 -6.56 7.95 -11.43
CA ALA A 55 -7.08 6.78 -10.78
C ALA A 55 -7.93 7.27 -9.63
N THR A 56 -8.58 6.35 -8.94
CA THR A 56 -9.38 6.72 -7.79
C THR A 56 -8.47 7.32 -6.70
N SER A 57 -8.90 8.44 -6.14
CA SER A 57 -8.11 9.13 -5.13
C SER A 57 -8.71 8.90 -3.75
N GLU A 58 -9.96 8.46 -3.72
CA GLU A 58 -10.64 8.04 -2.50
C GLU A 58 -9.87 6.83 -1.94
N GLU A 59 -9.38 6.05 -2.87
CA GLU A 59 -8.58 4.89 -2.63
C GLU A 59 -7.67 4.73 -3.83
N CYS A 60 -6.36 4.79 -3.62
CA CYS A 60 -5.41 4.52 -4.69
C CYS A 60 -5.71 3.13 -5.25
N THR A 61 -5.24 2.12 -4.56
CA THR A 61 -5.60 0.74 -4.78
C THR A 61 -5.42 0.00 -3.45
N VAL A 62 -6.33 -0.90 -3.12
CA VAL A 62 -6.25 -1.62 -1.85
C VAL A 62 -6.51 -3.11 -2.05
N ALA A 63 -5.82 -3.94 -1.29
CA ALA A 63 -5.98 -5.37 -1.37
C ALA A 63 -6.03 -5.98 0.01
N TRP A 64 -6.88 -6.96 0.18
CA TRP A 64 -7.01 -7.66 1.41
C TRP A 64 -6.24 -8.96 1.30
N GLY A 65 -5.59 -9.31 2.37
CA GLY A 65 -4.81 -10.51 2.42
C GLY A 65 -5.55 -11.62 3.12
N VAL A 66 -5.39 -12.85 2.62
CA VAL A 66 -6.07 -14.02 3.20
C VAL A 66 -5.57 -14.24 4.62
N CYS A 67 -4.39 -13.73 4.87
CA CYS A 67 -3.73 -13.83 6.14
C CYS A 67 -4.32 -12.84 7.15
N ASN A 68 -5.53 -12.36 6.87
CA ASN A 68 -6.25 -11.42 7.73
C ASN A 68 -5.47 -10.11 7.81
N HIS A 69 -4.90 -9.76 6.69
CA HIS A 69 -4.13 -8.54 6.55
C HIS A 69 -4.71 -7.64 5.49
N ALA A 70 -4.33 -6.39 5.51
CA ALA A 70 -4.81 -5.43 4.55
C ALA A 70 -3.70 -4.45 4.23
N PHE A 71 -3.46 -4.23 2.95
CA PHE A 71 -2.43 -3.29 2.50
C PHE A 71 -2.90 -2.62 1.23
N HIS A 72 -2.21 -1.59 0.80
CA HIS A 72 -2.51 -1.00 -0.47
C HIS A 72 -2.09 -1.98 -1.51
N PHE A 73 -2.92 -2.17 -2.51
CA PHE A 73 -2.60 -3.07 -3.61
C PHE A 73 -1.34 -2.58 -4.29
N HIS A 74 -1.24 -1.27 -4.45
CA HIS A 74 -0.06 -0.64 -5.04
C HIS A 74 1.18 -0.96 -4.20
N CYS A 75 1.08 -0.74 -2.92
CA CYS A 75 2.21 -0.92 -2.05
C CYS A 75 2.57 -2.38 -1.88
N ILE A 76 1.56 -3.24 -1.70
CA ILE A 76 1.81 -4.65 -1.53
C ILE A 76 2.41 -5.23 -2.82
N SER A 77 1.98 -4.71 -3.97
CA SER A 77 2.54 -5.13 -5.26
C SER A 77 4.04 -4.82 -5.31
N ARG A 78 4.40 -3.63 -4.84
CA ARG A 78 5.81 -3.22 -4.76
C ARG A 78 6.55 -4.18 -3.83
N TRP A 79 5.89 -4.47 -2.72
CA TRP A 79 6.41 -5.32 -1.69
C TRP A 79 6.66 -6.72 -2.19
N LEU A 80 5.68 -7.25 -2.86
CA LEU A 80 5.71 -8.61 -3.35
C LEU A 80 6.77 -8.84 -4.40
N LYS A 81 7.02 -7.83 -5.19
CA LYS A 81 8.06 -7.90 -6.18
C LYS A 81 9.42 -8.08 -5.51
N THR A 82 9.62 -7.42 -4.38
CA THR A 82 10.86 -7.55 -3.65
C THR A 82 10.82 -8.65 -2.55
N ARG A 83 9.61 -8.99 -2.07
CA ARG A 83 9.43 -9.96 -0.98
C ARG A 83 8.29 -10.94 -1.26
N GLN A 84 8.42 -12.15 -0.78
CA GLN A 84 7.40 -13.18 -0.97
C GLN A 84 6.47 -13.28 0.23
N VAL A 85 6.82 -12.62 1.29
CA VAL A 85 6.17 -12.82 2.57
C VAL A 85 5.57 -11.54 3.10
N CYS A 86 4.57 -11.68 3.96
CA CYS A 86 3.95 -10.55 4.63
C CYS A 86 4.99 -9.73 5.39
N PRO A 87 4.86 -8.41 5.35
CA PRO A 87 5.73 -7.52 6.12
C PRO A 87 5.45 -7.62 7.60
N LEU A 88 4.28 -8.15 7.94
CA LEU A 88 3.88 -8.29 9.33
C LEU A 88 4.00 -9.75 9.75
N ASP A 89 3.42 -10.64 8.94
CA ASP A 89 3.38 -12.09 9.23
C ASP A 89 4.73 -12.76 9.06
N ASN A 90 5.49 -12.28 8.07
CA ASN A 90 6.72 -12.94 7.60
C ASN A 90 6.37 -14.33 7.03
N ARG A 91 5.19 -14.44 6.46
CA ARG A 91 4.71 -15.67 5.84
C ARG A 91 4.29 -15.33 4.45
N GLU A 92 4.33 -16.28 3.53
CA GLU A 92 4.00 -16.00 2.14
C GLU A 92 2.63 -15.37 2.01
N TRP A 93 2.59 -14.26 1.32
CA TRP A 93 1.41 -13.45 1.17
C TRP A 93 0.44 -14.03 0.13
N GLU A 94 -0.85 -13.95 0.43
CA GLU A 94 -1.89 -14.38 -0.49
C GLU A 94 -2.97 -13.30 -0.60
N PHE A 95 -3.52 -13.13 -1.79
CA PHE A 95 -4.54 -12.12 -2.02
C PHE A 95 -5.91 -12.69 -1.76
N GLN A 96 -6.63 -12.08 -0.84
CA GLN A 96 -7.98 -12.49 -0.54
C GLN A 96 -8.92 -11.89 -1.56
N LYS A 97 -8.99 -10.58 -1.56
CA LYS A 97 -9.86 -9.84 -2.44
C LYS A 97 -9.32 -8.42 -2.58
N TYR A 98 -9.47 -7.83 -3.73
CA TYR A 98 -9.03 -6.46 -3.94
C TYR A 98 -9.96 -5.74 -4.89
N GLY A 99 -9.99 -4.42 -4.79
CA GLY A 99 -10.88 -3.66 -5.61
C GLY A 99 -10.18 -2.93 -6.73
N HIS A 100 -10.57 -3.24 -7.95
CA HIS A 100 -10.02 -2.59 -9.13
C HIS A 100 -10.89 -1.42 -9.54
ZN ZN B . 0.35 1.96 0.91
ZN ZN C . -0.55 4.47 -4.78
ZN ZN D . -0.31 -11.98 6.34
N GLY A 1 -7.98 26.29 7.19
CA GLY A 1 -7.27 26.33 5.96
C GLY A 1 -6.98 24.94 5.44
N GLY A 2 -8.01 24.12 5.40
CA GLY A 2 -7.85 22.78 4.87
C GLY A 2 -8.14 22.75 3.38
N GLY A 3 -7.21 22.20 2.61
CA GLY A 3 -7.36 22.16 1.17
C GLY A 3 -8.50 21.28 0.72
N GLY A 4 -8.62 20.11 1.32
CA GLY A 4 -9.63 19.16 0.91
C GLY A 4 -9.11 18.24 -0.18
N THR A 5 -9.68 18.33 -1.37
CA THR A 5 -9.30 17.47 -2.45
C THR A 5 -8.71 18.27 -3.62
N ASN A 6 -7.56 17.84 -4.10
CA ASN A 6 -6.91 18.48 -5.23
C ASN A 6 -6.52 17.40 -6.23
N SER A 7 -7.14 17.41 -7.38
CA SER A 7 -6.87 16.44 -8.39
C SER A 7 -6.14 17.08 -9.59
N GLY A 8 -4.95 16.57 -9.88
CA GLY A 8 -4.18 17.05 -11.01
C GLY A 8 -3.76 15.92 -11.90
N ALA A 9 -4.69 15.43 -12.70
CA ALA A 9 -4.45 14.28 -13.58
C ALA A 9 -3.47 14.61 -14.70
N GLY A 10 -3.15 15.88 -14.83
CA GLY A 10 -2.21 16.31 -15.84
C GLY A 10 -0.79 15.90 -15.52
N LYS A 11 -0.59 15.36 -14.34
CA LYS A 11 0.70 14.81 -13.99
C LYS A 11 0.71 13.32 -14.27
N LYS A 12 1.57 12.91 -15.17
CA LYS A 12 1.72 11.51 -15.47
C LYS A 12 3.19 11.14 -15.38
N ARG A 13 3.62 10.82 -14.17
CA ARG A 13 4.97 10.37 -13.88
C ARG A 13 5.02 9.76 -12.49
N PHE A 14 6.09 9.07 -12.18
CA PHE A 14 6.19 8.37 -10.91
C PHE A 14 6.85 9.24 -9.85
N GLU A 15 6.88 10.55 -10.10
CA GLU A 15 7.46 11.55 -9.19
C GLU A 15 8.95 11.31 -9.00
N VAL A 16 9.51 12.01 -8.05
CA VAL A 16 10.84 11.71 -7.60
C VAL A 16 10.67 11.11 -6.22
N LYS A 17 11.25 9.94 -6.03
CA LYS A 17 10.95 9.16 -4.85
C LYS A 17 11.57 9.69 -3.58
N LYS A 18 10.82 9.56 -2.52
CA LYS A 18 11.16 10.00 -1.19
C LYS A 18 11.63 8.79 -0.40
N SER A 19 12.41 9.03 0.63
CA SER A 19 12.87 7.95 1.48
C SER A 19 11.72 7.47 2.38
N ASN A 20 10.99 6.47 1.90
CA ASN A 20 9.83 5.95 2.64
C ASN A 20 10.13 4.59 3.27
N ALA A 21 11.31 4.06 3.03
CA ALA A 21 11.68 2.74 3.56
C ALA A 21 11.80 2.77 5.08
N SER A 22 12.31 3.86 5.59
CA SER A 22 12.43 4.06 7.01
C SER A 22 11.76 5.37 7.43
N ALA A 23 10.79 5.27 8.31
CA ALA A 23 10.01 6.39 8.77
C ALA A 23 9.59 6.13 10.20
N GLN A 24 9.34 7.17 10.96
CA GLN A 24 8.94 6.98 12.35
C GLN A 24 7.45 7.28 12.55
N SER A 25 6.71 6.25 12.93
CA SER A 25 5.28 6.35 13.17
C SER A 25 4.79 5.06 13.84
N ALA A 26 3.76 5.15 14.66
CA ALA A 26 3.28 4.03 15.44
C ALA A 26 2.08 3.35 14.78
N TRP A 27 1.68 2.20 15.34
CA TRP A 27 0.56 1.39 14.88
C TRP A 27 0.71 0.92 13.42
N ASP A 28 1.95 0.64 13.02
CA ASP A 28 2.25 0.14 11.68
C ASP A 28 1.89 -1.34 11.55
N ILE A 29 1.51 -1.94 12.65
CA ILE A 29 1.10 -3.34 12.66
C ILE A 29 -0.41 -3.46 12.55
N VAL A 30 -1.05 -2.34 12.29
CA VAL A 30 -2.49 -2.26 12.26
C VAL A 30 -2.96 -2.21 10.81
N VAL A 31 -3.90 -3.10 10.48
CA VAL A 31 -4.42 -3.27 9.11
C VAL A 31 -5.27 -2.11 8.62
N ASP A 32 -5.45 -1.11 9.46
CA ASP A 32 -6.16 0.09 9.02
C ASP A 32 -5.16 1.05 8.41
N ASN A 33 -3.92 0.65 8.43
CA ASN A 33 -2.86 1.37 7.80
C ASN A 33 -2.06 0.45 6.91
N CYS A 34 -1.67 0.96 5.77
CA CYS A 34 -0.76 0.25 4.91
C CYS A 34 0.59 0.45 5.48
N ALA A 35 1.22 -0.59 5.94
CA ALA A 35 2.51 -0.45 6.61
C ALA A 35 3.61 -0.25 5.60
N ILE A 36 3.32 -0.61 4.36
CA ILE A 36 4.31 -0.61 3.32
C ILE A 36 4.73 0.82 2.94
N CYS A 37 3.73 1.68 2.81
CA CYS A 37 3.98 3.09 2.58
C CYS A 37 3.84 3.81 3.92
N ARG A 38 3.13 3.14 4.79
CA ARG A 38 2.76 3.57 6.10
C ARG A 38 1.83 4.77 6.03
N ASN A 39 0.76 4.61 5.26
CA ASN A 39 -0.32 5.58 5.23
C ASN A 39 -1.64 4.87 5.55
N HIS A 40 -2.76 5.56 5.47
CA HIS A 40 -4.07 5.00 5.82
C HIS A 40 -4.47 3.86 4.85
N ILE A 41 -5.33 2.94 5.33
CA ILE A 41 -5.71 1.75 4.57
C ILE A 41 -6.39 2.06 3.25
N MET A 42 -7.34 2.96 3.24
CA MET A 42 -8.01 3.29 2.02
C MET A 42 -7.95 4.77 1.71
N ASP A 43 -6.91 5.14 1.00
CA ASP A 43 -6.63 6.52 0.64
C ASP A 43 -5.45 6.49 -0.34
N LEU A 44 -4.86 7.63 -0.56
CA LEU A 44 -3.70 7.77 -1.43
C LEU A 44 -2.46 7.23 -0.74
N CYS A 45 -1.56 6.64 -1.50
CA CYS A 45 -0.29 6.19 -0.94
C CYS A 45 0.62 7.41 -0.70
N ILE A 46 1.80 7.13 -0.18
CA ILE A 46 2.84 8.11 0.15
C ILE A 46 3.01 9.20 -0.89
N GLU A 47 3.57 8.83 -2.00
CA GLU A 47 3.87 9.74 -3.05
C GLU A 47 2.70 9.87 -3.98
N CYS A 48 1.77 8.93 -3.88
CA CYS A 48 0.60 8.93 -4.76
C CYS A 48 -0.25 10.17 -4.63
N GLN A 49 -0.38 10.69 -3.43
CA GLN A 49 -1.05 11.96 -3.24
C GLN A 49 -0.32 13.11 -3.93
N ALA A 50 1.00 13.10 -3.84
CA ALA A 50 1.84 14.09 -4.54
C ALA A 50 1.79 13.84 -6.05
N ASN A 51 1.73 12.56 -6.39
CA ASN A 51 1.65 12.05 -7.76
C ASN A 51 0.35 12.54 -8.41
N GLN A 52 -0.62 12.90 -7.56
CA GLN A 52 -1.93 13.36 -8.00
C GLN A 52 -2.69 12.22 -8.66
N ALA A 53 -2.59 11.03 -8.04
CA ALA A 53 -3.29 9.83 -8.52
C ALA A 53 -4.79 10.06 -8.54
N SER A 54 -5.28 10.49 -9.67
CA SER A 54 -6.65 10.88 -9.84
C SER A 54 -7.52 9.72 -10.28
N ALA A 55 -6.90 8.57 -10.52
CA ALA A 55 -7.64 7.37 -10.91
C ALA A 55 -8.62 7.00 -9.81
N THR A 56 -8.10 6.91 -8.60
CA THR A 56 -8.87 6.72 -7.41
C THR A 56 -8.15 7.37 -6.23
N SER A 57 -8.60 8.54 -5.83
CA SER A 57 -8.01 9.23 -4.70
C SER A 57 -8.73 8.83 -3.41
N GLU A 58 -9.90 8.23 -3.57
CA GLU A 58 -10.67 7.69 -2.46
C GLU A 58 -9.86 6.55 -1.85
N GLU A 59 -9.22 5.82 -2.72
CA GLU A 59 -8.35 4.74 -2.38
C GLU A 59 -7.45 4.48 -3.58
N CYS A 60 -6.17 4.73 -3.42
CA CYS A 60 -5.21 4.54 -4.52
C CYS A 60 -5.29 3.11 -5.03
N THR A 61 -5.26 2.18 -4.11
CA THR A 61 -5.39 0.75 -4.36
C THR A 61 -5.33 0.02 -3.03
N VAL A 62 -6.20 -0.94 -2.82
CA VAL A 62 -6.17 -1.70 -1.60
C VAL A 62 -6.32 -3.20 -1.90
N ALA A 63 -5.70 -4.02 -1.09
CA ALA A 63 -5.86 -5.46 -1.19
C ALA A 63 -5.88 -6.09 0.18
N TRP A 64 -6.75 -7.03 0.36
CA TRP A 64 -6.84 -7.70 1.61
C TRP A 64 -6.01 -8.97 1.54
N GLY A 65 -5.37 -9.29 2.62
CA GLY A 65 -4.61 -10.49 2.73
C GLY A 65 -5.39 -11.52 3.46
N VAL A 66 -5.28 -12.76 3.02
CA VAL A 66 -5.99 -13.90 3.63
C VAL A 66 -5.51 -14.08 5.07
N CYS A 67 -4.30 -13.62 5.31
CA CYS A 67 -3.65 -13.71 6.59
C CYS A 67 -4.14 -12.59 7.54
N ASN A 68 -5.36 -12.10 7.29
CA ASN A 68 -6.01 -11.05 8.09
C ASN A 68 -5.19 -9.78 8.02
N HIS A 69 -4.67 -9.54 6.86
CA HIS A 69 -3.90 -8.36 6.61
C HIS A 69 -4.56 -7.48 5.60
N ALA A 70 -4.17 -6.23 5.58
CA ALA A 70 -4.70 -5.28 4.66
C ALA A 70 -3.61 -4.30 4.31
N PHE A 71 -3.33 -4.19 3.04
CA PHE A 71 -2.32 -3.28 2.55
C PHE A 71 -2.80 -2.64 1.29
N HIS A 72 -2.11 -1.65 0.82
CA HIS A 72 -2.46 -1.06 -0.44
C HIS A 72 -2.04 -2.01 -1.50
N PHE A 73 -2.91 -2.23 -2.48
CA PHE A 73 -2.58 -3.12 -3.57
C PHE A 73 -1.34 -2.63 -4.29
N HIS A 74 -1.25 -1.32 -4.46
CA HIS A 74 -0.09 -0.72 -5.10
C HIS A 74 1.19 -1.00 -4.29
N CYS A 75 1.11 -0.76 -3.00
CA CYS A 75 2.26 -0.92 -2.13
C CYS A 75 2.62 -2.39 -1.98
N ILE A 76 1.60 -3.23 -1.79
CA ILE A 76 1.85 -4.65 -1.62
C ILE A 76 2.44 -5.25 -2.89
N SER A 77 1.99 -4.78 -4.04
CA SER A 77 2.55 -5.24 -5.32
C SER A 77 4.05 -4.89 -5.42
N ARG A 78 4.41 -3.67 -5.02
CA ARG A 78 5.83 -3.26 -4.99
C ARG A 78 6.59 -4.11 -3.98
N TRP A 79 5.93 -4.36 -2.88
CA TRP A 79 6.49 -5.16 -1.82
C TRP A 79 6.74 -6.57 -2.31
N LEU A 80 5.75 -7.14 -2.95
CA LEU A 80 5.79 -8.49 -3.48
C LEU A 80 6.73 -8.60 -4.66
N LYS A 81 6.98 -7.48 -5.29
CA LYS A 81 7.93 -7.39 -6.36
C LYS A 81 9.31 -7.79 -5.82
N THR A 82 9.61 -7.33 -4.60
CA THR A 82 10.88 -7.64 -3.98
C THR A 82 10.79 -8.73 -2.85
N ARG A 83 9.58 -9.02 -2.37
CA ARG A 83 9.38 -9.99 -1.28
C ARG A 83 8.29 -11.00 -1.61
N GLN A 84 8.32 -12.14 -0.95
CA GLN A 84 7.26 -13.13 -1.09
C GLN A 84 6.39 -13.20 0.15
N VAL A 85 6.81 -12.52 1.19
CA VAL A 85 6.19 -12.65 2.50
C VAL A 85 5.69 -11.33 3.03
N CYS A 86 4.70 -11.40 3.91
CA CYS A 86 4.16 -10.27 4.62
C CYS A 86 5.27 -9.49 5.33
N PRO A 87 5.20 -8.15 5.33
CA PRO A 87 6.15 -7.32 6.06
C PRO A 87 5.97 -7.50 7.56
N LEU A 88 4.76 -7.88 7.93
CA LEU A 88 4.38 -7.99 9.31
C LEU A 88 4.50 -9.43 9.77
N ASP A 89 3.85 -10.33 9.05
CA ASP A 89 3.78 -11.75 9.41
C ASP A 89 5.10 -12.47 9.18
N ASN A 90 5.77 -12.08 8.09
CA ASN A 90 6.93 -12.84 7.55
C ASN A 90 6.45 -14.22 7.11
N ARG A 91 5.21 -14.22 6.71
CA ARG A 91 4.45 -15.35 6.24
C ARG A 91 4.18 -15.07 4.79
N GLU A 92 4.01 -16.08 4.00
CA GLU A 92 3.79 -15.87 2.58
C GLU A 92 2.49 -15.12 2.38
N TRP A 93 2.58 -14.01 1.68
CA TRP A 93 1.43 -13.18 1.44
C TRP A 93 0.46 -13.87 0.49
N GLU A 94 -0.78 -13.96 0.90
CA GLU A 94 -1.81 -14.55 0.09
C GLU A 94 -2.91 -13.53 -0.17
N PHE A 95 -3.30 -13.38 -1.43
CA PHE A 95 -4.33 -12.43 -1.81
C PHE A 95 -5.69 -12.94 -1.45
N GLN A 96 -6.48 -12.09 -0.88
CA GLN A 96 -7.85 -12.40 -0.58
C GLN A 96 -8.71 -11.80 -1.68
N LYS A 97 -8.90 -10.49 -1.62
CA LYS A 97 -9.62 -9.78 -2.66
C LYS A 97 -9.15 -8.32 -2.66
N TYR A 98 -9.13 -7.67 -3.81
CA TYR A 98 -8.67 -6.27 -3.88
C TYR A 98 -9.81 -5.30 -3.60
N GLY A 99 -11.00 -5.82 -3.48
CA GLY A 99 -12.15 -4.99 -3.29
C GLY A 99 -13.27 -5.42 -4.19
N HIS A 100 -13.39 -4.78 -5.32
CA HIS A 100 -14.40 -5.15 -6.29
C HIS A 100 -13.85 -6.16 -7.30
ZN ZN B . 0.34 1.85 0.90
ZN ZN C . -0.40 4.30 -4.66
ZN ZN D . -0.03 -11.83 6.59
N GLY A 1 -30.64 38.78 47.33
CA GLY A 1 -29.98 37.57 46.94
C GLY A 1 -28.62 37.82 46.35
N GLY A 2 -27.83 36.77 46.21
CA GLY A 2 -26.52 36.86 45.60
C GLY A 2 -26.59 37.21 44.13
N GLY A 3 -27.61 36.72 43.47
CA GLY A 3 -27.79 37.00 42.06
C GLY A 3 -27.25 35.89 41.20
N GLY A 4 -26.05 36.08 40.70
CA GLY A 4 -25.43 35.07 39.88
C GLY A 4 -25.36 35.50 38.44
N THR A 5 -24.31 35.10 37.76
CA THR A 5 -24.15 35.43 36.36
C THR A 5 -23.79 34.17 35.56
N ASN A 6 -24.73 33.73 34.74
CA ASN A 6 -24.51 32.56 33.87
C ASN A 6 -23.45 32.81 32.81
N SER A 7 -23.47 34.01 32.24
CA SER A 7 -22.56 34.37 31.18
C SER A 7 -21.13 34.59 31.72
N GLY A 8 -20.16 34.09 30.97
CA GLY A 8 -18.77 34.26 31.33
C GLY A 8 -17.91 34.50 30.12
N ALA A 9 -17.03 35.48 30.21
CA ALA A 9 -16.17 35.86 29.09
C ALA A 9 -14.77 35.28 29.25
N GLY A 10 -14.66 34.16 29.94
CA GLY A 10 -13.38 33.49 30.11
C GLY A 10 -13.14 32.47 29.03
N LYS A 11 -13.99 32.50 28.02
CA LYS A 11 -13.94 31.54 26.92
C LYS A 11 -12.85 31.92 25.92
N LYS A 12 -12.10 30.94 25.47
CA LYS A 12 -11.08 31.16 24.47
C LYS A 12 -11.57 30.65 23.13
N ARG A 13 -11.36 31.43 22.10
CA ARG A 13 -11.62 31.01 20.73
C ARG A 13 -10.70 29.86 20.34
N PHE A 14 -9.44 29.99 20.72
CA PHE A 14 -8.37 29.10 20.31
C PHE A 14 -8.11 29.26 18.81
N GLU A 15 -7.46 30.37 18.48
CA GLU A 15 -7.05 30.64 17.11
C GLU A 15 -5.95 29.65 16.78
N VAL A 16 -5.09 29.43 17.75
CA VAL A 16 -4.07 28.44 17.66
C VAL A 16 -4.56 27.20 18.39
N LYS A 17 -4.77 26.14 17.66
CA LYS A 17 -5.24 24.92 18.25
C LYS A 17 -4.05 23.99 18.43
N LYS A 18 -3.72 23.71 19.66
CA LYS A 18 -2.62 22.84 19.96
C LYS A 18 -3.09 21.39 19.84
N SER A 19 -2.34 20.59 19.12
CA SER A 19 -2.73 19.21 18.88
C SER A 19 -2.60 18.36 20.15
N ASN A 20 -3.70 18.29 20.89
CA ASN A 20 -3.79 17.53 22.13
C ASN A 20 -3.64 16.03 21.87
N ALA A 21 -4.22 15.57 20.78
CA ALA A 21 -4.22 14.17 20.43
C ALA A 21 -2.81 13.65 20.16
N SER A 22 -2.30 12.89 21.11
CA SER A 22 -1.02 12.26 20.99
C SER A 22 -1.16 10.77 21.26
N ALA A 23 -0.30 9.99 20.69
CA ALA A 23 -0.40 8.55 20.74
C ALA A 23 0.93 7.94 21.21
N GLN A 24 1.14 6.69 20.83
CA GLN A 24 2.36 5.95 21.13
C GLN A 24 3.60 6.69 20.62
N SER A 25 4.68 6.65 21.40
CA SER A 25 5.89 7.42 21.12
C SER A 25 6.49 7.04 19.77
N ALA A 26 6.56 5.75 19.50
CA ALA A 26 6.90 5.27 18.19
C ALA A 26 5.62 4.83 17.54
N TRP A 27 5.47 5.06 16.27
CA TRP A 27 4.20 4.79 15.65
C TRP A 27 3.97 3.29 15.48
N ASP A 28 3.16 2.76 16.35
CA ASP A 28 2.72 1.40 16.27
C ASP A 28 1.51 1.36 15.39
N ILE A 29 1.63 0.67 14.28
CA ILE A 29 0.63 0.71 13.24
C ILE A 29 -0.59 -0.11 13.57
N VAL A 30 -1.60 0.08 12.78
CA VAL A 30 -2.83 -0.64 12.85
C VAL A 30 -3.05 -1.26 11.47
N VAL A 31 -3.59 -2.47 11.39
CA VAL A 31 -3.81 -3.18 10.10
C VAL A 31 -4.77 -2.41 9.15
N ASP A 32 -5.29 -1.29 9.62
CA ASP A 32 -6.09 -0.39 8.80
C ASP A 32 -5.18 0.66 8.17
N ASN A 33 -3.90 0.53 8.40
CA ASN A 33 -2.91 1.40 7.79
C ASN A 33 -1.98 0.56 6.94
N CYS A 34 -1.69 1.04 5.75
CA CYS A 34 -0.68 0.42 4.93
C CYS A 34 0.65 0.75 5.55
N ALA A 35 1.42 -0.25 5.89
CA ALA A 35 2.70 -0.01 6.56
C ALA A 35 3.80 0.15 5.54
N ILE A 36 3.51 -0.25 4.31
CA ILE A 36 4.50 -0.22 3.25
C ILE A 36 4.84 1.22 2.88
N CYS A 37 3.80 2.02 2.73
CA CYS A 37 3.95 3.45 2.47
C CYS A 37 3.80 4.18 3.78
N ARG A 38 3.07 3.55 4.67
CA ARG A 38 2.71 4.02 5.98
C ARG A 38 1.69 5.14 5.88
N ASN A 39 0.63 4.83 5.16
CA ASN A 39 -0.48 5.75 4.98
C ASN A 39 -1.76 4.94 5.18
N HIS A 40 -2.89 5.60 5.20
CA HIS A 40 -4.15 4.95 5.55
C HIS A 40 -4.55 3.90 4.49
N ILE A 41 -5.26 2.85 4.94
CA ILE A 41 -5.54 1.62 4.16
C ILE A 41 -6.14 1.85 2.78
N MET A 42 -7.17 2.62 2.70
CA MET A 42 -7.90 2.73 1.49
C MET A 42 -7.95 4.19 1.10
N ASP A 43 -6.75 4.76 1.03
CA ASP A 43 -6.52 6.17 0.74
C ASP A 43 -5.33 6.24 -0.22
N LEU A 44 -4.73 7.39 -0.38
CA LEU A 44 -3.55 7.59 -1.21
C LEU A 44 -2.30 7.01 -0.55
N CYS A 45 -1.36 6.58 -1.36
CA CYS A 45 -0.10 6.02 -0.88
C CYS A 45 0.90 7.15 -0.55
N ILE A 46 2.18 6.77 -0.46
CA ILE A 46 3.31 7.69 -0.22
C ILE A 46 3.30 8.87 -1.15
N GLU A 47 3.76 8.65 -2.35
CA GLU A 47 3.88 9.65 -3.35
C GLU A 47 2.53 10.02 -3.85
N CYS A 48 1.64 9.03 -3.91
CA CYS A 48 0.34 9.19 -4.57
C CYS A 48 -0.45 10.40 -4.07
N GLN A 49 -0.40 10.67 -2.77
CA GLN A 49 -1.05 11.85 -2.22
C GLN A 49 -0.50 13.16 -2.79
N ALA A 50 0.80 13.22 -2.95
CA ALA A 50 1.46 14.37 -3.55
C ALA A 50 1.30 14.35 -5.06
N ASN A 51 1.40 13.15 -5.59
CA ASN A 51 1.41 12.85 -7.01
C ASN A 51 0.10 13.23 -7.68
N GLN A 52 -1.01 12.87 -7.04
CA GLN A 52 -2.36 13.01 -7.59
C GLN A 52 -2.42 12.41 -9.00
N ALA A 53 -2.59 11.11 -9.03
CA ALA A 53 -2.53 10.37 -10.27
C ALA A 53 -3.88 10.33 -10.95
N SER A 54 -3.89 9.94 -12.21
CA SER A 54 -5.12 9.77 -12.94
C SER A 54 -5.78 8.48 -12.49
N ALA A 55 -6.51 8.58 -11.40
CA ALA A 55 -7.18 7.46 -10.76
C ALA A 55 -7.98 8.01 -9.59
N THR A 56 -8.39 7.14 -8.71
CA THR A 56 -9.04 7.53 -7.49
C THR A 56 -8.03 8.03 -6.46
N SER A 57 -8.35 9.12 -5.78
CA SER A 57 -7.48 9.64 -4.73
C SER A 57 -8.10 9.51 -3.36
N GLU A 58 -9.40 9.24 -3.33
CA GLU A 58 -10.09 8.95 -2.08
C GLU A 58 -9.55 7.64 -1.55
N GLU A 59 -9.25 6.77 -2.49
CA GLU A 59 -8.60 5.53 -2.29
C GLU A 59 -7.69 5.31 -3.49
N CYS A 60 -6.46 5.01 -3.26
CA CYS A 60 -5.61 4.59 -4.33
C CYS A 60 -6.06 3.20 -4.82
N THR A 61 -5.35 2.19 -4.40
CA THR A 61 -5.71 0.82 -4.63
C THR A 61 -5.49 0.06 -3.34
N VAL A 62 -6.29 -0.95 -3.08
CA VAL A 62 -6.22 -1.65 -1.81
C VAL A 62 -6.39 -3.16 -1.99
N ALA A 63 -5.68 -3.93 -1.19
CA ALA A 63 -5.79 -5.37 -1.22
C ALA A 63 -5.87 -5.92 0.18
N TRP A 64 -6.71 -6.91 0.37
CA TRP A 64 -6.87 -7.55 1.63
C TRP A 64 -6.06 -8.82 1.64
N GLY A 65 -5.46 -9.13 2.76
CA GLY A 65 -4.65 -10.30 2.89
C GLY A 65 -5.40 -11.40 3.57
N VAL A 66 -5.22 -12.62 3.08
CA VAL A 66 -5.86 -13.80 3.67
C VAL A 66 -5.35 -13.98 5.09
N CYS A 67 -4.15 -13.49 5.28
CA CYS A 67 -3.40 -13.59 6.49
C CYS A 67 -3.85 -12.53 7.51
N ASN A 68 -5.11 -12.09 7.39
CA ASN A 68 -5.72 -11.13 8.30
C ASN A 68 -5.00 -9.80 8.20
N HIS A 69 -4.69 -9.44 6.98
CA HIS A 69 -3.98 -8.22 6.70
C HIS A 69 -4.70 -7.35 5.71
N ALA A 70 -4.24 -6.12 5.60
CA ALA A 70 -4.74 -5.18 4.66
C ALA A 70 -3.64 -4.19 4.32
N PHE A 71 -3.38 -4.04 3.03
CA PHE A 71 -2.36 -3.11 2.55
C PHE A 71 -2.84 -2.49 1.26
N HIS A 72 -2.14 -1.50 0.77
CA HIS A 72 -2.48 -0.96 -0.51
C HIS A 72 -2.09 -1.94 -1.55
N PHE A 73 -2.92 -2.10 -2.55
CA PHE A 73 -2.61 -2.98 -3.66
C PHE A 73 -1.35 -2.50 -4.33
N HIS A 74 -1.24 -1.21 -4.51
CA HIS A 74 -0.06 -0.60 -5.12
C HIS A 74 1.19 -0.95 -4.30
N CYS A 75 1.11 -0.73 -3.01
CA CYS A 75 2.26 -0.92 -2.15
C CYS A 75 2.60 -2.38 -2.01
N ILE A 76 1.58 -3.21 -1.77
CA ILE A 76 1.81 -4.62 -1.56
C ILE A 76 2.35 -5.28 -2.84
N SER A 77 1.85 -4.86 -4.00
CA SER A 77 2.32 -5.42 -5.25
C SER A 77 3.81 -5.16 -5.45
N ARG A 78 4.25 -3.94 -5.15
CA ARG A 78 5.66 -3.57 -5.26
C ARG A 78 6.47 -4.38 -4.25
N TRP A 79 5.88 -4.53 -3.08
CA TRP A 79 6.45 -5.27 -2.00
C TRP A 79 6.68 -6.71 -2.43
N LEU A 80 5.65 -7.29 -3.00
CA LEU A 80 5.64 -8.68 -3.44
C LEU A 80 6.59 -8.94 -4.58
N LYS A 81 6.88 -7.90 -5.36
CA LYS A 81 7.85 -8.01 -6.42
C LYS A 81 9.22 -8.32 -5.84
N THR A 82 9.53 -7.71 -4.71
CA THR A 82 10.82 -7.93 -4.10
C THR A 82 10.76 -8.84 -2.82
N ARG A 83 9.56 -9.13 -2.33
CA ARG A 83 9.39 -9.96 -1.12
C ARG A 83 8.38 -11.07 -1.37
N GLN A 84 8.59 -12.17 -0.68
CA GLN A 84 7.69 -13.33 -0.80
C GLN A 84 6.82 -13.46 0.43
N VAL A 85 6.98 -12.55 1.36
CA VAL A 85 6.33 -12.63 2.65
C VAL A 85 5.71 -11.31 3.06
N CYS A 86 4.75 -11.37 3.98
CA CYS A 86 4.16 -10.19 4.60
C CYS A 86 5.25 -9.39 5.31
N PRO A 87 5.15 -8.07 5.28
CA PRO A 87 6.08 -7.19 6.00
C PRO A 87 5.87 -7.31 7.51
N LEU A 88 4.68 -7.73 7.86
CA LEU A 88 4.30 -7.85 9.26
C LEU A 88 4.36 -9.30 9.69
N ASP A 89 3.67 -10.17 8.95
CA ASP A 89 3.57 -11.61 9.28
C ASP A 89 4.86 -12.35 9.07
N ASN A 90 5.62 -11.92 8.06
CA ASN A 90 6.79 -12.67 7.58
C ASN A 90 6.34 -14.06 7.12
N ARG A 91 5.15 -14.08 6.55
CA ARG A 91 4.51 -15.29 6.03
C ARG A 91 4.21 -15.08 4.58
N GLU A 92 4.01 -16.16 3.86
CA GLU A 92 3.64 -16.10 2.45
C GLU A 92 2.41 -15.21 2.31
N TRP A 93 2.55 -14.09 1.61
CA TRP A 93 1.43 -13.20 1.45
C TRP A 93 0.45 -13.77 0.45
N GLU A 94 -0.81 -13.75 0.80
CA GLU A 94 -1.86 -14.21 -0.07
C GLU A 94 -2.96 -13.15 -0.17
N PHE A 95 -3.55 -13.03 -1.34
CA PHE A 95 -4.58 -12.05 -1.58
C PHE A 95 -5.93 -12.62 -1.26
N GLN A 96 -6.57 -12.06 -0.24
CA GLN A 96 -7.94 -12.41 0.09
C GLN A 96 -8.86 -11.90 -1.01
N LYS A 97 -8.55 -10.69 -1.42
CA LYS A 97 -9.24 -9.97 -2.46
C LYS A 97 -8.44 -8.71 -2.74
N TYR A 98 -8.25 -8.39 -3.99
CA TYR A 98 -7.64 -7.13 -4.31
C TYR A 98 -8.62 -6.24 -5.03
N GLY A 99 -8.77 -5.05 -4.51
CA GLY A 99 -9.81 -4.17 -4.96
C GLY A 99 -11.04 -4.39 -4.14
N HIS A 100 -11.90 -3.40 -4.07
CA HIS A 100 -13.13 -3.51 -3.31
C HIS A 100 -14.06 -4.53 -3.95
ZN ZN B . 0.38 1.91 0.91
ZN ZN C . -0.77 4.45 -5.25
ZN ZN D . -0.10 -11.60 6.41
N GLY A 1 6.79 28.52 -28.19
CA GLY A 1 5.55 28.44 -27.49
C GLY A 1 5.31 29.70 -26.69
N GLY A 2 4.08 30.21 -26.74
CA GLY A 2 3.74 31.38 -25.95
C GLY A 2 3.86 31.10 -24.48
N GLY A 3 3.50 29.89 -24.09
CA GLY A 3 3.66 29.45 -22.73
C GLY A 3 4.63 28.28 -22.67
N GLY A 4 4.50 27.38 -23.62
CA GLY A 4 5.38 26.23 -23.70
C GLY A 4 4.62 24.92 -23.59
N THR A 5 3.64 24.92 -22.73
CA THR A 5 2.80 23.76 -22.53
C THR A 5 1.40 24.24 -22.14
N ASN A 6 0.41 23.39 -22.30
CA ASN A 6 -0.97 23.74 -22.00
C ASN A 6 -1.62 22.52 -21.36
N SER A 7 -2.90 22.61 -21.03
CA SER A 7 -3.60 21.50 -20.40
C SER A 7 -3.55 20.27 -21.31
N GLY A 8 -2.81 19.26 -20.87
CA GLY A 8 -2.66 18.04 -21.64
C GLY A 8 -1.56 18.15 -22.69
N ALA A 9 -1.56 19.27 -23.42
CA ALA A 9 -0.61 19.50 -24.49
C ALA A 9 0.79 19.76 -23.94
N GLY A 10 1.67 18.79 -24.09
CA GLY A 10 3.01 18.89 -23.57
C GLY A 10 3.14 18.25 -22.21
N LYS A 11 2.03 17.73 -21.72
CA LYS A 11 2.01 17.09 -20.42
C LYS A 11 2.36 15.62 -20.54
N LYS A 12 3.24 15.16 -19.68
CA LYS A 12 3.68 13.77 -19.70
C LYS A 12 3.47 13.12 -18.35
N ARG A 13 3.03 11.89 -18.37
CA ARG A 13 2.83 11.11 -17.16
C ARG A 13 3.34 9.70 -17.33
N PHE A 14 3.98 9.20 -16.29
CA PHE A 14 4.55 7.88 -16.29
C PHE A 14 4.01 7.12 -15.07
N GLU A 15 3.63 5.86 -15.25
CA GLU A 15 3.09 5.05 -14.15
C GLU A 15 4.10 4.93 -13.00
N VAL A 16 3.60 4.63 -11.81
CA VAL A 16 4.47 4.53 -10.64
C VAL A 16 5.15 3.16 -10.63
N LYS A 17 6.06 2.97 -11.57
CA LYS A 17 6.77 1.73 -11.74
C LYS A 17 8.07 1.81 -10.96
N LYS A 18 8.01 1.58 -9.67
CA LYS A 18 9.19 1.67 -8.84
C LYS A 18 9.06 0.81 -7.60
N SER A 19 10.18 0.31 -7.15
CA SER A 19 10.25 -0.28 -5.84
C SER A 19 10.88 0.76 -4.91
N ASN A 20 10.03 1.44 -4.14
CA ASN A 20 10.44 2.60 -3.34
C ASN A 20 11.47 2.22 -2.29
N ALA A 21 11.19 1.14 -1.59
CA ALA A 21 12.03 0.58 -0.54
C ALA A 21 11.22 -0.44 0.19
N SER A 22 11.51 -1.68 -0.04
CA SER A 22 10.73 -2.72 0.56
C SER A 22 11.59 -3.62 1.42
N ALA A 23 11.83 -3.16 2.63
CA ALA A 23 12.53 -3.93 3.62
C ALA A 23 11.83 -3.72 4.95
N GLN A 24 12.03 -2.53 5.51
CA GLN A 24 11.25 -1.99 6.64
C GLN A 24 11.44 -2.72 7.97
N SER A 25 11.40 -4.05 7.97
CA SER A 25 11.35 -4.87 9.18
C SER A 25 10.21 -4.41 10.08
N ALA A 26 9.02 -4.44 9.52
CA ALA A 26 7.83 -3.90 10.15
C ALA A 26 7.42 -4.72 11.35
N TRP A 27 6.89 -4.03 12.33
CA TRP A 27 6.34 -4.64 13.51
C TRP A 27 4.84 -4.77 13.31
N ASP A 28 4.20 -5.63 14.07
CA ASP A 28 2.76 -5.86 13.91
C ASP A 28 1.95 -4.63 14.26
N ILE A 29 1.16 -4.18 13.30
CA ILE A 29 0.30 -3.03 13.48
C ILE A 29 -1.11 -3.41 13.08
N VAL A 30 -2.05 -2.54 13.40
CA VAL A 30 -3.41 -2.71 12.97
C VAL A 30 -3.48 -2.41 11.48
N VAL A 31 -4.13 -3.29 10.73
CA VAL A 31 -4.14 -3.22 9.27
C VAL A 31 -5.12 -2.18 8.72
N ASP A 32 -5.39 -1.17 9.52
CA ASP A 32 -6.14 -0.03 9.04
C ASP A 32 -5.19 0.99 8.45
N ASN A 33 -3.91 0.64 8.50
CA ASN A 33 -2.90 1.42 7.85
C ASN A 33 -2.05 0.53 6.99
N CYS A 34 -1.63 1.06 5.86
CA CYS A 34 -0.73 0.37 4.99
C CYS A 34 0.63 0.51 5.58
N ALA A 35 1.22 -0.58 5.99
CA ALA A 35 2.49 -0.53 6.67
C ALA A 35 3.59 -0.10 5.72
N ILE A 36 3.42 -0.52 4.48
CA ILE A 36 4.46 -0.46 3.48
C ILE A 36 4.83 0.99 3.17
N CYS A 37 3.83 1.83 3.00
CA CYS A 37 4.05 3.24 2.80
C CYS A 37 3.87 3.98 4.12
N ARG A 38 3.11 3.34 4.99
CA ARG A 38 2.69 3.85 6.28
C ARG A 38 1.70 4.98 6.09
N ASN A 39 0.68 4.67 5.32
CA ASN A 39 -0.43 5.54 5.06
C ASN A 39 -1.73 4.88 5.50
N HIS A 40 -2.86 5.49 5.21
CA HIS A 40 -4.13 4.94 5.66
C HIS A 40 -4.56 3.75 4.79
N ILE A 41 -5.41 2.86 5.33
CA ILE A 41 -5.81 1.64 4.62
C ILE A 41 -6.50 1.93 3.29
N MET A 42 -7.47 2.80 3.28
CA MET A 42 -8.04 3.18 2.03
C MET A 42 -7.82 4.66 1.81
N ASP A 43 -6.75 4.99 1.12
CA ASP A 43 -6.38 6.35 0.86
C ASP A 43 -5.24 6.36 -0.14
N LEU A 44 -4.78 7.54 -0.50
CA LEU A 44 -3.61 7.73 -1.35
C LEU A 44 -2.33 7.38 -0.60
N CYS A 45 -1.33 6.88 -1.30
CA CYS A 45 -0.05 6.54 -0.69
C CYS A 45 0.85 7.78 -0.64
N ILE A 46 2.09 7.54 -0.19
CA ILE A 46 3.16 8.55 -0.06
C ILE A 46 3.22 9.56 -1.21
N GLU A 47 3.87 9.16 -2.28
CA GLU A 47 4.02 9.99 -3.43
C GLU A 47 2.71 10.15 -4.10
N CYS A 48 1.92 9.10 -4.07
CA CYS A 48 0.72 8.98 -4.91
C CYS A 48 -0.21 10.19 -4.78
N GLN A 49 -0.39 10.70 -3.57
CA GLN A 49 -1.18 11.93 -3.40
C GLN A 49 -0.52 13.15 -4.08
N ALA A 50 0.77 13.31 -3.88
CA ALA A 50 1.53 14.42 -4.46
C ALA A 50 1.65 14.25 -5.97
N ASN A 51 1.80 13.01 -6.33
CA ASN A 51 1.99 12.55 -7.69
C ASN A 51 0.77 12.84 -8.52
N GLN A 52 -0.39 12.68 -7.88
CA GLN A 52 -1.67 12.68 -8.53
C GLN A 52 -1.76 11.46 -9.40
N ALA A 53 -1.79 10.31 -8.73
CA ALA A 53 -1.82 9.04 -9.39
C ALA A 53 -3.10 8.88 -10.17
N SER A 54 -2.98 8.37 -11.38
CA SER A 54 -4.13 8.15 -12.23
C SER A 54 -4.85 6.89 -11.81
N ALA A 55 -5.61 7.02 -10.74
CA ALA A 55 -6.34 5.93 -10.13
C ALA A 55 -7.31 6.54 -9.14
N THR A 56 -7.97 5.69 -8.38
CA THR A 56 -8.89 6.12 -7.34
C THR A 56 -8.10 6.95 -6.30
N SER A 57 -8.66 8.04 -5.84
CA SER A 57 -7.97 8.83 -4.82
C SER A 57 -8.55 8.56 -3.44
N GLU A 58 -9.74 7.97 -3.41
CA GLU A 58 -10.33 7.49 -2.17
C GLU A 58 -9.43 6.40 -1.61
N GLU A 59 -8.90 5.61 -2.52
CA GLU A 59 -7.93 4.60 -2.24
C GLU A 59 -7.03 4.52 -3.44
N CYS A 60 -5.74 4.67 -3.25
CA CYS A 60 -4.78 4.48 -4.35
C CYS A 60 -5.02 3.10 -4.94
N THR A 61 -5.15 2.14 -4.04
CA THR A 61 -5.63 0.78 -4.27
C THR A 61 -5.49 0.02 -2.97
N VAL A 62 -6.43 -0.84 -2.66
CA VAL A 62 -6.30 -1.64 -1.46
C VAL A 62 -6.69 -3.09 -1.75
N ALA A 63 -5.96 -4.01 -1.17
CA ALA A 63 -6.27 -5.41 -1.29
C ALA A 63 -6.02 -6.11 0.03
N TRP A 64 -6.85 -7.07 0.32
CA TRP A 64 -6.80 -7.74 1.58
C TRP A 64 -5.95 -8.98 1.43
N GLY A 65 -5.28 -9.34 2.50
CA GLY A 65 -4.52 -10.53 2.54
C GLY A 65 -5.28 -11.62 3.25
N VAL A 66 -5.16 -12.85 2.77
CA VAL A 66 -5.85 -14.00 3.35
C VAL A 66 -5.34 -14.23 4.76
N CYS A 67 -4.14 -13.75 4.99
CA CYS A 67 -3.45 -13.88 6.25
C CYS A 67 -3.94 -12.84 7.26
N ASN A 68 -5.18 -12.36 7.07
CA ASN A 68 -5.84 -11.38 7.95
C ASN A 68 -5.06 -10.07 7.94
N HIS A 69 -4.63 -9.72 6.76
CA HIS A 69 -3.89 -8.51 6.57
C HIS A 69 -4.56 -7.61 5.57
N ALA A 70 -4.15 -6.36 5.56
CA ALA A 70 -4.66 -5.41 4.64
C ALA A 70 -3.57 -4.41 4.32
N PHE A 71 -3.29 -4.25 3.06
CA PHE A 71 -2.30 -3.31 2.59
C PHE A 71 -2.80 -2.67 1.32
N HIS A 72 -2.13 -1.65 0.86
CA HIS A 72 -2.49 -1.09 -0.40
C HIS A 72 -2.06 -2.04 -1.46
N PHE A 73 -2.91 -2.26 -2.43
CA PHE A 73 -2.56 -3.16 -3.53
C PHE A 73 -1.30 -2.66 -4.21
N HIS A 74 -1.23 -1.35 -4.40
CA HIS A 74 -0.04 -0.73 -5.00
C HIS A 74 1.21 -1.08 -4.19
N CYS A 75 1.16 -0.84 -2.90
CA CYS A 75 2.29 -1.04 -2.05
C CYS A 75 2.64 -2.49 -1.91
N ILE A 76 1.62 -3.32 -1.69
CA ILE A 76 1.88 -4.73 -1.50
C ILE A 76 2.42 -5.36 -2.78
N SER A 77 1.91 -4.95 -3.92
CA SER A 77 2.38 -5.49 -5.19
C SER A 77 3.86 -5.20 -5.41
N ARG A 78 4.28 -3.96 -5.12
CA ARG A 78 5.67 -3.57 -5.27
C ARG A 78 6.51 -4.34 -4.25
N TRP A 79 5.93 -4.48 -3.06
CA TRP A 79 6.53 -5.21 -1.97
C TRP A 79 6.79 -6.63 -2.42
N LEU A 80 5.79 -7.22 -3.01
CA LEU A 80 5.80 -8.59 -3.52
C LEU A 80 6.74 -8.76 -4.69
N LYS A 81 7.00 -7.69 -5.39
CA LYS A 81 7.95 -7.73 -6.47
C LYS A 81 9.33 -8.11 -5.92
N THR A 82 9.67 -7.58 -4.76
CA THR A 82 10.97 -7.92 -4.16
C THR A 82 10.85 -8.85 -2.91
N ARG A 83 9.67 -8.99 -2.35
CA ARG A 83 9.46 -9.83 -1.17
C ARG A 83 8.35 -10.84 -1.42
N GLN A 84 8.51 -12.03 -0.91
CA GLN A 84 7.47 -13.04 -1.02
C GLN A 84 6.62 -13.11 0.22
N VAL A 85 7.03 -12.43 1.24
CA VAL A 85 6.42 -12.58 2.53
C VAL A 85 5.78 -11.30 3.02
N CYS A 86 4.79 -11.45 3.89
CA CYS A 86 4.11 -10.34 4.52
C CYS A 86 5.09 -9.46 5.28
N PRO A 87 4.91 -8.14 5.23
CA PRO A 87 5.74 -7.19 6.00
C PRO A 87 5.66 -7.49 7.49
N LEU A 88 4.47 -7.90 7.90
CA LEU A 88 4.14 -8.09 9.30
C LEU A 88 4.27 -9.56 9.68
N ASP A 89 3.62 -10.43 8.88
CA ASP A 89 3.62 -11.88 9.14
C ASP A 89 4.99 -12.49 8.96
N ASN A 90 5.72 -11.99 7.97
CA ASN A 90 6.98 -12.61 7.53
C ASN A 90 6.71 -14.03 7.06
N ARG A 91 5.52 -14.21 6.48
CA ARG A 91 5.05 -15.49 5.96
C ARG A 91 4.70 -15.22 4.53
N GLU A 92 4.68 -16.22 3.68
CA GLU A 92 4.37 -15.99 2.27
C GLU A 92 2.98 -15.33 2.14
N TRP A 93 2.94 -14.19 1.48
CA TRP A 93 1.73 -13.39 1.35
C TRP A 93 0.75 -14.04 0.37
N GLU A 94 -0.54 -14.02 0.73
CA GLU A 94 -1.58 -14.54 -0.12
C GLU A 94 -2.65 -13.46 -0.36
N PHE A 95 -2.99 -13.25 -1.63
CA PHE A 95 -4.02 -12.27 -1.99
C PHE A 95 -5.40 -12.81 -1.67
N GLN A 96 -6.22 -12.00 -1.06
CA GLN A 96 -7.57 -12.38 -0.74
C GLN A 96 -8.50 -11.76 -1.79
N LYS A 97 -8.78 -10.50 -1.62
CA LYS A 97 -9.64 -9.77 -2.54
C LYS A 97 -9.33 -8.29 -2.48
N TYR A 98 -9.66 -7.57 -3.54
CA TYR A 98 -9.59 -6.13 -3.55
C TYR A 98 -10.54 -5.53 -2.53
N GLY A 99 -10.31 -4.27 -2.22
CA GLY A 99 -11.04 -3.59 -1.21
C GLY A 99 -12.53 -3.40 -1.50
N HIS A 100 -13.25 -2.97 -0.49
CA HIS A 100 -14.68 -2.73 -0.59
C HIS A 100 -15.00 -1.27 -0.35
ZN ZN B . 0.41 1.92 0.93
ZN ZN C . -0.06 4.40 -4.16
ZN ZN D . 0.00 -11.87 6.30
N GLY A 1 -11.60 -14.93 -6.19
CA GLY A 1 -13.02 -14.93 -6.45
C GLY A 1 -13.35 -14.76 -7.92
N GLY A 2 -12.41 -15.09 -8.77
CA GLY A 2 -12.63 -14.99 -10.18
C GLY A 2 -11.33 -14.98 -10.95
N GLY A 3 -11.35 -15.54 -12.13
CA GLY A 3 -10.18 -15.56 -12.96
C GLY A 3 -10.35 -14.76 -14.23
N GLY A 4 -11.43 -13.97 -14.27
CA GLY A 4 -11.71 -13.17 -15.43
C GLY A 4 -11.08 -11.80 -15.35
N THR A 5 -10.15 -11.53 -16.25
CA THR A 5 -9.50 -10.25 -16.33
C THR A 5 -9.69 -9.66 -17.72
N ASN A 6 -10.17 -8.43 -17.78
CA ASN A 6 -10.44 -7.77 -19.04
C ASN A 6 -9.23 -7.01 -19.56
N SER A 7 -9.27 -6.65 -20.83
CA SER A 7 -8.21 -5.87 -21.44
C SER A 7 -8.18 -4.47 -20.83
N GLY A 8 -7.00 -3.91 -20.72
CA GLY A 8 -6.85 -2.69 -19.95
C GLY A 8 -7.03 -1.42 -20.73
N ALA A 9 -7.87 -1.43 -21.75
CA ALA A 9 -8.17 -0.21 -22.47
C ALA A 9 -9.11 0.64 -21.64
N GLY A 10 -8.56 1.65 -21.01
CA GLY A 10 -9.34 2.44 -20.09
C GLY A 10 -9.22 1.87 -18.70
N LYS A 11 -8.10 2.10 -18.08
CA LYS A 11 -7.80 1.56 -16.77
C LYS A 11 -7.42 2.66 -15.82
N LYS A 12 -7.28 2.31 -14.56
CA LYS A 12 -6.65 3.22 -13.63
C LYS A 12 -5.16 3.14 -13.88
N ARG A 13 -4.51 4.27 -13.91
CA ARG A 13 -3.13 4.29 -14.28
C ARG A 13 -2.22 4.08 -13.10
N PHE A 14 -1.76 2.85 -12.97
CA PHE A 14 -0.85 2.48 -11.92
C PHE A 14 0.53 2.98 -12.26
N GLU A 15 1.23 3.52 -11.30
CA GLU A 15 2.60 3.94 -11.53
C GLU A 15 3.52 3.27 -10.54
N VAL A 16 4.52 2.61 -11.05
CA VAL A 16 5.46 1.92 -10.21
C VAL A 16 6.86 2.43 -10.50
N LYS A 17 7.53 2.85 -9.46
CA LYS A 17 8.90 3.29 -9.53
C LYS A 17 9.63 2.68 -8.38
N LYS A 18 10.90 2.40 -8.55
CA LYS A 18 11.69 1.91 -7.45
C LYS A 18 11.80 3.03 -6.42
N SER A 19 11.36 2.75 -5.23
CA SER A 19 11.34 3.74 -4.19
C SER A 19 12.74 4.04 -3.68
N ASN A 20 12.98 5.29 -3.30
CA ASN A 20 14.28 5.68 -2.75
C ASN A 20 14.35 5.35 -1.27
N ALA A 21 13.24 4.86 -0.76
CA ALA A 21 13.15 4.32 0.57
C ALA A 21 12.72 2.86 0.47
N SER A 22 13.50 1.97 1.05
CA SER A 22 13.20 0.56 0.99
C SER A 22 12.21 0.17 2.08
N ALA A 23 11.48 -0.90 1.84
CA ALA A 23 10.54 -1.42 2.81
C ALA A 23 11.07 -2.72 3.38
N GLN A 24 10.84 -2.94 4.66
CA GLN A 24 11.36 -4.13 5.30
C GLN A 24 10.30 -4.79 6.15
N SER A 25 10.57 -6.01 6.55
CA SER A 25 9.70 -6.74 7.42
C SER A 25 9.72 -6.08 8.80
N ALA A 26 8.57 -5.98 9.41
CA ALA A 26 8.44 -5.30 10.67
C ALA A 26 7.22 -5.83 11.39
N TRP A 27 7.18 -5.64 12.68
CA TRP A 27 6.06 -6.10 13.44
C TRP A 27 5.07 -4.97 13.65
N ASP A 28 3.91 -5.11 13.04
CA ASP A 28 2.85 -4.14 13.18
C ASP A 28 1.54 -4.90 13.26
N ILE A 29 0.69 -4.51 14.18
CA ILE A 29 -0.57 -5.21 14.39
C ILE A 29 -1.74 -4.50 13.70
N VAL A 30 -1.46 -3.35 13.11
CA VAL A 30 -2.51 -2.53 12.53
C VAL A 30 -2.69 -2.86 11.05
N VAL A 31 -3.94 -3.08 10.66
CA VAL A 31 -4.28 -3.34 9.26
C VAL A 31 -5.10 -2.20 8.68
N ASP A 32 -5.28 -1.15 9.45
CA ASP A 32 -6.01 0.01 8.92
C ASP A 32 -5.04 1.05 8.42
N ASN A 33 -3.78 0.74 8.49
CA ASN A 33 -2.75 1.53 7.87
C ASN A 33 -1.86 0.63 7.07
N CYS A 34 -1.40 1.11 5.96
CA CYS A 34 -0.52 0.37 5.11
C CYS A 34 0.86 0.50 5.69
N ALA A 35 1.40 -0.59 6.17
CA ALA A 35 2.68 -0.54 6.86
C ALA A 35 3.80 -0.35 5.86
N ILE A 36 3.48 -0.63 4.62
CA ILE A 36 4.44 -0.63 3.56
C ILE A 36 4.89 0.80 3.22
N CYS A 37 3.93 1.70 3.17
CA CYS A 37 4.18 3.10 2.88
C CYS A 37 4.02 3.94 4.13
N ARG A 38 3.25 3.39 5.08
CA ARG A 38 2.92 3.99 6.37
C ARG A 38 1.75 4.92 6.24
N ASN A 39 1.01 4.76 5.16
CA ASN A 39 -0.17 5.57 4.90
C ASN A 39 -1.41 4.85 5.38
N HIS A 40 -2.58 5.45 5.19
CA HIS A 40 -3.83 4.85 5.65
C HIS A 40 -4.20 3.68 4.74
N ILE A 41 -5.03 2.74 5.25
CA ILE A 41 -5.35 1.52 4.52
C ILE A 41 -6.04 1.77 3.19
N MET A 42 -6.97 2.64 3.20
CA MET A 42 -7.73 2.89 2.04
C MET A 42 -7.84 4.38 1.87
N ASP A 43 -6.85 4.91 1.19
CA ASP A 43 -6.62 6.33 1.01
C ASP A 43 -5.45 6.46 0.02
N LEU A 44 -4.94 7.67 -0.16
CA LEU A 44 -3.81 7.92 -1.04
C LEU A 44 -2.52 7.35 -0.47
N CYS A 45 -1.68 6.80 -1.33
CA CYS A 45 -0.38 6.27 -0.92
C CYS A 45 0.62 7.43 -0.82
N ILE A 46 1.89 7.07 -0.72
CA ILE A 46 3.02 8.02 -0.66
C ILE A 46 2.97 9.11 -1.73
N GLU A 47 3.54 8.83 -2.86
CA GLU A 47 3.64 9.77 -3.94
C GLU A 47 2.30 9.99 -4.59
N CYS A 48 1.38 9.06 -4.35
CA CYS A 48 0.07 9.07 -5.00
C CYS A 48 -0.72 10.34 -4.72
N GLN A 49 -0.62 10.87 -3.52
CA GLN A 49 -1.27 12.14 -3.20
C GLN A 49 -0.74 13.28 -4.08
N ALA A 50 0.57 13.35 -4.24
CA ALA A 50 1.20 14.33 -5.11
C ALA A 50 0.92 14.02 -6.57
N ASN A 51 0.86 12.72 -6.87
CA ASN A 51 0.71 12.20 -8.22
C ASN A 51 -0.62 12.61 -8.77
N GLN A 52 -1.61 12.49 -7.89
CA GLN A 52 -3.01 12.81 -8.14
C GLN A 52 -3.44 12.57 -9.58
N ALA A 53 -3.45 11.32 -9.94
CA ALA A 53 -3.76 10.90 -11.29
C ALA A 53 -5.20 10.42 -11.37
N SER A 54 -5.53 9.73 -12.45
CA SER A 54 -6.83 9.10 -12.60
C SER A 54 -6.95 7.91 -11.64
N ALA A 55 -7.18 8.23 -10.39
CA ALA A 55 -7.37 7.27 -9.34
C ALA A 55 -8.15 7.94 -8.22
N THR A 56 -8.83 7.17 -7.43
CA THR A 56 -9.63 7.71 -6.35
C THR A 56 -8.69 8.18 -5.22
N SER A 57 -8.98 9.34 -4.66
CA SER A 57 -8.18 9.84 -3.55
C SER A 57 -8.72 9.31 -2.24
N GLU A 58 -9.99 8.96 -2.25
CA GLU A 58 -10.64 8.31 -1.13
C GLU A 58 -10.01 6.93 -0.94
N GLU A 59 -9.63 6.32 -2.05
CA GLU A 59 -9.00 5.03 -2.08
C GLU A 59 -8.12 4.94 -3.31
N CYS A 60 -6.81 5.00 -3.13
CA CYS A 60 -5.91 4.82 -4.25
C CYS A 60 -6.04 3.39 -4.80
N THR A 61 -5.40 2.47 -4.13
CA THR A 61 -5.42 1.07 -4.46
C THR A 61 -5.28 0.26 -3.18
N VAL A 62 -6.08 -0.78 -3.01
CA VAL A 62 -6.06 -1.55 -1.76
C VAL A 62 -6.27 -3.03 -2.04
N ALA A 63 -5.63 -3.88 -1.25
CA ALA A 63 -5.79 -5.30 -1.38
C ALA A 63 -5.82 -5.95 -0.02
N TRP A 64 -6.68 -6.92 0.13
CA TRP A 64 -6.77 -7.63 1.37
C TRP A 64 -5.98 -8.92 1.25
N GLY A 65 -5.34 -9.30 2.31
CA GLY A 65 -4.60 -10.52 2.36
C GLY A 65 -5.34 -11.60 3.07
N VAL A 66 -5.28 -12.83 2.55
CA VAL A 66 -5.95 -13.99 3.16
C VAL A 66 -5.32 -14.23 4.53
N CYS A 67 -4.09 -13.79 4.65
CA CYS A 67 -3.29 -13.93 5.84
C CYS A 67 -3.65 -12.83 6.86
N ASN A 68 -4.94 -12.41 6.84
CA ASN A 68 -5.53 -11.51 7.83
C ASN A 68 -4.79 -10.19 7.83
N HIS A 69 -4.47 -9.75 6.66
CA HIS A 69 -3.75 -8.55 6.51
C HIS A 69 -4.37 -7.64 5.49
N ALA A 70 -4.08 -6.38 5.57
CA ALA A 70 -4.62 -5.42 4.65
C ALA A 70 -3.56 -4.40 4.34
N PHE A 71 -3.31 -4.19 3.06
CA PHE A 71 -2.31 -3.23 2.60
C PHE A 71 -2.81 -2.54 1.36
N HIS A 72 -2.12 -1.51 0.93
CA HIS A 72 -2.44 -0.90 -0.32
C HIS A 72 -2.01 -1.84 -1.39
N PHE A 73 -2.83 -2.00 -2.40
CA PHE A 73 -2.46 -2.86 -3.52
C PHE A 73 -1.19 -2.35 -4.15
N HIS A 74 -1.12 -1.03 -4.29
CA HIS A 74 0.04 -0.38 -4.88
C HIS A 74 1.31 -0.72 -4.09
N CYS A 75 1.22 -0.58 -2.77
CA CYS A 75 2.35 -0.79 -1.90
C CYS A 75 2.68 -2.27 -1.78
N ILE A 76 1.65 -3.11 -1.65
CA ILE A 76 1.89 -4.55 -1.55
C ILE A 76 2.49 -5.09 -2.86
N SER A 77 2.13 -4.47 -3.99
CA SER A 77 2.71 -4.83 -5.28
C SER A 77 4.20 -4.61 -5.25
N ARG A 78 4.57 -3.47 -4.71
CA ARG A 78 5.93 -3.11 -4.56
C ARG A 78 6.63 -4.09 -3.63
N TRP A 79 5.94 -4.41 -2.54
CA TRP A 79 6.47 -5.30 -1.53
C TRP A 79 6.71 -6.67 -2.11
N LEU A 80 5.72 -7.19 -2.78
CA LEU A 80 5.75 -8.52 -3.37
C LEU A 80 6.74 -8.62 -4.49
N LYS A 81 6.96 -7.51 -5.13
CA LYS A 81 7.93 -7.38 -6.18
C LYS A 81 9.31 -7.70 -5.58
N THR A 82 9.51 -7.27 -4.33
CA THR A 82 10.75 -7.51 -3.63
C THR A 82 10.70 -8.71 -2.64
N ARG A 83 9.49 -9.09 -2.21
CA ARG A 83 9.30 -10.10 -1.15
C ARG A 83 8.17 -11.07 -1.48
N GLN A 84 8.25 -12.27 -0.93
CA GLN A 84 7.24 -13.29 -1.17
C GLN A 84 6.30 -13.48 0.03
N VAL A 85 6.57 -12.78 1.11
CA VAL A 85 5.85 -13.00 2.37
C VAL A 85 5.28 -11.72 2.94
N CYS A 86 4.29 -11.85 3.84
CA CYS A 86 3.74 -10.71 4.57
C CYS A 86 4.85 -9.96 5.29
N PRO A 87 4.86 -8.64 5.19
CA PRO A 87 5.85 -7.80 5.88
C PRO A 87 5.70 -7.89 7.41
N LEU A 88 4.50 -8.23 7.84
CA LEU A 88 4.19 -8.23 9.26
C LEU A 88 4.11 -9.66 9.78
N ASP A 89 3.71 -10.56 8.90
CA ASP A 89 3.43 -11.93 9.30
C ASP A 89 4.62 -12.83 9.02
N ASN A 90 5.37 -12.45 7.97
CA ASN A 90 6.46 -13.28 7.43
C ASN A 90 5.95 -14.64 6.98
N ARG A 91 4.73 -14.66 6.48
CA ARG A 91 4.11 -15.86 5.95
C ARG A 91 3.95 -15.60 4.48
N GLU A 92 3.91 -16.64 3.68
CA GLU A 92 3.75 -16.47 2.23
C GLU A 92 2.45 -15.69 1.95
N TRP A 93 2.57 -14.53 1.30
CA TRP A 93 1.44 -13.62 1.14
C TRP A 93 0.44 -14.13 0.11
N GLU A 94 -0.82 -14.18 0.48
CA GLU A 94 -1.87 -14.54 -0.44
C GLU A 94 -2.88 -13.40 -0.54
N PHE A 95 -3.24 -13.03 -1.76
CA PHE A 95 -4.27 -12.03 -1.94
C PHE A 95 -5.63 -12.62 -1.67
N GLN A 96 -6.43 -11.90 -0.91
CA GLN A 96 -7.77 -12.31 -0.59
C GLN A 96 -8.76 -11.73 -1.59
N LYS A 97 -8.71 -10.42 -1.73
CA LYS A 97 -9.58 -9.70 -2.63
C LYS A 97 -9.01 -8.33 -2.99
N TYR A 98 -9.00 -8.03 -4.27
CA TYR A 98 -8.66 -6.73 -4.79
C TYR A 98 -9.37 -6.50 -6.12
N GLY A 99 -9.53 -5.26 -6.51
CA GLY A 99 -10.16 -4.96 -7.76
C GLY A 99 -11.49 -4.26 -7.59
N HIS A 100 -12.54 -4.87 -8.08
CA HIS A 100 -13.87 -4.28 -8.05
C HIS A 100 -14.66 -4.73 -6.83
ZN ZN B . 0.38 1.87 1.14
ZN ZN C . -1.05 4.45 -4.75
ZN ZN D . -0.55 -12.27 7.40
N GLY A 1 0.16 -8.36 13.68
CA GLY A 1 -0.64 -9.54 13.61
C GLY A 1 -1.79 -9.37 12.65
N GLY A 2 -2.40 -8.22 12.71
CA GLY A 2 -3.56 -7.98 11.90
C GLY A 2 -4.81 -7.97 12.75
N GLY A 3 -5.77 -8.79 12.41
CA GLY A 3 -6.98 -8.87 13.18
C GLY A 3 -7.96 -7.78 12.83
N GLY A 4 -7.79 -7.22 11.65
CA GLY A 4 -8.66 -6.15 11.22
C GLY A 4 -8.67 -5.99 9.72
N THR A 5 -9.75 -6.42 9.10
CA THR A 5 -9.93 -6.20 7.69
C THR A 5 -11.28 -5.54 7.46
N ASN A 6 -11.29 -4.45 6.72
CA ASN A 6 -12.51 -3.71 6.50
C ASN A 6 -13.04 -3.95 5.09
N SER A 7 -14.33 -3.94 4.94
CA SER A 7 -14.96 -4.14 3.65
C SER A 7 -15.42 -2.80 3.08
N GLY A 8 -14.53 -1.83 3.11
CA GLY A 8 -14.89 -0.51 2.68
C GLY A 8 -14.68 -0.29 1.20
N ALA A 9 -14.08 -1.25 0.54
CA ALA A 9 -13.84 -1.13 -0.88
C ALA A 9 -14.95 -1.82 -1.65
N GLY A 10 -15.70 -1.02 -2.40
CA GLY A 10 -16.74 -1.56 -3.24
C GLY A 10 -16.45 -1.30 -4.69
N LYS A 11 -15.18 -1.22 -5.00
CA LYS A 11 -14.73 -0.91 -6.33
C LYS A 11 -14.73 -2.17 -7.18
N LYS A 12 -15.68 -2.27 -8.08
CA LYS A 12 -15.66 -3.34 -9.06
C LYS A 12 -14.50 -3.10 -10.01
N ARG A 13 -14.29 -1.82 -10.33
CA ARG A 13 -13.15 -1.39 -11.11
C ARG A 13 -11.88 -1.48 -10.29
N PHE A 14 -10.90 -2.17 -10.82
CA PHE A 14 -9.63 -2.32 -10.16
C PHE A 14 -8.56 -2.43 -11.25
N GLU A 15 -7.92 -1.31 -11.56
CA GLU A 15 -6.99 -1.25 -12.67
C GLU A 15 -5.97 -0.15 -12.43
N VAL A 16 -4.72 -0.53 -12.24
CA VAL A 16 -3.65 0.43 -12.06
C VAL A 16 -2.50 0.11 -13.02
N LYS A 17 -2.08 1.09 -13.79
CA LYS A 17 -0.99 0.88 -14.74
C LYS A 17 0.36 0.75 -14.08
N LYS A 18 0.65 1.64 -13.15
CA LYS A 18 1.92 1.61 -12.45
C LYS A 18 1.77 1.83 -10.96
N SER A 19 2.39 0.98 -10.21
CA SER A 19 2.58 1.22 -8.81
C SER A 19 3.93 1.91 -8.66
N ASN A 20 3.90 3.25 -8.57
CA ASN A 20 5.14 4.06 -8.67
C ASN A 20 6.21 3.62 -7.68
N ALA A 21 6.02 3.89 -6.41
CA ALA A 21 6.94 3.42 -5.38
C ALA A 21 6.29 3.45 -4.03
N SER A 22 6.93 2.78 -3.09
CA SER A 22 6.52 2.74 -1.70
C SER A 22 7.78 2.47 -0.86
N ALA A 23 7.71 2.67 0.45
CA ALA A 23 8.88 2.55 1.32
C ALA A 23 9.36 1.10 1.46
N GLN A 24 8.43 0.15 1.55
CA GLN A 24 8.70 -1.30 1.76
C GLN A 24 9.24 -1.59 3.17
N SER A 25 10.35 -0.96 3.53
CA SER A 25 11.01 -1.20 4.78
C SER A 25 10.38 -0.43 5.94
N ALA A 26 9.40 0.40 5.64
CA ALA A 26 8.70 1.16 6.66
C ALA A 26 7.83 0.23 7.49
N TRP A 27 7.79 0.47 8.78
CA TRP A 27 7.01 -0.36 9.67
C TRP A 27 5.88 0.42 10.31
N ASP A 28 4.73 -0.19 10.32
CA ASP A 28 3.61 0.25 11.12
C ASP A 28 2.91 -1.01 11.55
N ILE A 29 2.44 -1.06 12.77
CA ILE A 29 2.04 -2.35 13.33
C ILE A 29 0.55 -2.64 13.18
N VAL A 30 -0.22 -1.69 12.67
CA VAL A 30 -1.65 -1.90 12.55
C VAL A 30 -2.08 -1.83 11.09
N VAL A 31 -2.86 -2.81 10.64
CA VAL A 31 -3.22 -2.98 9.22
C VAL A 31 -4.20 -1.95 8.65
N ASP A 32 -4.69 -1.02 9.46
CA ASP A 32 -5.47 0.06 8.88
C ASP A 32 -4.55 1.18 8.46
N ASN A 33 -3.28 0.95 8.65
CA ASN A 33 -2.25 1.75 8.05
C ASN A 33 -1.48 0.85 7.11
N CYS A 34 -1.21 1.30 5.93
CA CYS A 34 -0.39 0.56 5.03
C CYS A 34 1.02 0.79 5.46
N ALA A 35 1.64 -0.21 6.07
CA ALA A 35 2.96 -0.04 6.63
C ALA A 35 3.97 0.15 5.53
N ILE A 36 3.62 -0.38 4.37
CA ILE A 36 4.53 -0.47 3.27
C ILE A 36 4.89 0.92 2.74
N CYS A 37 3.91 1.79 2.64
CA CYS A 37 4.17 3.18 2.28
C CYS A 37 4.18 4.02 3.54
N ARG A 38 3.39 3.55 4.49
CA ARG A 38 3.07 4.21 5.73
C ARG A 38 2.07 5.32 5.51
N ASN A 39 0.91 4.93 5.02
CA ASN A 39 -0.22 5.85 4.95
C ASN A 39 -1.48 5.09 5.36
N HIS A 40 -2.55 5.83 5.60
CA HIS A 40 -3.80 5.25 6.08
C HIS A 40 -4.42 4.34 5.00
N ILE A 41 -5.01 3.24 5.44
CA ILE A 41 -5.58 2.22 4.57
C ILE A 41 -6.68 2.78 3.68
N MET A 42 -6.79 2.22 2.47
CA MET A 42 -7.90 2.48 1.54
C MET A 42 -8.03 3.98 1.25
N ASP A 43 -6.88 4.62 1.10
CA ASP A 43 -6.78 6.05 0.79
C ASP A 43 -5.62 6.20 -0.19
N LEU A 44 -5.20 7.42 -0.45
CA LEU A 44 -4.04 7.70 -1.29
C LEU A 44 -2.77 7.27 -0.58
N CYS A 45 -1.80 6.79 -1.35
CA CYS A 45 -0.51 6.45 -0.79
C CYS A 45 0.31 7.73 -0.58
N ILE A 46 1.55 7.54 -0.19
CA ILE A 46 2.46 8.64 0.14
C ILE A 46 2.74 9.52 -1.07
N GLU A 47 3.08 8.91 -2.17
CA GLU A 47 3.40 9.64 -3.37
C GLU A 47 2.14 9.97 -4.07
N CYS A 48 1.20 9.05 -3.97
CA CYS A 48 -0.04 9.11 -4.76
C CYS A 48 -0.84 10.37 -4.51
N GLN A 49 -0.86 10.83 -3.28
CA GLN A 49 -1.50 12.09 -2.96
C GLN A 49 -0.84 13.27 -3.69
N ALA A 50 0.48 13.27 -3.75
CA ALA A 50 1.23 14.30 -4.48
C ALA A 50 1.10 14.08 -5.99
N ASN A 51 1.15 12.82 -6.35
CA ASN A 51 1.15 12.31 -7.72
C ASN A 51 -0.11 12.65 -8.45
N GLN A 52 -1.24 12.57 -7.74
CA GLN A 52 -2.57 12.64 -8.33
C GLN A 52 -2.76 11.37 -9.16
N ALA A 53 -2.78 10.25 -8.44
CA ALA A 53 -2.77 8.93 -9.04
C ALA A 53 -4.00 8.67 -9.88
N SER A 54 -3.77 8.10 -11.03
CA SER A 54 -4.83 7.79 -11.95
C SER A 54 -5.50 6.49 -11.55
N ALA A 55 -6.55 6.62 -10.75
CA ALA A 55 -7.35 5.51 -10.25
C ALA A 55 -8.49 6.06 -9.40
N THR A 56 -8.27 6.07 -8.11
CA THR A 56 -9.22 6.64 -7.18
C THR A 56 -8.43 7.42 -6.12
N SER A 57 -8.87 8.61 -5.78
CA SER A 57 -8.21 9.35 -4.71
C SER A 57 -8.88 9.07 -3.37
N GLU A 58 -10.10 8.57 -3.45
CA GLU A 58 -10.82 8.10 -2.28
C GLU A 58 -10.04 6.94 -1.67
N GLU A 59 -9.49 6.12 -2.56
CA GLU A 59 -8.67 5.00 -2.24
C GLU A 59 -7.78 4.74 -3.44
N CYS A 60 -6.47 4.85 -3.27
CA CYS A 60 -5.54 4.59 -4.38
C CYS A 60 -5.78 3.21 -4.99
N THR A 61 -5.21 2.21 -4.38
CA THR A 61 -5.42 0.84 -4.72
C THR A 61 -5.28 0.03 -3.44
N VAL A 62 -6.15 -0.90 -3.20
CA VAL A 62 -6.09 -1.66 -1.98
C VAL A 62 -6.36 -3.13 -2.22
N ALA A 63 -5.69 -3.98 -1.46
CA ALA A 63 -5.86 -5.40 -1.54
C ALA A 63 -5.89 -5.98 -0.15
N TRP A 64 -6.76 -6.94 0.05
CA TRP A 64 -6.87 -7.57 1.32
C TRP A 64 -6.15 -8.88 1.28
N GLY A 65 -5.54 -9.24 2.36
CA GLY A 65 -4.80 -10.45 2.45
C GLY A 65 -5.59 -11.53 3.15
N VAL A 66 -5.46 -12.76 2.66
CA VAL A 66 -6.16 -13.93 3.23
C VAL A 66 -5.69 -14.15 4.66
N CYS A 67 -4.52 -13.65 4.92
CA CYS A 67 -3.88 -13.76 6.20
C CYS A 67 -4.47 -12.70 7.17
N ASN A 68 -5.62 -12.14 6.78
CA ASN A 68 -6.34 -11.13 7.54
C ASN A 68 -5.49 -9.88 7.69
N HIS A 69 -4.85 -9.55 6.59
CA HIS A 69 -4.02 -8.37 6.52
C HIS A 69 -4.56 -7.42 5.50
N ALA A 70 -4.25 -6.16 5.65
CA ALA A 70 -4.73 -5.16 4.74
C ALA A 70 -3.60 -4.22 4.35
N PHE A 71 -3.35 -4.09 3.05
CA PHE A 71 -2.33 -3.20 2.55
C PHE A 71 -2.82 -2.55 1.28
N HIS A 72 -2.11 -1.54 0.82
CA HIS A 72 -2.42 -0.98 -0.47
C HIS A 72 -1.95 -1.94 -1.51
N PHE A 73 -2.73 -2.14 -2.55
CA PHE A 73 -2.32 -3.00 -3.64
C PHE A 73 -1.03 -2.48 -4.25
N HIS A 74 -0.98 -1.18 -4.42
CA HIS A 74 0.21 -0.50 -4.94
C HIS A 74 1.43 -0.87 -4.11
N CYS A 75 1.29 -0.75 -2.81
CA CYS A 75 2.38 -0.93 -1.93
C CYS A 75 2.72 -2.40 -1.77
N ILE A 76 1.70 -3.23 -1.63
CA ILE A 76 1.92 -4.66 -1.50
C ILE A 76 2.52 -5.21 -2.80
N SER A 77 2.16 -4.63 -3.93
CA SER A 77 2.72 -5.02 -5.24
C SER A 77 4.24 -4.84 -5.24
N ARG A 78 4.68 -3.68 -4.78
CA ARG A 78 6.11 -3.38 -4.63
C ARG A 78 6.75 -4.27 -3.58
N TRP A 79 6.02 -4.51 -2.53
CA TRP A 79 6.46 -5.39 -1.50
C TRP A 79 6.67 -6.80 -2.04
N LEU A 80 5.70 -7.29 -2.76
CA LEU A 80 5.70 -8.63 -3.33
C LEU A 80 6.73 -8.78 -4.42
N LYS A 81 6.99 -7.69 -5.07
CA LYS A 81 8.01 -7.61 -6.09
C LYS A 81 9.35 -7.97 -5.47
N THR A 82 9.57 -7.49 -4.26
CA THR A 82 10.82 -7.77 -3.58
C THR A 82 10.72 -8.92 -2.56
N ARG A 83 9.52 -9.19 -2.04
CA ARG A 83 9.35 -10.18 -0.99
C ARG A 83 8.25 -11.19 -1.32
N GLN A 84 8.45 -12.42 -0.87
CA GLN A 84 7.53 -13.51 -1.14
C GLN A 84 6.52 -13.70 -0.01
N VAL A 85 6.73 -12.98 1.08
CA VAL A 85 5.98 -13.20 2.30
C VAL A 85 5.43 -11.88 2.84
N CYS A 86 4.44 -11.98 3.72
CA CYS A 86 3.89 -10.82 4.42
C CYS A 86 4.99 -10.11 5.21
N PRO A 87 4.94 -8.77 5.28
CA PRO A 87 5.90 -8.02 6.10
C PRO A 87 5.67 -8.29 7.56
N LEU A 88 4.44 -8.61 7.88
CA LEU A 88 4.00 -8.76 9.23
C LEU A 88 4.01 -10.23 9.63
N ASP A 89 3.39 -11.05 8.79
CA ASP A 89 3.28 -12.51 9.03
C ASP A 89 4.59 -13.24 8.80
N ASN A 90 5.32 -12.80 7.77
CA ASN A 90 6.43 -13.60 7.22
C ASN A 90 5.90 -14.96 6.72
N ARG A 91 4.72 -14.91 6.11
CA ARG A 91 4.06 -16.06 5.50
C ARG A 91 3.81 -15.69 4.06
N GLU A 92 3.70 -16.68 3.16
CA GLU A 92 3.45 -16.36 1.75
C GLU A 92 2.16 -15.56 1.63
N TRP A 93 2.26 -14.38 1.04
CA TRP A 93 1.13 -13.48 0.94
C TRP A 93 0.13 -13.96 -0.12
N GLU A 94 -1.13 -14.09 0.27
CA GLU A 94 -2.22 -14.44 -0.64
C GLU A 94 -3.30 -13.37 -0.63
N PHE A 95 -3.78 -13.01 -1.82
CA PHE A 95 -4.81 -12.00 -1.98
C PHE A 95 -6.17 -12.58 -1.60
N GLN A 96 -6.95 -11.82 -0.85
CA GLN A 96 -8.25 -12.29 -0.41
C GLN A 96 -9.38 -11.85 -1.36
N LYS A 97 -9.98 -10.69 -1.09
CA LYS A 97 -11.08 -10.20 -1.93
C LYS A 97 -10.53 -9.31 -3.02
N TYR A 98 -9.54 -8.53 -2.67
CA TYR A 98 -8.93 -7.61 -3.57
C TYR A 98 -7.56 -8.01 -3.98
N GLY A 99 -7.30 -7.83 -5.25
CA GLY A 99 -6.08 -8.29 -5.82
C GLY A 99 -6.27 -9.66 -6.38
N HIS A 100 -5.88 -9.84 -7.61
CA HIS A 100 -6.04 -11.09 -8.29
C HIS A 100 -4.72 -11.57 -8.82
ZN ZN B . 0.41 1.93 0.98
ZN ZN C . -0.74 4.37 -4.51
ZN ZN D . -0.36 -12.03 6.24
N GLY A 1 -4.55 17.15 -16.27
CA GLY A 1 -5.69 17.55 -15.46
C GLY A 1 -6.97 17.01 -16.02
N GLY A 2 -7.43 15.92 -15.46
CA GLY A 2 -8.63 15.29 -15.95
C GLY A 2 -8.39 13.86 -16.33
N GLY A 3 -8.80 12.96 -15.47
CA GLY A 3 -8.61 11.56 -15.71
C GLY A 3 -9.93 10.84 -15.74
N GLY A 4 -9.99 9.76 -16.47
CA GLY A 4 -11.21 9.01 -16.57
C GLY A 4 -11.21 7.84 -15.62
N THR A 5 -12.38 7.47 -15.15
CA THR A 5 -12.50 6.34 -14.26
C THR A 5 -13.19 5.19 -14.98
N ASN A 6 -12.56 4.03 -14.95
CA ASN A 6 -13.10 2.86 -15.63
C ASN A 6 -13.65 1.88 -14.63
N SER A 7 -14.87 1.46 -14.82
CA SER A 7 -15.50 0.53 -13.93
C SER A 7 -14.98 -0.89 -14.19
N GLY A 8 -14.86 -1.68 -13.14
CA GLY A 8 -14.38 -3.04 -13.28
C GLY A 8 -13.15 -3.30 -12.44
N ALA A 9 -13.02 -4.53 -11.98
CA ALA A 9 -11.89 -4.91 -11.15
C ALA A 9 -10.84 -5.60 -11.98
N GLY A 10 -9.57 -5.24 -11.76
CA GLY A 10 -8.48 -5.86 -12.47
C GLY A 10 -8.30 -5.30 -13.88
N LYS A 11 -9.08 -4.29 -14.24
CA LYS A 11 -8.99 -3.71 -15.58
C LYS A 11 -7.90 -2.66 -15.70
N LYS A 12 -7.38 -2.23 -14.57
CA LYS A 12 -6.33 -1.24 -14.60
C LYS A 12 -5.01 -1.88 -14.95
N ARG A 13 -4.21 -1.21 -15.73
CA ARG A 13 -2.86 -1.64 -15.94
C ARG A 13 -2.04 -1.12 -14.78
N PHE A 14 -1.46 -2.01 -14.02
CA PHE A 14 -0.83 -1.63 -12.77
C PHE A 14 0.63 -1.23 -12.95
N GLU A 15 0.85 -0.27 -13.84
CA GLU A 15 2.16 0.34 -14.04
C GLU A 15 2.35 1.46 -13.03
N VAL A 16 1.28 1.81 -12.33
CA VAL A 16 1.33 2.87 -11.33
C VAL A 16 2.08 2.37 -10.11
N LYS A 17 3.38 2.42 -10.21
CA LYS A 17 4.28 2.03 -9.17
C LYS A 17 5.57 2.80 -9.28
N LYS A 18 6.25 2.91 -8.18
CA LYS A 18 7.51 3.60 -8.15
C LYS A 18 8.55 2.61 -7.64
N SER A 19 9.71 3.09 -7.26
CA SER A 19 10.80 2.23 -6.87
C SER A 19 10.46 1.38 -5.65
N ASN A 20 10.89 0.14 -5.71
CA ASN A 20 10.68 -0.82 -4.64
C ASN A 20 12.00 -1.14 -3.95
N ALA A 21 13.10 -0.96 -4.67
CA ALA A 21 14.42 -1.13 -4.09
C ALA A 21 14.66 -0.05 -3.07
N SER A 22 14.19 1.14 -3.38
CA SER A 22 14.21 2.24 -2.46
C SER A 22 13.11 2.04 -1.42
N ALA A 23 13.39 2.33 -0.19
CA ALA A 23 12.43 2.12 0.86
C ALA A 23 12.24 3.39 1.67
N GLN A 24 10.99 3.74 1.87
CA GLN A 24 10.62 4.93 2.60
C GLN A 24 9.58 4.56 3.65
N SER A 25 9.63 3.33 4.08
CA SER A 25 8.65 2.77 4.98
C SER A 25 8.89 3.20 6.42
N ALA A 26 8.10 4.12 6.91
CA ALA A 26 8.13 4.47 8.33
C ALA A 26 7.55 3.29 9.12
N TRP A 27 8.08 3.03 10.28
CA TRP A 27 7.77 1.80 10.97
C TRP A 27 6.58 1.93 11.91
N ASP A 28 5.44 1.44 11.45
CA ASP A 28 4.22 1.30 12.24
C ASP A 28 3.52 0.05 11.79
N ILE A 29 3.19 -0.84 12.70
CA ILE A 29 2.48 -2.04 12.30
C ILE A 29 1.00 -1.89 12.64
N VAL A 30 0.21 -1.73 11.63
CA VAL A 30 -1.22 -1.59 11.78
C VAL A 30 -1.89 -2.27 10.59
N VAL A 31 -2.98 -2.99 10.82
CA VAL A 31 -3.74 -3.58 9.73
C VAL A 31 -4.43 -2.49 8.90
N ASP A 32 -4.99 -1.49 9.58
CA ASP A 32 -5.73 -0.41 8.90
C ASP A 32 -4.83 0.72 8.39
N ASN A 33 -3.53 0.50 8.42
CA ASN A 33 -2.59 1.40 7.75
C ASN A 33 -1.67 0.60 6.87
N CYS A 34 -1.27 1.18 5.77
CA CYS A 34 -0.30 0.55 4.91
C CYS A 34 1.04 0.87 5.46
N ALA A 35 1.74 -0.11 5.95
CA ALA A 35 3.01 0.13 6.60
C ALA A 35 4.10 0.28 5.55
N ILE A 36 3.79 -0.15 4.34
CA ILE A 36 4.74 -0.16 3.26
C ILE A 36 5.10 1.27 2.86
N CYS A 37 4.10 2.11 2.77
CA CYS A 37 4.32 3.52 2.50
C CYS A 37 4.20 4.31 3.78
N ARG A 38 3.43 3.76 4.70
CA ARG A 38 3.00 4.40 5.93
C ARG A 38 1.98 5.47 5.62
N ASN A 39 0.89 5.01 5.08
CA ASN A 39 -0.29 5.82 4.80
C ASN A 39 -1.52 5.01 5.20
N HIS A 40 -2.69 5.60 5.15
CA HIS A 40 -3.91 4.95 5.63
C HIS A 40 -4.33 3.81 4.69
N ILE A 41 -5.09 2.83 5.22
CA ILE A 41 -5.42 1.61 4.49
C ILE A 41 -6.07 1.85 3.13
N MET A 42 -7.10 2.62 3.09
CA MET A 42 -7.80 2.80 1.86
C MET A 42 -7.90 4.29 1.55
N ASP A 43 -6.85 4.77 0.93
CA ASP A 43 -6.64 6.17 0.64
C ASP A 43 -5.48 6.26 -0.37
N LEU A 44 -5.14 7.45 -0.79
CA LEU A 44 -4.01 7.68 -1.65
C LEU A 44 -2.72 7.49 -0.86
N CYS A 45 -1.77 6.78 -1.44
CA CYS A 45 -0.48 6.50 -0.79
C CYS A 45 0.38 7.77 -0.70
N ILE A 46 1.60 7.57 -0.22
CA ILE A 46 2.63 8.62 -0.06
C ILE A 46 2.66 9.65 -1.20
N GLU A 47 3.27 9.27 -2.29
CA GLU A 47 3.39 10.11 -3.44
C GLU A 47 2.04 10.26 -4.08
N CYS A 48 1.24 9.22 -3.96
CA CYS A 48 -0.03 9.15 -4.65
C CYS A 48 -0.99 10.27 -4.24
N GLN A 49 -1.06 10.58 -2.96
CA GLN A 49 -1.87 11.72 -2.53
C GLN A 49 -1.29 13.04 -2.98
N ALA A 50 0.02 13.14 -2.97
CA ALA A 50 0.70 14.33 -3.44
C ALA A 50 0.46 14.52 -4.93
N ASN A 51 0.54 13.42 -5.65
CA ASN A 51 0.22 13.38 -7.06
C ASN A 51 -1.24 13.68 -7.29
N GLN A 52 -2.08 13.13 -6.41
CA GLN A 52 -3.52 13.10 -6.58
C GLN A 52 -3.81 12.42 -7.91
N ALA A 53 -3.33 11.18 -8.01
CA ALA A 53 -3.38 10.40 -9.23
C ALA A 53 -4.79 10.03 -9.59
N SER A 54 -5.10 10.09 -10.87
CA SER A 54 -6.44 9.84 -11.33
C SER A 54 -6.63 8.39 -11.78
N ALA A 55 -6.34 7.49 -10.87
CA ALA A 55 -6.69 6.10 -11.02
C ALA A 55 -7.89 5.85 -10.12
N THR A 56 -7.66 6.12 -8.86
CA THR A 56 -8.70 6.24 -7.86
C THR A 56 -8.10 7.16 -6.80
N SER A 57 -8.89 7.98 -6.15
CA SER A 57 -8.35 8.83 -5.10
C SER A 57 -9.06 8.59 -3.76
N GLU A 58 -10.14 7.84 -3.82
CA GLU A 58 -10.82 7.37 -2.62
C GLU A 58 -9.85 6.42 -1.93
N GLU A 59 -9.17 5.69 -2.76
CA GLU A 59 -8.09 4.85 -2.42
C GLU A 59 -7.16 4.98 -3.60
N CYS A 60 -5.90 4.92 -3.39
CA CYS A 60 -5.00 4.72 -4.51
C CYS A 60 -5.34 3.38 -5.12
N THR A 61 -4.96 2.34 -4.42
CA THR A 61 -5.34 0.98 -4.68
C THR A 61 -5.23 0.21 -3.39
N VAL A 62 -6.21 -0.58 -3.06
CA VAL A 62 -6.14 -1.39 -1.86
C VAL A 62 -6.52 -2.83 -2.16
N ALA A 63 -5.82 -3.75 -1.52
CA ALA A 63 -6.13 -5.14 -1.63
C ALA A 63 -5.97 -5.79 -0.28
N TRP A 64 -6.76 -6.80 -0.04
CA TRP A 64 -6.77 -7.44 1.23
C TRP A 64 -5.93 -8.69 1.16
N GLY A 65 -5.38 -9.07 2.27
CA GLY A 65 -4.62 -10.28 2.35
C GLY A 65 -5.44 -11.37 2.97
N VAL A 66 -5.37 -12.55 2.37
CA VAL A 66 -6.05 -13.73 2.91
C VAL A 66 -5.47 -14.05 4.28
N CYS A 67 -4.24 -13.60 4.45
CA CYS A 67 -3.47 -13.78 5.66
C CYS A 67 -3.85 -12.73 6.72
N ASN A 68 -5.12 -12.29 6.69
CA ASN A 68 -5.70 -11.41 7.70
C ASN A 68 -4.91 -10.12 7.75
N HIS A 69 -4.62 -9.61 6.57
CA HIS A 69 -3.85 -8.41 6.44
C HIS A 69 -4.47 -7.50 5.43
N ALA A 70 -4.10 -6.24 5.47
CA ALA A 70 -4.62 -5.28 4.54
C ALA A 70 -3.53 -4.28 4.20
N PHE A 71 -3.29 -4.07 2.92
CA PHE A 71 -2.26 -3.14 2.46
C PHE A 71 -2.74 -2.48 1.19
N HIS A 72 -2.01 -1.49 0.73
CA HIS A 72 -2.30 -0.92 -0.54
C HIS A 72 -1.84 -1.87 -1.59
N PHE A 73 -2.66 -2.08 -2.60
CA PHE A 73 -2.31 -2.97 -3.68
C PHE A 73 -1.02 -2.49 -4.32
N HIS A 74 -0.93 -1.18 -4.50
CA HIS A 74 0.26 -0.54 -5.06
C HIS A 74 1.52 -0.86 -4.23
N CYS A 75 1.42 -0.65 -2.95
CA CYS A 75 2.53 -0.84 -2.07
C CYS A 75 2.86 -2.32 -1.91
N ILE A 76 1.83 -3.14 -1.72
CA ILE A 76 2.03 -4.57 -1.54
C ILE A 76 2.62 -5.19 -2.82
N SER A 77 2.23 -4.67 -3.97
CA SER A 77 2.80 -5.11 -5.24
C SER A 77 4.30 -4.89 -5.28
N ARG A 78 4.77 -3.72 -4.82
CA ARG A 78 6.23 -3.49 -4.74
C ARG A 78 6.86 -4.51 -3.79
N TRP A 79 6.19 -4.74 -2.68
CA TRP A 79 6.66 -5.62 -1.64
C TRP A 79 6.80 -7.03 -2.17
N LEU A 80 5.79 -7.47 -2.86
CA LEU A 80 5.71 -8.80 -3.38
C LEU A 80 6.65 -9.03 -4.54
N LYS A 81 7.08 -7.97 -5.18
CA LYS A 81 8.12 -8.10 -6.17
C LYS A 81 9.38 -8.59 -5.47
N THR A 82 9.64 -8.04 -4.30
CA THR A 82 10.80 -8.41 -3.52
C THR A 82 10.55 -9.64 -2.60
N ARG A 83 9.31 -9.83 -2.16
CA ARG A 83 9.00 -10.79 -1.10
C ARG A 83 7.80 -11.65 -1.41
N GLN A 84 7.76 -12.83 -0.82
CA GLN A 84 6.63 -13.74 -0.95
C GLN A 84 5.77 -13.73 0.31
N VAL A 85 6.26 -13.08 1.34
CA VAL A 85 5.67 -13.17 2.66
C VAL A 85 5.32 -11.80 3.22
N CYS A 86 4.40 -11.78 4.18
CA CYS A 86 3.95 -10.57 4.85
C CYS A 86 5.11 -9.84 5.48
N PRO A 87 5.16 -8.52 5.34
CA PRO A 87 6.20 -7.71 5.98
C PRO A 87 6.05 -7.73 7.49
N LEU A 88 4.81 -7.82 7.92
CA LEU A 88 4.47 -7.76 9.32
C LEU A 88 4.77 -9.08 10.00
N ASP A 89 4.44 -10.16 9.31
CA ASP A 89 4.46 -11.49 9.93
C ASP A 89 5.37 -12.49 9.28
N ASN A 90 5.87 -12.17 8.10
CA ASN A 90 6.70 -13.13 7.33
C ASN A 90 5.96 -14.44 7.07
N ARG A 91 4.65 -14.34 6.87
CA ARG A 91 3.79 -15.47 6.52
C ARG A 91 3.53 -15.34 5.03
N GLU A 92 3.17 -16.41 4.36
CA GLU A 92 2.93 -16.32 2.93
C GLU A 92 1.78 -15.35 2.65
N TRP A 93 2.05 -14.33 1.85
CA TRP A 93 1.02 -13.42 1.48
C TRP A 93 0.23 -13.99 0.33
N GLU A 94 -1.07 -14.06 0.49
CA GLU A 94 -1.96 -14.37 -0.61
C GLU A 94 -2.95 -13.26 -0.79
N PHE A 95 -3.23 -12.93 -2.03
CA PHE A 95 -4.14 -11.86 -2.34
C PHE A 95 -5.55 -12.25 -2.07
N GLN A 96 -6.24 -11.43 -1.37
CA GLN A 96 -7.66 -11.50 -1.26
C GLN A 96 -8.21 -10.39 -2.11
N LYS A 97 -8.76 -10.74 -3.26
CA LYS A 97 -9.15 -9.76 -4.25
C LYS A 97 -10.14 -8.74 -3.72
N TYR A 98 -9.87 -7.48 -4.04
CA TYR A 98 -10.63 -6.37 -3.55
C TYR A 98 -12.08 -6.40 -4.01
N GLY A 99 -12.99 -6.28 -3.06
CA GLY A 99 -14.39 -6.43 -3.32
C GLY A 99 -14.86 -7.82 -2.99
N HIS A 100 -16.15 -8.03 -3.00
CA HIS A 100 -16.70 -9.34 -2.68
C HIS A 100 -17.06 -10.09 -3.94
ZN ZN B . 0.58 2.01 0.86
ZN ZN C . -0.36 4.47 -4.35
ZN ZN D . -0.42 -11.75 5.95
N GLY A 1 6.04 3.72 -55.79
CA GLY A 1 5.46 4.18 -54.56
C GLY A 1 5.86 3.30 -53.41
N GLY A 2 6.37 3.89 -52.37
CA GLY A 2 6.72 3.13 -51.20
C GLY A 2 6.00 3.63 -49.98
N GLY A 3 5.47 4.84 -50.09
CA GLY A 3 4.79 5.45 -48.97
C GLY A 3 5.77 5.83 -47.90
N GLY A 4 5.58 5.31 -46.72
CA GLY A 4 6.49 5.59 -45.65
C GLY A 4 5.81 5.55 -44.31
N THR A 5 5.71 4.36 -43.75
CA THR A 5 5.17 4.21 -42.42
C THR A 5 5.88 3.07 -41.68
N ASN A 6 6.34 3.36 -40.49
CA ASN A 6 6.97 2.40 -39.62
C ASN A 6 6.82 2.85 -38.19
N SER A 7 7.19 2.01 -37.26
CA SER A 7 7.15 2.36 -35.87
C SER A 7 8.56 2.55 -35.36
N GLY A 8 8.90 3.78 -35.03
CA GLY A 8 10.22 4.05 -34.54
C GLY A 8 10.24 5.23 -33.62
N ALA A 9 10.16 4.95 -32.33
CA ALA A 9 10.25 5.98 -31.32
C ALA A 9 11.21 5.54 -30.24
N GLY A 10 12.12 6.42 -29.89
CA GLY A 10 13.06 6.08 -28.86
C GLY A 10 12.53 6.44 -27.50
N LYS A 11 11.86 5.50 -26.87
CA LYS A 11 11.33 5.70 -25.55
C LYS A 11 12.08 4.83 -24.55
N LYS A 12 12.67 5.46 -23.57
CA LYS A 12 13.36 4.74 -22.53
C LYS A 12 12.49 4.70 -21.29
N ARG A 13 12.61 3.64 -20.53
CA ARG A 13 11.85 3.50 -19.29
C ARG A 13 12.41 4.47 -18.24
N PHE A 14 11.87 5.68 -18.23
CA PHE A 14 12.30 6.73 -17.30
C PHE A 14 12.03 6.35 -15.84
N GLU A 15 10.84 5.85 -15.58
CA GLU A 15 10.48 5.44 -14.22
C GLU A 15 11.29 4.21 -13.82
N VAL A 16 11.82 4.25 -12.62
CA VAL A 16 12.68 3.18 -12.15
C VAL A 16 12.06 2.56 -10.90
N LYS A 17 11.95 1.26 -10.90
CA LYS A 17 11.46 0.55 -9.73
C LYS A 17 12.56 -0.27 -9.10
N LYS A 18 12.84 0.04 -7.87
CA LYS A 18 13.89 -0.61 -7.12
C LYS A 18 13.44 -0.68 -5.67
N SER A 19 13.92 -1.67 -4.93
CA SER A 19 13.67 -1.74 -3.50
C SER A 19 14.51 -0.67 -2.78
N ASN A 20 14.13 0.58 -2.99
CA ASN A 20 14.82 1.72 -2.41
C ASN A 20 14.71 1.72 -0.91
N ALA A 21 13.51 1.41 -0.41
CA ALA A 21 13.25 1.39 1.02
C ALA A 21 12.03 0.55 1.35
N SER A 22 12.25 -0.65 1.86
CA SER A 22 11.18 -1.49 2.36
C SER A 22 10.54 -0.86 3.61
N ALA A 23 11.39 -0.23 4.44
CA ALA A 23 10.95 0.53 5.62
C ALA A 23 10.32 -0.35 6.69
N GLN A 24 10.76 -1.59 6.78
CA GLN A 24 10.19 -2.51 7.75
C GLN A 24 10.80 -2.26 9.14
N SER A 25 10.19 -1.39 9.91
CA SER A 25 10.63 -1.11 11.26
C SER A 25 9.46 -0.67 12.12
N ALA A 26 8.74 -1.62 12.68
CA ALA A 26 7.62 -1.32 13.53
C ALA A 26 7.45 -2.42 14.55
N TRP A 27 7.21 -2.03 15.79
CA TRP A 27 7.03 -3.02 16.86
C TRP A 27 5.73 -3.77 16.66
N ASP A 28 4.68 -3.00 16.43
CA ASP A 28 3.37 -3.52 16.10
C ASP A 28 2.54 -2.38 15.58
N ILE A 29 1.62 -2.67 14.70
CA ILE A 29 0.79 -1.64 14.08
C ILE A 29 -0.66 -2.03 14.09
N VAL A 30 -1.51 -1.07 13.86
CA VAL A 30 -2.89 -1.35 13.55
C VAL A 30 -2.96 -1.65 12.05
N VAL A 31 -3.62 -2.75 11.71
CA VAL A 31 -3.62 -3.28 10.34
C VAL A 31 -4.42 -2.39 9.36
N ASP A 32 -4.94 -1.29 9.88
CA ASP A 32 -5.65 -0.31 9.06
C ASP A 32 -4.68 0.71 8.46
N ASN A 33 -3.41 0.57 8.76
CA ASN A 33 -2.41 1.41 8.13
C ASN A 33 -1.53 0.58 7.22
N CYS A 34 -1.28 1.08 6.04
CA CYS A 34 -0.35 0.45 5.13
C CYS A 34 1.02 0.75 5.63
N ALA A 35 1.71 -0.23 6.15
CA ALA A 35 3.01 0.01 6.77
C ALA A 35 4.09 0.14 5.73
N ILE A 36 3.76 -0.23 4.52
CA ILE A 36 4.70 -0.23 3.44
C ILE A 36 5.06 1.19 3.06
N CYS A 37 4.05 2.04 2.99
CA CYS A 37 4.24 3.44 2.66
C CYS A 37 4.00 4.30 3.89
N ARG A 38 3.21 3.74 4.81
CA ARG A 38 2.78 4.39 6.05
C ARG A 38 1.70 5.39 5.80
N ASN A 39 0.79 4.97 4.95
CA ASN A 39 -0.39 5.71 4.62
C ASN A 39 -1.59 4.90 5.06
N HIS A 40 -2.75 5.50 5.11
CA HIS A 40 -3.91 4.83 5.66
C HIS A 40 -4.42 3.77 4.69
N ILE A 41 -5.01 2.70 5.24
CA ILE A 41 -5.44 1.50 4.50
C ILE A 41 -6.08 1.78 3.14
N MET A 42 -7.08 2.57 3.12
CA MET A 42 -7.79 2.81 1.90
C MET A 42 -7.81 4.30 1.61
N ASP A 43 -6.74 4.73 0.97
CA ASP A 43 -6.49 6.14 0.69
C ASP A 43 -5.26 6.21 -0.24
N LEU A 44 -4.75 7.39 -0.46
CA LEU A 44 -3.62 7.63 -1.33
C LEU A 44 -2.29 7.21 -0.67
N CYS A 45 -1.34 6.76 -1.50
CA CYS A 45 0.00 6.35 -1.03
C CYS A 45 0.93 7.57 -0.92
N ILE A 46 2.23 7.29 -0.75
CA ILE A 46 3.30 8.31 -0.56
C ILE A 46 3.23 9.46 -1.54
N GLU A 47 3.56 9.19 -2.77
CA GLU A 47 3.59 10.18 -3.80
C GLU A 47 2.23 10.29 -4.39
N CYS A 48 1.47 9.20 -4.25
CA CYS A 48 0.16 9.09 -4.85
C CYS A 48 -0.79 10.18 -4.40
N GLN A 49 -0.71 10.59 -3.14
CA GLN A 49 -1.53 11.68 -2.68
C GLN A 49 -1.23 13.01 -3.40
N ALA A 50 0.03 13.29 -3.61
CA ALA A 50 0.44 14.45 -4.38
C ALA A 50 0.16 14.23 -5.86
N ASN A 51 0.37 13.00 -6.29
CA ASN A 51 0.27 12.57 -7.68
C ASN A 51 -1.16 12.69 -8.13
N GLN A 52 -2.03 12.16 -7.28
CA GLN A 52 -3.47 12.12 -7.42
C GLN A 52 -3.94 11.70 -8.83
N ALA A 53 -3.11 10.90 -9.50
CA ALA A 53 -3.38 10.39 -10.83
C ALA A 53 -3.13 8.90 -10.88
N SER A 54 -2.91 8.29 -9.72
CA SER A 54 -2.57 6.89 -9.62
C SER A 54 -3.67 5.96 -10.15
N ALA A 55 -4.92 6.24 -9.77
CA ALA A 55 -6.08 5.44 -10.17
C ALA A 55 -7.34 6.01 -9.55
N THR A 56 -7.40 5.93 -8.25
CA THR A 56 -8.50 6.43 -7.47
C THR A 56 -7.87 7.27 -6.35
N SER A 57 -8.61 8.18 -5.77
CA SER A 57 -8.06 8.92 -4.64
C SER A 57 -8.77 8.55 -3.35
N GLU A 58 -9.90 7.88 -3.49
CA GLU A 58 -10.60 7.31 -2.35
C GLU A 58 -9.69 6.26 -1.76
N GLU A 59 -9.02 5.58 -2.65
CA GLU A 59 -8.01 4.63 -2.39
C GLU A 59 -7.07 4.73 -3.56
N CYS A 60 -5.79 4.75 -3.34
CA CYS A 60 -4.88 4.58 -4.47
C CYS A 60 -5.22 3.25 -5.10
N THR A 61 -4.84 2.19 -4.41
CA THR A 61 -5.32 0.86 -4.64
C THR A 61 -5.22 0.12 -3.31
N VAL A 62 -6.17 -0.72 -3.02
CA VAL A 62 -6.17 -1.46 -1.76
C VAL A 62 -6.43 -2.93 -2.00
N ALA A 63 -5.71 -3.77 -1.29
CA ALA A 63 -5.87 -5.19 -1.41
C ALA A 63 -5.96 -5.83 -0.04
N TRP A 64 -6.84 -6.79 0.09
CA TRP A 64 -6.98 -7.49 1.32
C TRP A 64 -6.21 -8.79 1.24
N GLY A 65 -5.61 -9.17 2.32
CA GLY A 65 -4.86 -10.38 2.37
C GLY A 65 -5.65 -11.46 3.02
N VAL A 66 -5.51 -12.68 2.54
CA VAL A 66 -6.23 -13.84 3.06
C VAL A 66 -5.80 -14.09 4.50
N CYS A 67 -4.60 -13.64 4.79
CA CYS A 67 -3.94 -13.81 6.06
C CYS A 67 -4.43 -12.79 7.08
N ASN A 68 -5.65 -12.25 6.86
CA ASN A 68 -6.29 -11.26 7.73
C ASN A 68 -5.46 -9.99 7.73
N HIS A 69 -4.95 -9.67 6.57
CA HIS A 69 -4.15 -8.49 6.40
C HIS A 69 -4.76 -7.55 5.42
N ALA A 70 -4.32 -6.32 5.47
CA ALA A 70 -4.80 -5.30 4.60
C ALA A 70 -3.66 -4.34 4.28
N PHE A 71 -3.38 -4.16 3.01
CA PHE A 71 -2.34 -3.25 2.56
C PHE A 71 -2.79 -2.56 1.29
N HIS A 72 -2.06 -1.56 0.86
CA HIS A 72 -2.35 -0.97 -0.41
C HIS A 72 -1.93 -1.93 -1.47
N PHE A 73 -2.74 -2.12 -2.48
CA PHE A 73 -2.39 -3.01 -3.56
C PHE A 73 -1.10 -2.54 -4.21
N HIS A 74 -1.00 -1.24 -4.38
CA HIS A 74 0.19 -0.62 -4.95
C HIS A 74 1.42 -0.95 -4.12
N CYS A 75 1.31 -0.73 -2.82
CA CYS A 75 2.43 -0.92 -1.94
C CYS A 75 2.75 -2.40 -1.76
N ILE A 76 1.72 -3.23 -1.60
CA ILE A 76 1.94 -4.66 -1.43
C ILE A 76 2.51 -5.26 -2.73
N SER A 77 2.10 -4.71 -3.87
CA SER A 77 2.64 -5.13 -5.15
C SER A 77 4.14 -4.85 -5.21
N ARG A 78 4.53 -3.68 -4.72
CA ARG A 78 5.94 -3.32 -4.61
C ARG A 78 6.63 -4.26 -3.65
N TRP A 79 5.95 -4.57 -2.58
CA TRP A 79 6.45 -5.46 -1.57
C TRP A 79 6.67 -6.84 -2.15
N LEU A 80 5.69 -7.34 -2.85
CA LEU A 80 5.72 -8.66 -3.45
C LEU A 80 6.72 -8.75 -4.58
N LYS A 81 6.98 -7.61 -5.16
CA LYS A 81 8.00 -7.47 -6.15
C LYS A 81 9.36 -7.83 -5.54
N THR A 82 9.58 -7.42 -4.31
CA THR A 82 10.84 -7.69 -3.66
C THR A 82 10.77 -8.83 -2.60
N ARG A 83 9.57 -9.20 -2.16
CA ARG A 83 9.39 -10.17 -1.07
C ARG A 83 8.18 -11.01 -1.36
N GLN A 84 8.15 -12.20 -0.85
CA GLN A 84 7.04 -13.10 -1.12
C GLN A 84 6.29 -13.54 0.12
N VAL A 85 6.57 -12.88 1.20
CA VAL A 85 5.90 -13.12 2.45
C VAL A 85 5.39 -11.82 3.03
N CYS A 86 4.37 -11.87 3.88
CA CYS A 86 3.83 -10.69 4.52
C CYS A 86 4.91 -9.93 5.26
N PRO A 87 4.84 -8.59 5.25
CA PRO A 87 5.78 -7.75 6.01
C PRO A 87 5.63 -8.03 7.50
N LEU A 88 4.41 -8.34 7.87
CA LEU A 88 4.03 -8.50 9.25
C LEU A 88 4.06 -9.97 9.63
N ASP A 89 3.32 -10.77 8.86
CA ASP A 89 3.16 -12.21 9.16
C ASP A 89 4.46 -12.97 8.95
N ASN A 90 5.22 -12.54 7.94
CA ASN A 90 6.37 -13.32 7.42
C ASN A 90 5.85 -14.68 6.94
N ARG A 91 4.66 -14.64 6.38
CA ARG A 91 3.99 -15.82 5.86
C ARG A 91 3.69 -15.55 4.42
N GLU A 92 3.52 -16.59 3.64
CA GLU A 92 3.31 -16.44 2.21
C GLU A 92 2.06 -15.59 1.96
N TRP A 93 2.26 -14.46 1.30
CA TRP A 93 1.18 -13.53 1.07
C TRP A 93 0.24 -14.03 -0.02
N GLU A 94 -1.05 -13.89 0.23
CA GLU A 94 -2.07 -14.25 -0.73
C GLU A 94 -3.14 -13.16 -0.76
N PHE A 95 -3.63 -12.85 -1.95
CA PHE A 95 -4.61 -11.80 -2.12
C PHE A 95 -6.02 -12.34 -1.93
N GLN A 96 -6.70 -11.81 -0.94
CA GLN A 96 -8.11 -12.12 -0.75
C GLN A 96 -8.90 -11.36 -1.81
N LYS A 97 -8.52 -10.11 -1.98
CA LYS A 97 -9.07 -9.21 -2.98
C LYS A 97 -7.96 -8.29 -3.46
N TYR A 98 -7.66 -8.33 -4.74
CA TYR A 98 -6.64 -7.42 -5.29
C TYR A 98 -7.28 -6.12 -5.75
N GLY A 99 -8.59 -6.16 -5.88
CA GLY A 99 -9.35 -5.07 -6.44
C GLY A 99 -10.56 -5.63 -7.15
N HIS A 100 -11.04 -4.98 -8.18
CA HIS A 100 -12.10 -5.58 -8.99
C HIS A 100 -11.53 -6.21 -10.25
ZN ZN B . 0.55 1.94 0.97
ZN ZN C . -0.18 4.40 -4.54
ZN ZN D . -0.45 -12.04 6.24
N GLY A 1 21.70 20.51 -42.93
CA GLY A 1 21.52 21.80 -42.31
C GLY A 1 20.96 21.66 -40.91
N GLY A 2 19.82 22.26 -40.67
CA GLY A 2 19.14 22.11 -39.41
C GLY A 2 17.95 21.19 -39.53
N GLY A 3 16.86 21.54 -38.87
CA GLY A 3 15.68 20.73 -38.95
C GLY A 3 14.47 21.49 -38.46
N GLY A 4 14.24 21.45 -37.17
CA GLY A 4 13.12 22.15 -36.60
C GLY A 4 12.10 21.18 -36.02
N THR A 5 12.57 20.21 -35.27
CA THR A 5 11.69 19.26 -34.65
C THR A 5 11.69 19.42 -33.13
N ASN A 6 10.59 19.90 -32.60
CA ASN A 6 10.42 20.06 -31.17
C ASN A 6 9.49 18.97 -30.66
N SER A 7 10.06 17.95 -30.07
CA SER A 7 9.27 16.85 -29.56
C SER A 7 8.53 17.25 -28.29
N GLY A 8 7.32 16.77 -28.16
CA GLY A 8 6.54 17.06 -26.99
C GLY A 8 6.04 15.80 -26.33
N ALA A 9 5.98 15.82 -25.01
CA ALA A 9 5.44 14.70 -24.26
C ALA A 9 3.96 14.52 -24.55
N GLY A 10 3.27 15.65 -24.75
CA GLY A 10 1.87 15.60 -25.05
C GLY A 10 1.03 15.41 -23.81
N LYS A 11 1.60 15.78 -22.69
CA LYS A 11 0.95 15.60 -21.42
C LYS A 11 0.35 16.92 -20.95
N LYS A 12 -0.91 16.88 -20.64
CA LYS A 12 -1.64 18.05 -20.17
C LYS A 12 -2.28 17.77 -18.82
N ARG A 13 -1.80 16.73 -18.20
CA ARG A 13 -2.35 16.26 -16.95
C ARG A 13 -1.20 15.96 -16.01
N PHE A 14 -1.49 15.87 -14.74
CA PHE A 14 -0.43 15.61 -13.79
C PHE A 14 -0.49 14.17 -13.28
N GLU A 15 0.53 13.41 -13.64
CA GLU A 15 0.69 12.04 -13.18
C GLU A 15 2.12 11.60 -13.41
N VAL A 16 2.74 11.02 -12.40
CA VAL A 16 4.08 10.49 -12.56
C VAL A 16 4.11 9.04 -12.14
N LYS A 17 4.20 8.15 -13.12
CA LYS A 17 4.32 6.74 -12.81
C LYS A 17 5.75 6.46 -12.39
N LYS A 18 5.97 6.38 -11.10
CA LYS A 18 7.29 6.16 -10.55
C LYS A 18 7.62 4.68 -10.51
N SER A 19 8.84 4.37 -10.86
CA SER A 19 9.32 3.00 -10.95
C SER A 19 9.40 2.30 -9.60
N ASN A 20 9.81 1.03 -9.63
CA ASN A 20 9.92 0.18 -8.46
C ASN A 20 10.94 0.71 -7.45
N ALA A 21 12.05 1.25 -7.96
CA ALA A 21 13.14 1.74 -7.12
C ALA A 21 12.65 2.76 -6.08
N SER A 22 12.54 2.32 -4.84
CA SER A 22 12.11 3.15 -3.75
C SER A 22 13.06 2.96 -2.56
N ALA A 23 13.21 3.98 -1.73
CA ALA A 23 14.17 3.95 -0.63
C ALA A 23 13.68 3.12 0.56
N GLN A 24 12.76 3.67 1.36
CA GLN A 24 12.33 3.00 2.59
C GLN A 24 11.07 3.61 3.19
N SER A 25 10.57 2.97 4.22
CA SER A 25 9.47 3.47 5.01
C SER A 25 9.53 2.78 6.38
N ALA A 26 8.78 3.30 7.34
CA ALA A 26 8.79 2.72 8.68
C ALA A 26 7.56 1.84 8.86
N TRP A 27 7.75 0.67 9.44
CA TRP A 27 6.67 -0.29 9.54
C TRP A 27 5.72 0.05 10.69
N ASP A 28 4.44 0.02 10.40
CA ASP A 28 3.41 0.41 11.37
C ASP A 28 2.78 -0.84 11.98
N ILE A 29 2.18 -0.70 13.15
CA ILE A 29 1.63 -1.85 13.88
C ILE A 29 0.12 -1.98 13.69
N VAL A 30 -0.47 -1.11 12.89
CA VAL A 30 -1.89 -1.11 12.70
C VAL A 30 -2.25 -1.67 11.31
N VAL A 31 -3.16 -2.64 11.29
CA VAL A 31 -3.56 -3.33 10.06
C VAL A 31 -4.42 -2.41 9.18
N ASP A 32 -4.94 -1.36 9.79
CA ASP A 32 -5.70 -0.35 9.05
C ASP A 32 -4.77 0.65 8.41
N ASN A 33 -3.50 0.46 8.61
CA ASN A 33 -2.49 1.26 7.95
C ASN A 33 -1.73 0.42 6.98
N CYS A 34 -1.37 1.01 5.87
CA CYS A 34 -0.49 0.37 4.95
C CYS A 34 0.89 0.58 5.50
N ALA A 35 1.48 -0.45 6.03
CA ALA A 35 2.75 -0.30 6.70
C ALA A 35 3.86 -0.12 5.70
N ILE A 36 3.55 -0.44 4.47
CA ILE A 36 4.50 -0.41 3.40
C ILE A 36 4.86 1.03 3.04
N CYS A 37 3.84 1.88 2.99
CA CYS A 37 4.05 3.28 2.66
C CYS A 37 3.82 4.17 3.89
N ARG A 38 3.15 3.61 4.90
CA ARG A 38 2.86 4.26 6.19
C ARG A 38 1.63 5.15 6.08
N ASN A 39 0.78 4.84 5.13
CA ASN A 39 -0.42 5.60 4.88
C ASN A 39 -1.65 4.81 5.28
N HIS A 40 -2.75 5.50 5.49
CA HIS A 40 -3.98 4.86 5.95
C HIS A 40 -4.56 3.93 4.88
N ILE A 41 -5.21 2.87 5.34
CA ILE A 41 -5.84 1.87 4.48
C ILE A 41 -6.86 2.50 3.54
N MET A 42 -6.91 1.97 2.32
CA MET A 42 -7.88 2.34 1.30
C MET A 42 -7.93 3.87 1.11
N ASP A 43 -6.76 4.46 0.95
CA ASP A 43 -6.63 5.89 0.71
C ASP A 43 -5.44 6.11 -0.24
N LEU A 44 -5.02 7.33 -0.42
CA LEU A 44 -3.86 7.66 -1.27
C LEU A 44 -2.56 7.22 -0.62
N CYS A 45 -1.61 6.76 -1.42
CA CYS A 45 -0.31 6.35 -0.93
C CYS A 45 0.58 7.58 -0.68
N ILE A 46 1.84 7.31 -0.34
CA ILE A 46 2.86 8.34 -0.07
C ILE A 46 2.89 9.46 -1.09
N GLU A 47 3.59 9.23 -2.16
CA GLU A 47 3.74 10.18 -3.20
C GLU A 47 2.45 10.32 -3.97
N CYS A 48 1.65 9.27 -3.97
CA CYS A 48 0.45 9.20 -4.84
C CYS A 48 -0.50 10.38 -4.63
N GLN A 49 -0.69 10.79 -3.39
CA GLN A 49 -1.50 11.97 -3.11
C GLN A 49 -0.89 13.25 -3.74
N ALA A 50 0.41 13.41 -3.60
CA ALA A 50 1.14 14.54 -4.19
C ALA A 50 1.19 14.41 -5.71
N ASN A 51 1.34 13.18 -6.14
CA ASN A 51 1.49 12.79 -7.54
C ASN A 51 0.28 13.21 -8.33
N GLN A 52 -0.88 13.08 -7.69
CA GLN A 52 -2.20 13.32 -8.26
C GLN A 52 -2.71 12.07 -8.93
N ALA A 53 -3.39 11.26 -8.16
CA ALA A 53 -3.95 10.03 -8.66
C ALA A 53 -5.34 10.27 -9.20
N SER A 54 -5.42 10.62 -10.46
CA SER A 54 -6.68 10.93 -11.08
C SER A 54 -7.29 9.67 -11.68
N ALA A 55 -8.06 9.02 -10.84
CA ALA A 55 -8.76 7.80 -11.14
C ALA A 55 -9.62 7.53 -9.94
N THR A 56 -8.97 7.10 -8.88
CA THR A 56 -9.58 7.06 -7.58
C THR A 56 -8.58 7.68 -6.57
N SER A 57 -9.02 8.70 -5.85
CA SER A 57 -8.23 9.27 -4.77
C SER A 57 -8.87 8.89 -3.44
N GLU A 58 -10.04 8.30 -3.56
CA GLU A 58 -10.73 7.67 -2.45
C GLU A 58 -9.81 6.61 -1.89
N GLU A 59 -9.15 5.95 -2.80
CA GLU A 59 -8.16 4.98 -2.55
C GLU A 59 -7.26 4.96 -3.76
N CYS A 60 -5.98 4.93 -3.55
CA CYS A 60 -5.08 4.67 -4.64
C CYS A 60 -5.41 3.27 -5.18
N THR A 61 -4.90 2.26 -4.52
CA THR A 61 -5.31 0.88 -4.73
C THR A 61 -5.22 0.15 -3.39
N VAL A 62 -6.05 -0.84 -3.16
CA VAL A 62 -6.02 -1.56 -1.89
C VAL A 62 -6.28 -3.05 -2.10
N ALA A 63 -5.57 -3.87 -1.34
CA ALA A 63 -5.72 -5.30 -1.40
C ALA A 63 -5.81 -5.89 -0.03
N TRP A 64 -6.66 -6.88 0.13
CA TRP A 64 -6.83 -7.52 1.38
C TRP A 64 -6.07 -8.84 1.37
N GLY A 65 -5.46 -9.15 2.47
CA GLY A 65 -4.72 -10.36 2.61
C GLY A 65 -5.50 -11.40 3.35
N VAL A 66 -5.45 -12.64 2.88
CA VAL A 66 -6.16 -13.77 3.51
C VAL A 66 -5.62 -13.98 4.93
N CYS A 67 -4.42 -13.49 5.13
CA CYS A 67 -3.72 -13.58 6.40
C CYS A 67 -4.27 -12.54 7.40
N ASN A 68 -5.46 -11.98 7.10
CA ASN A 68 -6.13 -10.98 7.93
C ASN A 68 -5.28 -9.72 7.99
N HIS A 69 -4.72 -9.40 6.85
CA HIS A 69 -3.92 -8.22 6.70
C HIS A 69 -4.49 -7.34 5.61
N ALA A 70 -4.16 -6.07 5.65
CA ALA A 70 -4.64 -5.14 4.66
C ALA A 70 -3.54 -4.17 4.31
N PHE A 71 -3.28 -4.01 3.03
CA PHE A 71 -2.26 -3.10 2.54
C PHE A 71 -2.74 -2.45 1.26
N HIS A 72 -2.02 -1.47 0.78
CA HIS A 72 -2.34 -0.92 -0.50
C HIS A 72 -1.91 -1.90 -1.53
N PHE A 73 -2.72 -2.08 -2.55
CA PHE A 73 -2.37 -2.97 -3.61
C PHE A 73 -1.08 -2.51 -4.25
N HIS A 74 -0.97 -1.21 -4.45
CA HIS A 74 0.22 -0.60 -5.04
C HIS A 74 1.46 -0.93 -4.21
N CYS A 75 1.35 -0.73 -2.91
CA CYS A 75 2.44 -0.95 -2.02
C CYS A 75 2.75 -2.43 -1.86
N ILE A 76 1.70 -3.24 -1.72
CA ILE A 76 1.90 -4.67 -1.58
C ILE A 76 2.48 -5.27 -2.87
N SER A 77 2.09 -4.73 -4.03
CA SER A 77 2.64 -5.17 -5.32
C SER A 77 4.15 -4.95 -5.31
N ARG A 78 4.53 -3.78 -4.86
CA ARG A 78 5.88 -3.37 -4.74
C ARG A 78 6.63 -4.30 -3.77
N TRP A 79 5.99 -4.59 -2.66
CA TRP A 79 6.53 -5.46 -1.67
C TRP A 79 6.71 -6.85 -2.23
N LEU A 80 5.70 -7.33 -2.90
CA LEU A 80 5.67 -8.65 -3.46
C LEU A 80 6.62 -8.81 -4.64
N LYS A 81 6.97 -7.70 -5.26
CA LYS A 81 7.97 -7.74 -6.32
C LYS A 81 9.28 -8.19 -5.72
N THR A 82 9.59 -7.72 -4.53
CA THR A 82 10.85 -8.09 -3.89
C THR A 82 10.69 -9.18 -2.77
N ARG A 83 9.47 -9.43 -2.31
CA ARG A 83 9.21 -10.34 -1.19
C ARG A 83 7.98 -11.15 -1.45
N GLN A 84 7.89 -12.29 -0.82
CA GLN A 84 6.78 -13.20 -1.04
C GLN A 84 5.98 -13.46 0.22
N VAL A 85 6.36 -12.79 1.28
CA VAL A 85 5.77 -12.98 2.59
C VAL A 85 5.31 -11.67 3.17
N CYS A 86 4.37 -11.71 4.11
CA CYS A 86 3.88 -10.54 4.82
C CYS A 86 5.03 -9.70 5.33
N PRO A 87 4.94 -8.38 5.16
CA PRO A 87 5.94 -7.45 5.64
C PRO A 87 5.95 -7.38 7.16
N LEU A 88 4.87 -7.88 7.75
CA LEU A 88 4.70 -7.83 9.16
C LEU A 88 4.96 -9.22 9.76
N ASP A 89 4.41 -10.23 9.11
CA ASP A 89 4.40 -11.58 9.67
C ASP A 89 5.59 -12.43 9.26
N ASN A 90 6.12 -12.18 8.05
CA ASN A 90 7.09 -13.11 7.41
C ASN A 90 6.39 -14.47 7.21
N ARG A 91 5.15 -14.35 6.83
CA ARG A 91 4.22 -15.41 6.54
C ARG A 91 3.82 -15.22 5.11
N GLU A 92 3.56 -16.28 4.39
CA GLU A 92 3.30 -16.13 2.96
C GLU A 92 2.08 -15.27 2.69
N TRP A 93 2.26 -14.23 1.89
CA TRP A 93 1.21 -13.33 1.59
C TRP A 93 0.26 -13.95 0.56
N GLU A 94 -1.01 -13.98 0.89
CA GLU A 94 -2.02 -14.44 -0.03
C GLU A 94 -3.09 -13.37 -0.21
N PHE A 95 -3.52 -13.16 -1.44
CA PHE A 95 -4.52 -12.14 -1.74
C PHE A 95 -5.91 -12.66 -1.50
N GLN A 96 -6.61 -12.01 -0.59
CA GLN A 96 -8.02 -12.29 -0.41
C GLN A 96 -8.78 -11.63 -1.53
N LYS A 97 -8.46 -10.38 -1.77
CA LYS A 97 -9.02 -9.59 -2.83
C LYS A 97 -7.96 -8.60 -3.29
N TYR A 98 -7.68 -8.56 -4.57
CA TYR A 98 -6.74 -7.60 -5.10
C TYR A 98 -7.46 -6.46 -5.82
N GLY A 99 -8.74 -6.65 -6.02
CA GLY A 99 -9.55 -5.64 -6.66
C GLY A 99 -10.84 -6.21 -7.17
N HIS A 100 -11.84 -5.36 -7.29
CA HIS A 100 -13.12 -5.80 -7.80
C HIS A 100 -13.33 -5.33 -9.23
ZN ZN B . 0.53 1.91 0.92
ZN ZN C . -0.29 4.47 -4.71
ZN ZN D . 0.07 -11.86 7.60
N GLY A 1 32.69 -13.70 10.18
CA GLY A 1 31.48 -14.48 10.14
C GLY A 1 30.99 -14.76 11.52
N GLY A 2 29.71 -14.56 11.75
CA GLY A 2 29.15 -14.79 13.05
C GLY A 2 29.27 -13.57 13.94
N GLY A 3 30.48 -13.34 14.44
CA GLY A 3 30.71 -12.25 15.35
C GLY A 3 30.37 -12.62 16.77
N GLY A 4 30.36 -13.92 17.03
CA GLY A 4 30.02 -14.41 18.34
C GLY A 4 28.54 -14.66 18.47
N THR A 5 28.06 -14.71 19.70
CA THR A 5 26.67 -14.94 19.96
C THR A 5 26.03 -13.73 20.66
N ASN A 6 25.10 -13.10 19.98
CA ASN A 6 24.42 -11.91 20.50
C ASN A 6 23.07 -12.23 21.09
N SER A 7 22.58 -13.43 20.83
CA SER A 7 21.26 -13.83 21.30
C SER A 7 21.28 -15.31 21.68
N GLY A 8 20.13 -15.83 22.06
CA GLY A 8 20.04 -17.22 22.43
C GLY A 8 18.85 -17.49 23.31
N ALA A 9 18.99 -17.24 24.58
CA ALA A 9 17.94 -17.48 25.53
C ALA A 9 17.65 -16.22 26.32
N GLY A 10 16.38 -15.98 26.58
CA GLY A 10 15.99 -14.83 27.38
C GLY A 10 15.56 -13.65 26.53
N LYS A 11 15.63 -13.81 25.22
CA LYS A 11 15.24 -12.74 24.31
C LYS A 11 13.73 -12.59 24.32
N LYS A 12 13.28 -11.40 24.67
CA LYS A 12 11.88 -11.12 24.78
C LYS A 12 11.40 -10.33 23.58
N ARG A 13 10.11 -10.35 23.36
CA ARG A 13 9.46 -9.71 22.24
C ARG A 13 9.67 -8.20 22.31
N PHE A 14 9.59 -7.68 23.53
CA PHE A 14 9.60 -6.25 23.82
C PHE A 14 8.32 -5.63 23.33
N GLU A 15 7.33 -5.67 24.19
CA GLU A 15 5.98 -5.32 23.84
C GLU A 15 5.69 -3.87 24.13
N VAL A 16 4.98 -3.23 23.21
CA VAL A 16 4.55 -1.86 23.37
C VAL A 16 3.25 -1.88 24.15
N LYS A 17 3.15 -1.02 25.14
CA LYS A 17 1.98 -0.98 25.99
C LYS A 17 0.78 -0.48 25.17
N LYS A 18 -0.30 -1.25 25.19
CA LYS A 18 -1.45 -0.96 24.36
C LYS A 18 -2.31 0.15 24.94
N SER A 19 -2.91 0.93 24.08
CA SER A 19 -3.79 2.00 24.50
C SER A 19 -4.98 2.08 23.54
N ASN A 20 -6.10 2.61 24.01
CA ASN A 20 -7.28 2.75 23.16
C ASN A 20 -7.03 3.75 22.05
N ALA A 21 -6.36 4.83 22.39
CA ALA A 21 -6.04 5.86 21.43
C ALA A 21 -4.57 5.77 21.05
N SER A 22 -4.28 5.18 19.93
CA SER A 22 -2.92 5.05 19.46
C SER A 22 -2.81 5.69 18.08
N ALA A 23 -2.56 6.99 18.05
CA ALA A 23 -2.49 7.73 16.83
C ALA A 23 -1.09 7.72 16.24
N GLN A 24 -0.10 7.62 17.12
CA GLN A 24 1.29 7.62 16.68
C GLN A 24 1.70 6.21 16.27
N SER A 25 1.90 6.01 14.99
CA SER A 25 2.26 4.72 14.49
C SER A 25 3.78 4.54 14.50
N ALA A 26 4.23 3.51 15.18
CA ALA A 26 5.65 3.23 15.29
C ALA A 26 5.96 1.90 14.63
N TRP A 27 5.44 0.84 15.20
CA TRP A 27 5.60 -0.50 14.69
C TRP A 27 4.24 -1.17 14.73
N ASP A 28 3.24 -0.40 14.42
CA ASP A 28 1.85 -0.82 14.52
C ASP A 28 1.56 -1.92 13.51
N ILE A 29 0.91 -2.97 13.99
CA ILE A 29 0.53 -4.09 13.15
C ILE A 29 -0.92 -3.99 12.73
N VAL A 30 -1.58 -2.92 13.15
CA VAL A 30 -2.96 -2.66 12.77
C VAL A 30 -2.99 -2.28 11.30
N VAL A 31 -3.88 -2.90 10.55
CA VAL A 31 -3.87 -2.72 9.10
C VAL A 31 -4.84 -1.64 8.63
N ASP A 32 -5.11 -0.69 9.50
CA ASP A 32 -5.85 0.53 9.14
C ASP A 32 -4.92 1.51 8.46
N ASN A 33 -3.66 1.19 8.48
CA ASN A 33 -2.71 1.91 7.71
C ASN A 33 -1.84 0.94 6.95
N CYS A 34 -1.52 1.30 5.73
CA CYS A 34 -0.63 0.52 4.92
C CYS A 34 0.73 0.64 5.53
N ALA A 35 1.29 -0.43 5.99
CA ALA A 35 2.55 -0.34 6.70
C ALA A 35 3.69 -0.11 5.73
N ILE A 36 3.43 -0.41 4.48
CA ILE A 36 4.44 -0.39 3.45
C ILE A 36 4.86 1.06 3.13
N CYS A 37 3.86 1.93 3.00
CA CYS A 37 4.09 3.35 2.77
C CYS A 37 3.86 4.11 4.05
N ARG A 38 3.15 3.47 4.97
CA ARG A 38 2.76 4.02 6.24
C ARG A 38 1.77 5.17 6.11
N ASN A 39 0.77 4.96 5.26
CA ASN A 39 -0.35 5.92 5.16
C ASN A 39 -1.65 5.15 5.38
N HIS A 40 -2.73 5.87 5.61
CA HIS A 40 -4.01 5.27 5.99
C HIS A 40 -4.52 4.25 4.94
N ILE A 41 -5.23 3.24 5.43
CA ILE A 41 -5.75 2.13 4.64
C ILE A 41 -6.63 2.61 3.49
N MET A 42 -6.54 1.90 2.36
CA MET A 42 -7.40 2.10 1.17
C MET A 42 -7.57 3.57 0.78
N ASP A 43 -6.52 4.33 0.93
CA ASP A 43 -6.49 5.73 0.54
C ASP A 43 -5.36 5.91 -0.47
N LEU A 44 -5.06 7.12 -0.82
CA LEU A 44 -3.89 7.46 -1.61
C LEU A 44 -2.64 7.17 -0.81
N CYS A 45 -1.57 6.77 -1.46
CA CYS A 45 -0.32 6.53 -0.76
C CYS A 45 0.38 7.85 -0.48
N ILE A 46 1.56 7.76 0.10
CA ILE A 46 2.30 8.94 0.55
C ILE A 46 2.64 9.88 -0.60
N GLU A 47 3.16 9.32 -1.66
CA GLU A 47 3.54 10.11 -2.79
C GLU A 47 2.37 10.27 -3.67
N CYS A 48 1.55 9.24 -3.68
CA CYS A 48 0.43 9.15 -4.60
C CYS A 48 -0.56 10.30 -4.46
N GLN A 49 -0.79 10.74 -3.23
CA GLN A 49 -1.62 11.91 -2.99
C GLN A 49 -0.99 13.19 -3.57
N ALA A 50 0.31 13.34 -3.40
CA ALA A 50 1.05 14.47 -3.97
C ALA A 50 1.14 14.34 -5.48
N ASN A 51 1.32 13.10 -5.89
CA ASN A 51 1.45 12.69 -7.28
C ASN A 51 0.18 13.00 -8.04
N GLN A 52 -0.95 12.76 -7.36
CA GLN A 52 -2.27 12.96 -7.91
C GLN A 52 -2.46 12.12 -9.16
N ALA A 53 -2.38 10.81 -8.97
CA ALA A 53 -2.59 9.88 -10.05
C ALA A 53 -4.06 9.87 -10.43
N SER A 54 -4.34 9.83 -11.70
CA SER A 54 -5.70 9.81 -12.15
C SER A 54 -6.09 8.41 -12.59
N ALA A 55 -6.76 7.71 -11.70
CA ALA A 55 -7.27 6.38 -11.94
C ALA A 55 -8.22 6.06 -10.81
N THR A 56 -7.67 5.87 -9.64
CA THR A 56 -8.43 5.78 -8.43
C THR A 56 -7.77 6.63 -7.34
N SER A 57 -8.52 7.57 -6.79
CA SER A 57 -8.04 8.37 -5.67
C SER A 57 -8.88 8.08 -4.44
N GLU A 58 -9.95 7.32 -4.62
CA GLU A 58 -10.78 6.86 -3.52
C GLU A 58 -9.90 5.95 -2.68
N GLU A 59 -9.07 5.25 -3.40
CA GLU A 59 -8.02 4.45 -2.93
C GLU A 59 -7.00 4.45 -4.03
N CYS A 60 -5.74 4.57 -3.71
CA CYS A 60 -4.71 4.41 -4.75
C CYS A 60 -4.93 3.04 -5.39
N THR A 61 -4.96 2.05 -4.51
CA THR A 61 -5.43 0.68 -4.72
C THR A 61 -5.23 -0.05 -3.39
N VAL A 62 -6.09 -0.98 -3.06
CA VAL A 62 -5.94 -1.71 -1.82
C VAL A 62 -6.16 -3.21 -2.04
N ALA A 63 -5.46 -4.01 -1.28
CA ALA A 63 -5.61 -5.45 -1.33
C ALA A 63 -5.66 -6.02 0.06
N TRP A 64 -6.49 -7.02 0.25
CA TRP A 64 -6.62 -7.64 1.52
C TRP A 64 -5.88 -8.95 1.51
N GLY A 65 -5.26 -9.26 2.59
CA GLY A 65 -4.55 -10.48 2.72
C GLY A 65 -5.36 -11.49 3.47
N VAL A 66 -5.27 -12.74 3.04
CA VAL A 66 -6.04 -13.84 3.66
C VAL A 66 -5.63 -13.98 5.13
N CYS A 67 -4.42 -13.54 5.40
CA CYS A 67 -3.81 -13.59 6.71
C CYS A 67 -4.36 -12.46 7.61
N ASN A 68 -5.52 -11.91 7.22
CA ASN A 68 -6.19 -10.83 7.92
C ASN A 68 -5.34 -9.58 7.93
N HIS A 69 -4.65 -9.40 6.84
CA HIS A 69 -3.85 -8.23 6.64
C HIS A 69 -4.44 -7.36 5.57
N ALA A 70 -4.04 -6.12 5.56
CA ALA A 70 -4.51 -5.20 4.56
C ALA A 70 -3.40 -4.24 4.22
N PHE A 71 -3.11 -4.13 2.95
CA PHE A 71 -2.09 -3.22 2.47
C PHE A 71 -2.58 -2.59 1.20
N HIS A 72 -1.91 -1.57 0.73
CA HIS A 72 -2.25 -1.02 -0.53
C HIS A 72 -1.83 -1.98 -1.59
N PHE A 73 -2.66 -2.17 -2.58
CA PHE A 73 -2.33 -3.05 -3.68
C PHE A 73 -1.07 -2.55 -4.34
N HIS A 74 -0.98 -1.25 -4.52
CA HIS A 74 0.21 -0.63 -5.09
C HIS A 74 1.45 -0.97 -4.27
N CYS A 75 1.37 -0.76 -2.98
CA CYS A 75 2.50 -0.97 -2.10
C CYS A 75 2.84 -2.45 -2.00
N ILE A 76 1.80 -3.27 -1.83
CA ILE A 76 2.00 -4.70 -1.70
C ILE A 76 2.55 -5.30 -3.01
N SER A 77 2.12 -4.76 -4.15
CA SER A 77 2.64 -5.22 -5.45
C SER A 77 4.14 -5.00 -5.54
N ARG A 78 4.59 -3.83 -5.12
CA ARG A 78 6.01 -3.51 -5.10
C ARG A 78 6.72 -4.48 -4.15
N TRP A 79 6.07 -4.71 -3.02
CA TRP A 79 6.57 -5.56 -1.99
C TRP A 79 6.72 -6.98 -2.49
N LEU A 80 5.69 -7.48 -3.11
CA LEU A 80 5.62 -8.84 -3.60
C LEU A 80 6.58 -9.13 -4.73
N LYS A 81 6.88 -8.14 -5.50
CA LYS A 81 7.86 -8.29 -6.54
C LYS A 81 9.24 -8.57 -5.95
N THR A 82 9.53 -7.96 -4.80
CA THR A 82 10.81 -8.21 -4.13
C THR A 82 10.69 -9.21 -2.94
N ARG A 83 9.48 -9.53 -2.50
CA ARG A 83 9.22 -10.35 -1.30
C ARG A 83 7.99 -11.20 -1.51
N GLN A 84 7.93 -12.32 -0.85
CA GLN A 84 6.80 -13.22 -1.01
C GLN A 84 6.04 -13.42 0.27
N VAL A 85 6.42 -12.69 1.28
CA VAL A 85 5.86 -12.85 2.60
C VAL A 85 5.32 -11.56 3.12
N CYS A 86 4.39 -11.64 4.07
CA CYS A 86 3.85 -10.49 4.74
C CYS A 86 4.98 -9.72 5.41
N PRO A 87 4.98 -8.39 5.30
CA PRO A 87 5.98 -7.55 5.99
C PRO A 87 5.90 -7.78 7.49
N LEU A 88 4.68 -7.93 7.95
CA LEU A 88 4.36 -8.02 9.36
C LEU A 88 4.46 -9.48 9.82
N ASP A 89 3.74 -10.35 9.12
CA ASP A 89 3.63 -11.78 9.50
C ASP A 89 4.91 -12.52 9.22
N ASN A 90 5.56 -12.13 8.12
CA ASN A 90 6.67 -12.89 7.53
C ASN A 90 6.21 -14.31 7.19
N ARG A 91 5.03 -14.37 6.61
CA ARG A 91 4.41 -15.60 6.15
C ARG A 91 4.02 -15.35 4.72
N GLU A 92 3.98 -16.37 3.87
CA GLU A 92 3.70 -16.13 2.46
C GLU A 92 2.38 -15.37 2.29
N TRP A 93 2.46 -14.27 1.57
CA TRP A 93 1.31 -13.40 1.38
C TRP A 93 0.35 -13.99 0.37
N GLU A 94 -0.92 -14.02 0.73
CA GLU A 94 -1.96 -14.41 -0.17
C GLU A 94 -3.01 -13.32 -0.28
N PHE A 95 -3.54 -13.14 -1.47
CA PHE A 95 -4.55 -12.13 -1.71
C PHE A 95 -5.91 -12.69 -1.43
N GLN A 96 -6.57 -12.13 -0.43
CA GLN A 96 -7.95 -12.48 -0.17
C GLN A 96 -8.77 -11.86 -1.28
N LYS A 97 -8.49 -10.59 -1.53
CA LYS A 97 -9.00 -9.79 -2.62
C LYS A 97 -7.96 -8.76 -3.00
N TYR A 98 -8.06 -8.21 -4.16
CA TYR A 98 -7.10 -7.25 -4.63
C TYR A 98 -7.79 -6.08 -5.27
N GLY A 99 -7.05 -5.00 -5.48
CA GLY A 99 -7.63 -3.80 -6.04
C GLY A 99 -8.11 -3.98 -7.45
N HIS A 100 -9.42 -4.14 -7.60
CA HIS A 100 -10.03 -4.24 -8.89
C HIS A 100 -10.77 -2.94 -9.23
ZN ZN B . 0.58 1.95 0.93
ZN ZN C . 0.03 4.41 -4.40
ZN ZN D . -0.21 -11.79 6.86
N GLY A 1 -6.00 21.60 -10.22
CA GLY A 1 -6.46 20.30 -9.80
C GLY A 1 -7.84 19.99 -10.32
N GLY A 2 -8.73 19.56 -9.44
CA GLY A 2 -10.08 19.29 -9.82
C GLY A 2 -11.07 19.86 -8.83
N GLY A 3 -12.16 20.39 -9.32
CA GLY A 3 -13.18 20.95 -8.46
C GLY A 3 -14.33 20.01 -8.28
N GLY A 4 -15.18 20.29 -7.30
CA GLY A 4 -16.35 19.45 -7.05
C GLY A 4 -15.96 18.03 -6.73
N THR A 5 -14.92 17.87 -5.95
CA THR A 5 -14.35 16.57 -5.66
C THR A 5 -15.28 15.71 -4.78
N ASN A 6 -15.61 14.54 -5.28
CA ASN A 6 -16.39 13.56 -4.53
C ASN A 6 -15.67 12.23 -4.54
N SER A 7 -15.79 11.49 -3.47
CA SER A 7 -15.12 10.22 -3.35
C SER A 7 -16.11 9.05 -3.38
N GLY A 8 -15.90 8.15 -4.34
CA GLY A 8 -16.76 6.99 -4.47
C GLY A 8 -15.96 5.75 -4.80
N ALA A 9 -16.11 4.72 -3.97
CA ALA A 9 -15.40 3.46 -4.17
C ALA A 9 -15.98 2.69 -5.36
N GLY A 10 -15.16 1.88 -5.98
CA GLY A 10 -15.61 1.10 -7.11
C GLY A 10 -15.13 1.68 -8.41
N LYS A 11 -13.88 2.10 -8.42
CA LYS A 11 -13.29 2.70 -9.60
C LYS A 11 -12.08 1.92 -10.09
N LYS A 12 -12.07 1.64 -11.37
CA LYS A 12 -10.93 1.01 -12.01
C LYS A 12 -10.34 1.98 -13.02
N ARG A 13 -9.23 2.58 -12.65
CA ARG A 13 -8.59 3.58 -13.48
C ARG A 13 -7.19 3.10 -13.80
N PHE A 14 -6.53 3.73 -14.76
CA PHE A 14 -5.13 3.41 -15.00
C PHE A 14 -4.34 3.82 -13.77
N GLU A 15 -3.58 2.90 -13.24
CA GLU A 15 -2.97 3.08 -11.95
C GLU A 15 -1.48 3.13 -12.06
N VAL A 16 -0.83 3.35 -10.95
CA VAL A 16 0.59 3.26 -10.89
C VAL A 16 0.98 2.25 -9.82
N LYS A 17 1.73 1.25 -10.24
CA LYS A 17 2.25 0.28 -9.31
C LYS A 17 3.77 0.22 -9.36
N LYS A 18 4.34 1.30 -9.83
CA LYS A 18 5.76 1.52 -9.82
C LYS A 18 6.07 2.51 -8.71
N SER A 19 7.12 2.26 -7.95
CA SER A 19 7.57 3.18 -6.93
C SER A 19 9.07 3.09 -6.78
N ASN A 20 9.74 4.19 -6.98
CA ASN A 20 11.17 4.26 -6.77
C ASN A 20 11.49 5.32 -5.75
N ALA A 21 11.65 4.89 -4.52
CA ALA A 21 11.99 5.78 -3.43
C ALA A 21 12.67 5.00 -2.33
N SER A 22 13.61 5.62 -1.69
CA SER A 22 14.32 5.00 -0.60
C SER A 22 13.46 5.08 0.64
N ALA A 23 12.68 4.04 0.86
CA ALA A 23 11.76 3.99 1.97
C ALA A 23 11.45 2.55 2.31
N GLN A 24 11.14 2.32 3.55
CA GLN A 24 10.81 1.00 4.03
C GLN A 24 9.43 1.01 4.63
N SER A 25 9.26 1.84 5.68
CA SER A 25 7.97 2.12 6.34
C SER A 25 7.26 0.90 6.99
N ALA A 26 7.44 -0.28 6.41
CA ALA A 26 6.76 -1.48 6.84
C ALA A 26 7.26 -1.96 8.20
N TRP A 27 6.63 -1.45 9.23
CA TRP A 27 6.88 -1.85 10.60
C TRP A 27 5.55 -2.01 11.33
N ASP A 28 5.61 -2.10 12.66
CA ASP A 28 4.41 -2.34 13.48
C ASP A 28 3.41 -1.21 13.36
N ILE A 29 2.25 -1.54 12.82
CA ILE A 29 1.15 -0.61 12.64
C ILE A 29 -0.15 -1.25 13.10
N VAL A 30 -1.18 -0.45 13.18
CA VAL A 30 -2.53 -0.94 13.35
C VAL A 30 -3.00 -1.39 11.97
N VAL A 31 -3.62 -2.56 11.86
CA VAL A 31 -4.02 -3.06 10.55
C VAL A 31 -5.28 -2.34 10.05
N ASP A 32 -5.08 -1.07 9.76
CA ASP A 32 -6.04 -0.19 9.13
C ASP A 32 -5.22 0.87 8.42
N ASN A 33 -3.96 0.55 8.25
CA ASN A 33 -3.03 1.40 7.55
C ASN A 33 -2.19 0.54 6.65
N CYS A 34 -1.64 1.14 5.63
CA CYS A 34 -0.72 0.45 4.78
C CYS A 34 0.63 0.60 5.42
N ALA A 35 1.25 -0.49 5.77
CA ALA A 35 2.54 -0.43 6.45
C ALA A 35 3.60 0.05 5.49
N ILE A 36 3.43 -0.36 4.25
CA ILE A 36 4.46 -0.25 3.22
C ILE A 36 4.77 1.20 2.88
N CYS A 37 3.73 2.00 2.74
CA CYS A 37 3.91 3.44 2.54
C CYS A 37 3.73 4.12 3.89
N ARG A 38 3.15 3.38 4.80
CA ARG A 38 2.78 3.81 6.14
C ARG A 38 1.84 5.00 6.09
N ASN A 39 0.76 4.80 5.34
CA ASN A 39 -0.33 5.75 5.28
C ASN A 39 -1.63 4.99 5.52
N HIS A 40 -2.77 5.64 5.45
CA HIS A 40 -4.04 5.00 5.85
C HIS A 40 -4.42 3.84 4.91
N ILE A 41 -5.28 2.94 5.40
CA ILE A 41 -5.61 1.68 4.72
C ILE A 41 -6.12 1.89 3.31
N MET A 42 -7.06 2.75 3.14
CA MET A 42 -7.66 2.90 1.86
C MET A 42 -7.72 4.36 1.49
N ASP A 43 -6.68 4.81 0.83
CA ASP A 43 -6.55 6.19 0.38
C ASP A 43 -5.33 6.25 -0.54
N LEU A 44 -4.83 7.43 -0.77
CA LEU A 44 -3.64 7.65 -1.58
C LEU A 44 -2.38 7.26 -0.78
N CYS A 45 -1.38 6.74 -1.47
CA CYS A 45 -0.12 6.33 -0.84
C CYS A 45 0.80 7.55 -0.67
N ILE A 46 2.09 7.28 -0.42
CA ILE A 46 3.14 8.29 -0.23
C ILE A 46 3.11 9.46 -1.23
N GLU A 47 3.76 9.28 -2.35
CA GLU A 47 3.83 10.29 -3.38
C GLU A 47 2.50 10.40 -4.07
N CYS A 48 1.73 9.34 -3.97
CA CYS A 48 0.46 9.24 -4.67
C CYS A 48 -0.50 10.34 -4.28
N GLN A 49 -0.57 10.67 -2.99
CA GLN A 49 -1.41 11.76 -2.55
C GLN A 49 -0.99 13.08 -3.15
N ALA A 50 0.30 13.30 -3.25
CA ALA A 50 0.81 14.51 -3.84
C ALA A 50 0.54 14.53 -5.34
N ASN A 51 0.88 13.44 -6.01
CA ASN A 51 0.71 13.32 -7.44
C ASN A 51 -0.76 13.36 -7.87
N GLN A 52 -1.61 12.62 -7.14
CA GLN A 52 -3.04 12.46 -7.46
C GLN A 52 -3.24 11.84 -8.87
N ALA A 53 -2.13 11.39 -9.45
CA ALA A 53 -2.08 10.84 -10.79
C ALA A 53 -2.87 9.54 -10.92
N SER A 54 -3.01 8.83 -9.82
CA SER A 54 -3.70 7.55 -9.80
C SER A 54 -5.19 7.73 -10.13
N ALA A 55 -5.67 8.98 -10.01
CA ALA A 55 -7.09 9.35 -10.21
C ALA A 55 -7.94 8.91 -9.03
N THR A 56 -7.83 7.65 -8.68
CA THR A 56 -8.51 7.12 -7.54
C THR A 56 -7.83 7.58 -6.26
N SER A 57 -8.52 8.43 -5.53
CA SER A 57 -8.02 8.94 -4.27
C SER A 57 -8.72 8.21 -3.16
N GLU A 58 -9.82 7.59 -3.52
CA GLU A 58 -10.61 6.77 -2.65
C GLU A 58 -9.73 5.63 -2.18
N GLU A 59 -8.94 5.17 -3.09
CA GLU A 59 -7.91 4.24 -2.89
C GLU A 59 -6.95 4.44 -4.02
N CYS A 60 -5.69 4.61 -3.74
CA CYS A 60 -4.72 4.56 -4.81
C CYS A 60 -4.82 3.18 -5.43
N THR A 61 -4.91 2.21 -4.54
CA THR A 61 -5.17 0.81 -4.82
C THR A 61 -5.10 0.05 -3.48
N VAL A 62 -6.03 -0.83 -3.21
CA VAL A 62 -6.04 -1.59 -1.95
C VAL A 62 -6.29 -3.07 -2.20
N ALA A 63 -5.73 -3.92 -1.34
CA ALA A 63 -5.97 -5.35 -1.41
C ALA A 63 -5.93 -5.94 -0.02
N TRP A 64 -6.76 -6.94 0.22
CA TRP A 64 -6.82 -7.57 1.50
C TRP A 64 -6.03 -8.85 1.47
N GLY A 65 -5.38 -9.16 2.55
CA GLY A 65 -4.62 -10.35 2.67
C GLY A 65 -5.35 -11.41 3.43
N VAL A 66 -5.24 -12.65 2.98
CA VAL A 66 -5.86 -13.79 3.63
C VAL A 66 -5.29 -13.97 5.03
N CYS A 67 -4.07 -13.47 5.18
CA CYS A 67 -3.32 -13.56 6.42
C CYS A 67 -3.79 -12.46 7.41
N ASN A 68 -5.07 -12.04 7.26
CA ASN A 68 -5.73 -11.07 8.14
C ASN A 68 -4.98 -9.76 8.10
N HIS A 69 -4.54 -9.43 6.92
CA HIS A 69 -3.79 -8.25 6.71
C HIS A 69 -4.39 -7.40 5.64
N ALA A 70 -4.04 -6.15 5.62
CA ALA A 70 -4.57 -5.25 4.65
C ALA A 70 -3.52 -4.21 4.29
N PHE A 71 -3.28 -4.06 3.00
CA PHE A 71 -2.28 -3.13 2.50
C PHE A 71 -2.77 -2.53 1.22
N HIS A 72 -2.07 -1.55 0.71
CA HIS A 72 -2.40 -1.00 -0.57
C HIS A 72 -1.97 -1.97 -1.61
N PHE A 73 -2.79 -2.18 -2.61
CA PHE A 73 -2.46 -3.06 -3.70
C PHE A 73 -1.19 -2.56 -4.38
N HIS A 74 -1.10 -1.24 -4.55
CA HIS A 74 0.11 -0.61 -5.12
C HIS A 74 1.35 -0.97 -4.30
N CYS A 75 1.24 -0.77 -3.01
CA CYS A 75 2.35 -0.96 -2.12
C CYS A 75 2.68 -2.44 -1.95
N ILE A 76 1.65 -3.26 -1.81
CA ILE A 76 1.87 -4.68 -1.63
C ILE A 76 2.47 -5.32 -2.89
N SER A 77 2.10 -4.80 -4.07
CA SER A 77 2.69 -5.26 -5.34
C SER A 77 4.18 -5.02 -5.34
N ARG A 78 4.54 -3.84 -4.90
CA ARG A 78 5.89 -3.41 -4.76
C ARG A 78 6.63 -4.31 -3.78
N TRP A 79 5.98 -4.62 -2.68
CA TRP A 79 6.53 -5.48 -1.67
C TRP A 79 6.71 -6.88 -2.23
N LEU A 80 5.69 -7.39 -2.86
CA LEU A 80 5.66 -8.74 -3.39
C LEU A 80 6.60 -8.96 -4.54
N LYS A 81 6.86 -7.92 -5.31
CA LYS A 81 7.85 -8.02 -6.36
C LYS A 81 9.23 -8.28 -5.76
N THR A 82 9.49 -7.71 -4.60
CA THR A 82 10.76 -7.97 -3.95
C THR A 82 10.66 -9.10 -2.86
N ARG A 83 9.50 -9.30 -2.25
CA ARG A 83 9.33 -10.28 -1.16
C ARG A 83 8.12 -11.18 -1.37
N GLN A 84 8.19 -12.38 -0.82
CA GLN A 84 7.10 -13.37 -0.95
C GLN A 84 6.22 -13.43 0.30
N VAL A 85 6.65 -12.78 1.36
CA VAL A 85 6.02 -12.96 2.66
C VAL A 85 5.51 -11.64 3.21
N CYS A 86 4.53 -11.72 4.13
CA CYS A 86 4.00 -10.55 4.83
C CYS A 86 5.13 -9.72 5.42
N PRO A 87 5.08 -8.40 5.25
CA PRO A 87 6.10 -7.51 5.80
C PRO A 87 6.05 -7.50 7.32
N LEU A 88 4.92 -7.91 7.85
CA LEU A 88 4.68 -7.89 9.26
C LEU A 88 4.84 -9.29 9.84
N ASP A 89 4.23 -10.28 9.17
CA ASP A 89 4.18 -11.65 9.70
C ASP A 89 5.33 -12.51 9.24
N ASN A 90 5.92 -12.15 8.11
CA ASN A 90 6.92 -12.99 7.42
C ASN A 90 6.35 -14.37 7.08
N ARG A 91 5.06 -14.41 6.80
CA ARG A 91 4.37 -15.61 6.34
C ARG A 91 4.11 -15.39 4.88
N GLU A 92 4.04 -16.43 4.08
CA GLU A 92 3.84 -16.21 2.65
C GLU A 92 2.52 -15.48 2.41
N TRP A 93 2.59 -14.37 1.70
CA TRP A 93 1.45 -13.51 1.51
C TRP A 93 0.46 -14.12 0.52
N GLU A 94 -0.82 -14.03 0.86
CA GLU A 94 -1.88 -14.49 -0.01
C GLU A 94 -2.93 -13.41 -0.16
N PHE A 95 -3.40 -13.19 -1.39
CA PHE A 95 -4.44 -12.19 -1.65
C PHE A 95 -5.79 -12.75 -1.29
N GLN A 96 -6.56 -11.98 -0.57
CA GLN A 96 -7.91 -12.35 -0.20
C GLN A 96 -8.89 -11.86 -1.25
N LYS A 97 -8.93 -10.55 -1.43
CA LYS A 97 -9.79 -9.90 -2.40
C LYS A 97 -9.33 -8.45 -2.52
N TYR A 98 -9.51 -7.82 -3.67
CA TYR A 98 -9.04 -6.44 -3.82
C TYR A 98 -10.08 -5.42 -3.32
N GLY A 99 -11.30 -5.87 -3.13
CA GLY A 99 -12.35 -4.98 -2.71
C GLY A 99 -13.12 -5.52 -1.54
N HIS A 100 -13.70 -4.62 -0.77
CA HIS A 100 -14.53 -5.00 0.37
C HIS A 100 -16.00 -4.94 -0.02
ZN ZN B . 0.40 2.04 0.78
ZN ZN C . -0.11 4.59 -4.56
ZN ZN D . 0.07 -11.77 7.57
N GLY A 1 -9.98 -16.82 -1.46
CA GLY A 1 -8.98 -15.88 -1.91
C GLY A 1 -8.77 -15.93 -3.42
N GLY A 2 -8.15 -14.91 -3.94
CA GLY A 2 -7.91 -14.83 -5.35
C GLY A 2 -6.51 -14.37 -5.66
N GLY A 3 -6.40 -13.45 -6.57
CA GLY A 3 -5.11 -12.94 -6.97
C GLY A 3 -5.03 -12.84 -8.46
N GLY A 4 -5.67 -13.79 -9.13
CA GLY A 4 -5.74 -13.79 -10.57
C GLY A 4 -4.37 -13.86 -11.23
N THR A 5 -4.20 -13.05 -12.23
CA THR A 5 -2.97 -12.99 -12.95
C THR A 5 -2.73 -11.55 -13.42
N ASN A 6 -1.48 -11.21 -13.64
CA ASN A 6 -1.11 -9.87 -14.06
C ASN A 6 -1.22 -9.74 -15.56
N SER A 7 -2.32 -9.17 -16.01
CA SER A 7 -2.56 -8.93 -17.41
C SER A 7 -1.91 -7.62 -17.84
N GLY A 8 -1.37 -7.62 -19.04
CA GLY A 8 -0.74 -6.43 -19.56
C GLY A 8 -0.63 -6.46 -21.06
N ALA A 9 -1.78 -6.34 -21.73
CA ALA A 9 -1.81 -6.31 -23.19
C ALA A 9 -1.08 -5.09 -23.74
N GLY A 10 -1.24 -3.95 -23.07
CA GLY A 10 -0.60 -2.75 -23.52
C GLY A 10 -0.69 -1.66 -22.48
N LYS A 11 0.19 -1.71 -21.49
CA LYS A 11 0.22 -0.71 -20.45
C LYS A 11 1.66 -0.33 -20.11
N LYS A 12 1.86 0.88 -19.69
CA LYS A 12 3.20 1.38 -19.41
C LYS A 12 3.60 1.07 -17.99
N ARG A 13 4.88 0.87 -17.78
CA ARG A 13 5.40 0.72 -16.46
C ARG A 13 6.75 1.41 -16.37
N PHE A 14 7.10 1.84 -15.20
CA PHE A 14 8.39 2.44 -14.96
C PHE A 14 9.01 1.78 -13.75
N GLU A 15 10.31 1.60 -13.77
CA GLU A 15 11.00 1.13 -12.61
C GLU A 15 11.23 2.28 -11.66
N VAL A 16 11.54 2.00 -10.42
CA VAL A 16 11.68 3.06 -9.45
C VAL A 16 13.02 3.81 -9.55
N LYS A 17 13.09 4.69 -10.55
CA LYS A 17 14.20 5.63 -10.72
C LYS A 17 14.22 6.63 -9.57
N LYS A 18 13.05 7.08 -9.20
CA LYS A 18 12.89 8.02 -8.10
C LYS A 18 11.95 7.40 -7.11
N SER A 19 12.06 7.81 -5.85
CA SER A 19 11.27 7.22 -4.75
C SER A 19 11.61 5.74 -4.59
N ASN A 20 12.83 5.36 -4.95
CA ASN A 20 13.26 3.96 -4.91
C ASN A 20 13.37 3.42 -3.50
N ALA A 21 13.78 4.26 -2.59
CA ALA A 21 13.99 3.87 -1.21
C ALA A 21 12.81 4.28 -0.35
N SER A 22 11.82 4.87 -0.98
CA SER A 22 10.64 5.33 -0.29
C SER A 22 9.77 4.16 0.15
N ALA A 23 10.03 3.71 1.35
CA ALA A 23 9.31 2.66 2.00
C ALA A 23 9.73 2.67 3.45
N GLN A 24 8.88 2.19 4.34
CA GLN A 24 9.22 2.20 5.74
C GLN A 24 10.20 1.09 6.08
N SER A 25 11.41 1.47 6.41
CA SER A 25 12.39 0.53 6.93
C SER A 25 11.87 -0.04 8.24
N ALA A 26 11.31 0.83 9.04
CA ALA A 26 10.64 0.47 10.25
C ALA A 26 9.15 0.69 10.06
N TRP A 27 8.42 -0.40 9.97
CA TRP A 27 7.00 -0.35 9.70
C TRP A 27 6.19 -0.60 10.97
N ASP A 28 4.92 -0.28 10.93
CA ASP A 28 4.03 -0.47 12.06
C ASP A 28 3.12 -1.66 11.74
N ILE A 29 2.69 -2.39 12.75
CA ILE A 29 1.91 -3.62 12.54
C ILE A 29 0.41 -3.38 12.49
N VAL A 30 0.02 -2.12 12.37
CA VAL A 30 -1.38 -1.76 12.28
C VAL A 30 -1.96 -2.26 10.94
N VAL A 31 -3.11 -2.92 11.02
CA VAL A 31 -3.72 -3.52 9.84
C VAL A 31 -4.64 -2.49 9.14
N ASP A 32 -4.92 -1.41 9.83
CA ASP A 32 -5.76 -0.34 9.29
C ASP A 32 -4.95 0.64 8.49
N ASN A 33 -3.68 0.42 8.47
CA ASN A 33 -2.77 1.28 7.74
C ASN A 33 -1.93 0.45 6.83
N CYS A 34 -1.60 1.00 5.68
CA CYS A 34 -0.65 0.37 4.81
C CYS A 34 0.69 0.55 5.46
N ALA A 35 1.29 -0.50 5.92
CA ALA A 35 2.54 -0.38 6.67
C ALA A 35 3.69 -0.09 5.74
N ILE A 36 3.49 -0.40 4.48
CA ILE A 36 4.51 -0.31 3.47
C ILE A 36 4.92 1.13 3.22
N CYS A 37 3.92 1.98 3.07
CA CYS A 37 4.15 3.41 2.91
C CYS A 37 3.86 4.13 4.22
N ARG A 38 3.10 3.44 5.04
CA ARG A 38 2.59 3.93 6.30
C ARG A 38 1.56 5.03 6.10
N ASN A 39 0.67 4.77 5.19
CA ASN A 39 -0.46 5.65 4.98
C ASN A 39 -1.73 4.89 5.34
N HIS A 40 -2.77 5.61 5.68
CA HIS A 40 -4.03 4.99 6.10
C HIS A 40 -4.58 4.05 5.01
N ILE A 41 -5.28 3.00 5.46
CA ILE A 41 -5.83 1.99 4.56
C ILE A 41 -6.74 2.61 3.49
N MET A 42 -6.66 2.03 2.29
CA MET A 42 -7.44 2.42 1.12
C MET A 42 -7.64 3.94 0.94
N ASP A 43 -6.54 4.63 0.78
CA ASP A 43 -6.52 6.06 0.46
C ASP A 43 -5.33 6.27 -0.48
N LEU A 44 -4.98 7.50 -0.76
CA LEU A 44 -3.80 7.81 -1.54
C LEU A 44 -2.54 7.46 -0.77
N CYS A 45 -1.59 6.83 -1.43
CA CYS A 45 -0.33 6.50 -0.81
C CYS A 45 0.50 7.77 -0.57
N ILE A 46 1.66 7.60 0.05
CA ILE A 46 2.55 8.70 0.42
C ILE A 46 2.88 9.63 -0.74
N GLU A 47 3.38 9.05 -1.78
CA GLU A 47 3.80 9.79 -2.94
C GLU A 47 2.65 9.90 -3.89
N CYS A 48 1.73 8.97 -3.76
CA CYS A 48 0.58 8.91 -4.64
C CYS A 48 -0.33 10.10 -4.51
N GLN A 49 -0.46 10.62 -3.31
CA GLN A 49 -1.21 11.84 -3.11
C GLN A 49 -0.57 13.02 -3.85
N ALA A 50 0.75 13.08 -3.82
CA ALA A 50 1.50 14.10 -4.53
C ALA A 50 1.43 13.89 -6.05
N ASN A 51 1.75 12.67 -6.48
CA ASN A 51 1.75 12.30 -7.89
C ASN A 51 0.35 12.35 -8.49
N GLN A 52 -0.61 11.90 -7.70
CA GLN A 52 -1.99 11.66 -8.12
C GLN A 52 -2.03 10.55 -9.15
N ALA A 53 -1.99 9.32 -8.67
CA ALA A 53 -1.98 8.15 -9.53
C ALA A 53 -3.33 7.99 -10.21
N SER A 54 -3.30 7.63 -11.46
CA SER A 54 -4.52 7.46 -12.22
C SER A 54 -5.12 6.09 -11.98
N ALA A 55 -6.00 6.04 -11.02
CA ALA A 55 -6.75 4.85 -10.67
C ALA A 55 -7.97 5.27 -9.88
N THR A 56 -7.79 5.39 -8.59
CA THR A 56 -8.80 5.92 -7.70
C THR A 56 -8.08 6.80 -6.66
N SER A 57 -8.59 7.98 -6.38
CA SER A 57 -7.97 8.83 -5.36
C SER A 57 -8.66 8.65 -4.01
N GLU A 58 -9.87 8.11 -4.06
CA GLU A 58 -10.60 7.76 -2.84
C GLU A 58 -9.81 6.67 -2.13
N GLU A 59 -9.26 5.79 -2.95
CA GLU A 59 -8.40 4.73 -2.54
C GLU A 59 -7.45 4.47 -3.70
N CYS A 60 -6.17 4.74 -3.49
CA CYS A 60 -5.18 4.58 -4.57
C CYS A 60 -5.23 3.17 -5.10
N THR A 61 -5.20 2.23 -4.17
CA THR A 61 -5.18 0.82 -4.44
C THR A 61 -5.29 0.10 -3.11
N VAL A 62 -6.11 -0.90 -3.02
CA VAL A 62 -6.17 -1.65 -1.77
C VAL A 62 -6.36 -3.14 -2.01
N ALA A 63 -5.70 -3.93 -1.20
CA ALA A 63 -5.81 -5.36 -1.26
C ALA A 63 -5.88 -5.92 0.13
N TRP A 64 -6.74 -6.87 0.32
CA TRP A 64 -6.84 -7.54 1.56
C TRP A 64 -6.07 -8.83 1.44
N GLY A 65 -5.42 -9.22 2.49
CA GLY A 65 -4.69 -10.44 2.49
C GLY A 65 -5.46 -11.54 3.15
N VAL A 66 -5.44 -12.72 2.56
CA VAL A 66 -6.16 -13.89 3.11
C VAL A 66 -5.54 -14.24 4.46
N CYS A 67 -4.30 -13.84 4.60
CA CYS A 67 -3.52 -14.09 5.78
C CYS A 67 -3.90 -13.11 6.91
N ASN A 68 -5.02 -12.42 6.71
CA ASN A 68 -5.61 -11.50 7.67
C ASN A 68 -4.78 -10.23 7.76
N HIS A 69 -4.55 -9.63 6.62
CA HIS A 69 -3.82 -8.39 6.52
C HIS A 69 -4.48 -7.45 5.54
N ALA A 70 -4.11 -6.19 5.60
CA ALA A 70 -4.65 -5.20 4.69
C ALA A 70 -3.57 -4.20 4.32
N PHE A 71 -3.32 -4.06 3.03
CA PHE A 71 -2.33 -3.12 2.53
C PHE A 71 -2.84 -2.45 1.27
N HIS A 72 -2.10 -1.47 0.78
CA HIS A 72 -2.43 -0.91 -0.49
C HIS A 72 -2.03 -1.89 -1.55
N PHE A 73 -2.87 -2.09 -2.54
CA PHE A 73 -2.55 -2.98 -3.64
C PHE A 73 -1.27 -2.54 -4.33
N HIS A 74 -1.13 -1.25 -4.50
CA HIS A 74 0.07 -0.67 -5.13
C HIS A 74 1.31 -0.99 -4.29
N CYS A 75 1.24 -0.72 -3.00
CA CYS A 75 2.36 -0.90 -2.13
C CYS A 75 2.69 -2.36 -1.96
N ILE A 76 1.66 -3.18 -1.76
CA ILE A 76 1.86 -4.60 -1.56
C ILE A 76 2.42 -5.24 -2.83
N SER A 77 1.95 -4.79 -3.99
CA SER A 77 2.47 -5.31 -5.26
C SER A 77 3.95 -5.02 -5.41
N ARG A 78 4.35 -3.79 -5.04
CA ARG A 78 5.77 -3.42 -5.06
C ARG A 78 6.56 -4.28 -4.08
N TRP A 79 5.96 -4.48 -2.93
CA TRP A 79 6.54 -5.29 -1.88
C TRP A 79 6.73 -6.70 -2.39
N LEU A 80 5.70 -7.22 -3.01
CA LEU A 80 5.67 -8.57 -3.54
C LEU A 80 6.60 -8.77 -4.73
N LYS A 81 6.95 -7.68 -5.39
CA LYS A 81 7.93 -7.74 -6.45
C LYS A 81 9.25 -8.19 -5.83
N THR A 82 9.51 -7.69 -4.63
CA THR A 82 10.75 -7.98 -3.93
C THR A 82 10.62 -9.09 -2.86
N ARG A 83 9.39 -9.38 -2.41
CA ARG A 83 9.16 -10.28 -1.28
C ARG A 83 7.96 -11.16 -1.55
N GLN A 84 7.97 -12.35 -1.00
CA GLN A 84 6.83 -13.25 -1.13
C GLN A 84 6.04 -13.35 0.18
N VAL A 85 6.52 -12.64 1.18
CA VAL A 85 5.96 -12.74 2.53
C VAL A 85 5.57 -11.39 3.09
N CYS A 86 4.63 -11.41 4.02
CA CYS A 86 4.16 -10.25 4.73
C CYS A 86 5.30 -9.60 5.49
N PRO A 87 5.43 -8.28 5.42
CA PRO A 87 6.47 -7.56 6.15
C PRO A 87 6.24 -7.66 7.66
N LEU A 88 4.97 -7.71 8.02
CA LEU A 88 4.55 -7.69 9.39
C LEU A 88 4.83 -9.01 10.05
N ASP A 89 4.58 -10.08 9.31
CA ASP A 89 4.55 -11.41 9.92
C ASP A 89 5.54 -12.37 9.36
N ASN A 90 6.06 -12.09 8.17
CA ASN A 90 6.94 -13.04 7.44
C ASN A 90 6.14 -14.31 7.14
N ARG A 91 4.88 -14.06 6.88
CA ARG A 91 3.87 -15.01 6.54
C ARG A 91 3.76 -14.92 5.05
N GLU A 92 3.36 -15.95 4.38
CA GLU A 92 3.31 -15.83 2.94
C GLU A 92 2.08 -15.03 2.56
N TRP A 93 2.28 -13.98 1.78
CA TRP A 93 1.20 -13.12 1.43
C TRP A 93 0.30 -13.77 0.38
N GLU A 94 -1.01 -13.66 0.58
CA GLU A 94 -2.00 -14.13 -0.37
C GLU A 94 -3.05 -13.04 -0.58
N PHE A 95 -3.55 -12.93 -1.80
CA PHE A 95 -4.54 -11.92 -2.12
C PHE A 95 -5.94 -12.43 -1.85
N GLN A 96 -6.64 -11.77 -0.97
CA GLN A 96 -8.02 -12.09 -0.70
C GLN A 96 -8.88 -11.40 -1.75
N LYS A 97 -8.91 -10.10 -1.67
CA LYS A 97 -9.59 -9.25 -2.63
C LYS A 97 -8.71 -8.05 -2.88
N TYR A 98 -8.79 -7.50 -4.06
CA TYR A 98 -7.98 -6.37 -4.44
C TYR A 98 -8.72 -5.45 -5.37
N GLY A 99 -8.26 -4.22 -5.43
CA GLY A 99 -8.84 -3.26 -6.33
C GLY A 99 -7.89 -2.10 -6.56
N HIS A 100 -8.18 -1.32 -7.56
CA HIS A 100 -7.39 -0.15 -7.89
C HIS A 100 -8.33 1.03 -8.17
ZN ZN B . 0.54 1.99 0.90
ZN ZN C . -0.27 4.32 -4.56
ZN ZN D . -0.21 -11.73 6.04
N GLY A 1 -14.62 0.58 3.92
CA GLY A 1 -15.72 0.56 2.99
C GLY A 1 -15.23 0.50 1.57
N GLY A 2 -15.16 1.64 0.93
CA GLY A 2 -14.64 1.73 -0.41
C GLY A 2 -15.72 1.67 -1.46
N GLY A 3 -15.49 2.34 -2.55
CA GLY A 3 -16.40 2.26 -3.67
C GLY A 3 -16.01 1.14 -4.60
N GLY A 4 -14.72 0.91 -4.71
CA GLY A 4 -14.21 -0.10 -5.58
C GLY A 4 -13.49 0.53 -6.73
N THR A 5 -12.23 0.20 -6.91
CA THR A 5 -11.42 0.84 -7.92
C THR A 5 -11.17 -0.12 -9.08
N ASN A 6 -12.10 -0.14 -10.01
CA ASN A 6 -11.94 -0.91 -11.24
C ASN A 6 -11.68 0.04 -12.39
N SER A 7 -12.05 1.29 -12.18
CA SER A 7 -11.84 2.31 -13.15
C SER A 7 -10.78 3.27 -12.66
N GLY A 8 -9.54 2.99 -13.02
CA GLY A 8 -8.44 3.85 -12.68
C GLY A 8 -7.81 4.41 -13.93
N ALA A 9 -7.15 3.55 -14.67
CA ALA A 9 -6.49 3.93 -15.88
C ALA A 9 -6.42 2.77 -16.86
N GLY A 10 -6.52 3.10 -18.14
CA GLY A 10 -6.33 2.11 -19.19
C GLY A 10 -4.89 2.13 -19.65
N LYS A 11 -4.10 2.90 -18.92
CA LYS A 11 -2.70 3.11 -19.18
C LYS A 11 -1.88 1.91 -18.70
N LYS A 12 -0.58 2.00 -18.91
CA LYS A 12 0.36 1.01 -18.47
C LYS A 12 0.86 1.41 -17.08
N ARG A 13 1.94 0.80 -16.61
CA ARG A 13 2.44 1.13 -15.28
C ARG A 13 2.94 2.56 -15.21
N PHE A 14 2.38 3.31 -14.29
CA PHE A 14 2.91 4.62 -13.95
C PHE A 14 4.25 4.41 -13.28
N GLU A 15 4.28 3.34 -12.47
CA GLU A 15 5.49 2.79 -11.85
C GLU A 15 6.06 3.66 -10.73
N VAL A 16 6.31 4.94 -11.02
CA VAL A 16 6.96 5.90 -10.09
C VAL A 16 8.13 5.28 -9.33
N LYS A 17 9.31 5.43 -9.88
CA LYS A 17 10.48 4.81 -9.31
C LYS A 17 11.00 5.59 -8.12
N LYS A 18 10.70 5.08 -6.96
CA LYS A 18 11.25 5.55 -5.70
C LYS A 18 11.72 4.37 -4.91
N SER A 19 12.74 4.57 -4.11
CA SER A 19 13.33 3.50 -3.36
C SER A 19 12.45 3.07 -2.18
N ASN A 20 11.53 2.18 -2.44
CA ASN A 20 10.72 1.56 -1.41
C ASN A 20 10.63 0.08 -1.63
N ALA A 21 11.38 -0.65 -0.85
CA ALA A 21 11.34 -2.11 -0.86
C ALA A 21 11.26 -2.59 0.56
N SER A 22 10.92 -1.68 1.42
CA SER A 22 10.91 -1.92 2.83
C SER A 22 9.61 -1.41 3.42
N ALA A 23 9.12 -2.10 4.42
CA ALA A 23 7.94 -1.70 5.12
C ALA A 23 8.20 -1.78 6.61
N GLN A 24 7.74 -0.79 7.34
CA GLN A 24 8.00 -0.78 8.76
C GLN A 24 7.10 -1.77 9.48
N SER A 25 7.55 -2.21 10.62
CA SER A 25 6.74 -3.03 11.47
C SER A 25 5.65 -2.17 12.09
N ALA A 26 4.50 -2.75 12.31
CA ALA A 26 3.39 -2.01 12.86
C ALA A 26 3.65 -1.69 14.33
N TRP A 27 3.18 -0.54 14.77
CA TRP A 27 3.26 -0.18 16.19
C TRP A 27 2.41 -1.16 16.99
N ASP A 28 1.29 -1.49 16.41
CA ASP A 28 0.36 -2.48 16.93
C ASP A 28 -0.32 -3.08 15.73
N ILE A 29 -0.82 -4.30 15.85
CA ILE A 29 -1.46 -4.95 14.73
C ILE A 29 -2.75 -4.26 14.32
N VAL A 30 -2.62 -3.43 13.31
CA VAL A 30 -3.72 -2.73 12.74
C VAL A 30 -3.70 -2.94 11.23
N VAL A 31 -4.84 -3.31 10.67
CA VAL A 31 -4.97 -3.51 9.23
C VAL A 31 -5.68 -2.34 8.60
N ASP A 32 -5.93 -1.32 9.38
CA ASP A 32 -6.51 -0.09 8.88
C ASP A 32 -5.43 0.89 8.45
N ASN A 33 -4.19 0.47 8.56
CA ASN A 33 -3.08 1.29 8.14
C ASN A 33 -2.19 0.53 7.20
N CYS A 34 -1.78 1.18 6.13
CA CYS A 34 -0.82 0.61 5.24
C CYS A 34 0.54 0.85 5.85
N ALA A 35 1.28 -0.18 6.09
CA ALA A 35 2.56 -0.03 6.72
C ALA A 35 3.66 0.09 5.69
N ILE A 36 3.33 -0.27 4.45
CA ILE A 36 4.31 -0.28 3.38
C ILE A 36 4.68 1.15 2.98
N CYS A 37 3.66 1.97 2.82
CA CYS A 37 3.85 3.37 2.50
C CYS A 37 3.78 4.18 3.78
N ARG A 38 2.98 3.66 4.68
CA ARG A 38 2.66 4.26 5.94
C ARG A 38 1.68 5.41 5.80
N ASN A 39 0.57 5.09 5.21
CA ASN A 39 -0.60 5.96 5.20
C ASN A 39 -1.82 5.13 5.62
N HIS A 40 -3.01 5.67 5.53
CA HIS A 40 -4.22 4.96 5.92
C HIS A 40 -4.50 3.81 4.94
N ILE A 41 -5.28 2.81 5.40
CA ILE A 41 -5.54 1.59 4.63
C ILE A 41 -6.10 1.84 3.24
N MET A 42 -7.06 2.68 3.16
CA MET A 42 -7.70 2.90 1.92
C MET A 42 -7.79 4.37 1.68
N ASP A 43 -6.74 4.85 1.06
CA ASP A 43 -6.50 6.25 0.82
C ASP A 43 -5.37 6.31 -0.22
N LEU A 44 -4.76 7.45 -0.34
CA LEU A 44 -3.62 7.69 -1.23
C LEU A 44 -2.37 7.04 -0.65
N CYS A 45 -1.44 6.71 -1.50
CA CYS A 45 -0.16 6.19 -1.05
C CYS A 45 0.82 7.34 -0.88
N ILE A 46 2.02 7.00 -0.42
CA ILE A 46 3.15 7.92 -0.20
C ILE A 46 3.27 9.03 -1.24
N GLU A 47 3.87 8.67 -2.35
CA GLU A 47 4.10 9.55 -3.45
C GLU A 47 2.80 9.86 -4.14
N CYS A 48 1.87 8.90 -4.11
CA CYS A 48 0.63 8.99 -4.90
C CYS A 48 -0.17 10.23 -4.57
N GLN A 49 -0.22 10.59 -3.32
CA GLN A 49 -0.91 11.80 -2.93
C GLN A 49 -0.28 13.05 -3.53
N ALA A 50 1.04 13.09 -3.56
CA ALA A 50 1.76 14.19 -4.20
C ALA A 50 1.67 14.08 -5.72
N ASN A 51 1.80 12.85 -6.18
CA ASN A 51 1.83 12.48 -7.58
C ASN A 51 0.53 12.84 -8.28
N GLN A 52 -0.58 12.54 -7.62
CA GLN A 52 -1.91 12.68 -8.18
C GLN A 52 -2.00 12.03 -9.56
N ALA A 53 -1.95 10.72 -9.56
CA ALA A 53 -2.04 9.95 -10.79
C ALA A 53 -3.50 9.73 -11.17
N SER A 54 -3.73 9.08 -12.30
CA SER A 54 -5.06 8.74 -12.69
C SER A 54 -5.57 7.57 -11.86
N ALA A 55 -6.02 7.89 -10.67
CA ALA A 55 -6.52 6.94 -9.72
C ALA A 55 -7.42 7.67 -8.75
N THR A 56 -8.30 6.94 -8.11
CA THR A 56 -9.20 7.50 -7.14
C THR A 56 -8.38 7.98 -5.91
N SER A 57 -8.59 9.21 -5.47
CA SER A 57 -7.86 9.74 -4.33
C SER A 57 -8.53 9.35 -3.02
N GLU A 58 -9.79 8.97 -3.13
CA GLU A 58 -10.53 8.42 -2.02
C GLU A 58 -9.90 7.08 -1.64
N GLU A 59 -9.50 6.37 -2.66
CA GLU A 59 -8.98 5.04 -2.53
C GLU A 59 -8.09 4.73 -3.72
N CYS A 60 -6.76 4.84 -3.52
CA CYS A 60 -5.80 4.58 -4.57
C CYS A 60 -5.95 3.14 -5.05
N THR A 61 -5.50 2.23 -4.23
CA THR A 61 -5.61 0.80 -4.47
C THR A 61 -5.34 0.05 -3.18
N VAL A 62 -6.22 -0.87 -2.81
CA VAL A 62 -6.05 -1.62 -1.57
C VAL A 62 -6.40 -3.08 -1.79
N ALA A 63 -5.70 -3.97 -1.11
CA ALA A 63 -5.92 -5.39 -1.26
C ALA A 63 -5.93 -6.06 0.09
N TRP A 64 -6.81 -7.01 0.24
CA TRP A 64 -6.92 -7.73 1.46
C TRP A 64 -6.15 -9.03 1.32
N GLY A 65 -5.45 -9.39 2.35
CA GLY A 65 -4.69 -10.59 2.38
C GLY A 65 -5.40 -11.69 3.11
N VAL A 66 -5.28 -12.92 2.60
CA VAL A 66 -5.91 -14.11 3.23
C VAL A 66 -5.26 -14.33 4.60
N CYS A 67 -4.08 -13.77 4.73
CA CYS A 67 -3.28 -13.83 5.93
C CYS A 67 -3.82 -12.81 6.97
N ASN A 68 -5.09 -12.40 6.79
CA ASN A 68 -5.79 -11.50 7.69
C ASN A 68 -5.06 -10.18 7.78
N HIS A 69 -4.58 -9.77 6.65
CA HIS A 69 -3.83 -8.55 6.55
C HIS A 69 -4.41 -7.65 5.50
N ALA A 70 -4.14 -6.39 5.61
CA ALA A 70 -4.62 -5.43 4.66
C ALA A 70 -3.56 -4.40 4.36
N PHE A 71 -3.28 -4.23 3.09
CA PHE A 71 -2.29 -3.27 2.62
C PHE A 71 -2.77 -2.65 1.35
N HIS A 72 -2.12 -1.58 0.91
CA HIS A 72 -2.47 -1.02 -0.36
C HIS A 72 -2.05 -1.99 -1.43
N PHE A 73 -2.90 -2.22 -2.41
CA PHE A 73 -2.59 -3.12 -3.50
C PHE A 73 -1.35 -2.62 -4.21
N HIS A 74 -1.29 -1.31 -4.38
CA HIS A 74 -0.17 -0.67 -5.03
C HIS A 74 1.11 -0.92 -4.23
N CYS A 75 1.05 -0.69 -2.92
CA CYS A 75 2.20 -0.84 -2.06
C CYS A 75 2.60 -2.31 -1.93
N ILE A 76 1.61 -3.18 -1.72
CA ILE A 76 1.88 -4.60 -1.59
C ILE A 76 2.42 -5.17 -2.91
N SER A 77 1.96 -4.61 -4.04
CA SER A 77 2.47 -5.01 -5.37
C SER A 77 3.96 -4.75 -5.46
N ARG A 78 4.38 -3.59 -4.98
CA ARG A 78 5.79 -3.23 -4.95
C ARG A 78 6.53 -4.21 -4.06
N TRP A 79 5.92 -4.46 -2.91
CA TRP A 79 6.47 -5.29 -1.89
C TRP A 79 6.68 -6.70 -2.40
N LEU A 80 5.67 -7.21 -3.05
CA LEU A 80 5.64 -8.57 -3.55
C LEU A 80 6.63 -8.83 -4.65
N LYS A 81 6.93 -7.82 -5.43
CA LYS A 81 7.95 -7.99 -6.44
C LYS A 81 9.28 -8.26 -5.77
N THR A 82 9.51 -7.55 -4.66
CA THR A 82 10.75 -7.69 -3.93
C THR A 82 10.70 -8.77 -2.81
N ARG A 83 9.50 -9.19 -2.41
CA ARG A 83 9.34 -10.09 -1.26
C ARG A 83 8.24 -11.10 -1.52
N GLN A 84 8.37 -12.26 -0.95
CA GLN A 84 7.35 -13.29 -1.07
C GLN A 84 6.51 -13.40 0.21
N VAL A 85 6.89 -12.64 1.21
CA VAL A 85 6.31 -12.77 2.54
C VAL A 85 5.75 -11.45 3.06
N CYS A 86 4.80 -11.53 4.00
CA CYS A 86 4.21 -10.38 4.66
C CYS A 86 5.29 -9.48 5.27
N PRO A 87 5.10 -8.16 5.19
CA PRO A 87 6.02 -7.20 5.79
C PRO A 87 5.95 -7.23 7.31
N LEU A 88 4.84 -7.74 7.81
CA LEU A 88 4.60 -7.83 9.23
C LEU A 88 4.86 -9.25 9.70
N ASP A 89 4.20 -10.20 9.04
CA ASP A 89 4.23 -11.61 9.44
C ASP A 89 5.54 -12.28 9.12
N ASN A 90 6.13 -11.91 7.98
CA ASN A 90 7.24 -12.67 7.41
C ASN A 90 6.77 -14.11 7.07
N ARG A 91 5.54 -14.19 6.56
CA ARG A 91 4.93 -15.43 6.09
C ARG A 91 4.49 -15.20 4.68
N GLU A 92 4.35 -16.24 3.88
CA GLU A 92 3.96 -16.09 2.49
C GLU A 92 2.69 -15.26 2.36
N TRP A 93 2.73 -14.21 1.55
CA TRP A 93 1.59 -13.36 1.36
C TRP A 93 0.60 -13.98 0.36
N GLU A 94 -0.67 -13.94 0.70
CA GLU A 94 -1.73 -14.45 -0.15
C GLU A 94 -2.80 -13.37 -0.34
N PHE A 95 -3.17 -13.10 -1.58
CA PHE A 95 -4.25 -12.15 -1.85
C PHE A 95 -5.58 -12.82 -1.60
N GLN A 96 -6.47 -12.13 -0.91
CA GLN A 96 -7.80 -12.66 -0.69
C GLN A 96 -8.72 -12.27 -1.85
N LYS A 97 -9.12 -11.02 -1.86
CA LYS A 97 -9.98 -10.48 -2.91
C LYS A 97 -9.12 -9.69 -3.92
N TYR A 98 -7.83 -9.56 -3.57
CA TYR A 98 -6.80 -8.76 -4.29
C TYR A 98 -7.23 -7.33 -4.62
N GLY A 99 -8.28 -6.89 -3.97
CA GLY A 99 -8.82 -5.58 -4.16
C GLY A 99 -9.98 -5.39 -3.22
N HIS A 100 -10.59 -4.23 -3.24
CA HIS A 100 -11.73 -3.98 -2.38
C HIS A 100 -13.03 -4.00 -3.18
ZN ZN B . 0.24 2.05 1.01
ZN ZN C . -0.80 4.45 -4.84
ZN ZN D . 0.32 -12.05 7.11
N GLY A 1 47.77 -5.06 -9.81
CA GLY A 1 47.02 -4.13 -8.99
C GLY A 1 47.22 -4.35 -7.50
N GLY A 2 46.14 -4.43 -6.75
CA GLY A 2 46.24 -4.62 -5.32
C GLY A 2 44.91 -4.95 -4.70
N GLY A 3 44.81 -4.83 -3.39
CA GLY A 3 43.59 -5.16 -2.70
C GLY A 3 42.79 -3.93 -2.34
N GLY A 4 41.55 -4.13 -1.91
CA GLY A 4 40.69 -3.03 -1.56
C GLY A 4 40.41 -2.96 -0.06
N THR A 5 39.46 -2.11 0.31
CA THR A 5 39.06 -1.93 1.69
C THR A 5 37.55 -1.63 1.72
N ASN A 6 36.91 -1.83 2.85
CA ASN A 6 35.47 -1.65 2.92
C ASN A 6 35.11 -0.77 4.09
N SER A 7 33.89 -0.27 4.08
CA SER A 7 33.41 0.53 5.16
C SER A 7 32.17 -0.12 5.79
N GLY A 8 32.40 -0.87 6.87
CA GLY A 8 31.32 -1.54 7.57
C GLY A 8 30.37 -0.56 8.22
N ALA A 9 30.91 0.51 8.76
CA ALA A 9 30.12 1.53 9.42
C ALA A 9 29.31 2.33 8.42
N GLY A 10 28.15 2.75 8.84
CA GLY A 10 27.25 3.49 7.98
C GLY A 10 25.89 3.63 8.59
N LYS A 11 25.67 2.91 9.67
CA LYS A 11 24.41 2.96 10.37
C LYS A 11 24.42 4.09 11.40
N LYS A 12 23.26 4.58 11.72
CA LYS A 12 23.10 5.61 12.72
C LYS A 12 21.81 5.36 13.47
N ARG A 13 21.69 5.94 14.64
CA ARG A 13 20.48 5.79 15.42
C ARG A 13 19.30 6.45 14.71
N PHE A 14 18.21 5.73 14.58
CA PHE A 14 17.05 6.25 13.89
C PHE A 14 16.05 6.81 14.87
N GLU A 15 15.76 8.06 14.68
CA GLU A 15 14.90 8.81 15.54
C GLU A 15 13.51 8.93 14.91
N VAL A 16 12.60 9.63 15.57
CA VAL A 16 11.26 9.80 15.04
C VAL A 16 11.24 10.78 13.85
N LYS A 17 11.29 10.20 12.67
CA LYS A 17 11.29 10.95 11.43
C LYS A 17 11.04 9.98 10.29
N LYS A 18 11.17 10.45 9.07
CA LYS A 18 11.06 9.60 7.91
C LYS A 18 12.43 9.40 7.30
N SER A 19 12.75 8.19 6.93
CA SER A 19 14.07 7.88 6.41
C SER A 19 13.96 7.09 5.12
N ASN A 20 14.91 7.32 4.23
CA ASN A 20 14.99 6.58 2.98
C ASN A 20 15.47 5.15 3.22
N ALA A 21 16.08 4.95 4.38
CA ALA A 21 16.46 3.62 4.82
C ALA A 21 15.23 2.92 5.37
N SER A 22 15.21 1.59 5.31
CA SER A 22 14.07 0.84 5.80
C SER A 22 13.87 1.07 7.30
N ALA A 23 15.00 1.01 8.06
CA ALA A 23 15.01 1.24 9.51
C ALA A 23 13.97 0.36 10.21
N GLN A 24 13.71 -0.81 9.65
CA GLN A 24 12.61 -1.66 10.10
C GLN A 24 12.90 -2.34 11.44
N SER A 25 12.47 -1.71 12.50
CA SER A 25 12.53 -2.29 13.82
C SER A 25 11.10 -2.59 14.27
N ALA A 26 10.16 -1.86 13.71
CA ALA A 26 8.75 -2.04 14.00
C ALA A 26 7.92 -1.71 12.78
N TRP A 27 6.78 -2.36 12.68
CA TRP A 27 5.85 -2.15 11.60
C TRP A 27 4.47 -1.92 12.19
N ASP A 28 3.55 -1.44 11.39
CA ASP A 28 2.17 -1.29 11.83
C ASP A 28 1.49 -2.64 11.76
N ILE A 29 1.23 -3.20 12.93
CA ILE A 29 0.70 -4.56 13.01
C ILE A 29 -0.79 -4.58 12.78
N VAL A 30 -1.40 -3.44 12.87
CA VAL A 30 -2.81 -3.32 12.60
C VAL A 30 -2.95 -2.81 11.17
N VAL A 31 -3.73 -3.50 10.38
CA VAL A 31 -3.77 -3.24 8.95
C VAL A 31 -4.84 -2.23 8.54
N ASP A 32 -5.10 -1.27 9.39
CA ASP A 32 -5.89 -0.13 8.99
C ASP A 32 -4.96 0.94 8.45
N ASN A 33 -3.69 0.64 8.51
CA ASN A 33 -2.68 1.42 7.86
C ASN A 33 -1.85 0.50 7.01
N CYS A 34 -1.44 0.99 5.87
CA CYS A 34 -0.52 0.27 5.03
C CYS A 34 0.83 0.41 5.67
N ALA A 35 1.42 -0.67 6.09
CA ALA A 35 2.68 -0.58 6.82
C ALA A 35 3.83 -0.37 5.85
N ILE A 36 3.57 -0.66 4.60
CA ILE A 36 4.59 -0.62 3.58
C ILE A 36 5.02 0.82 3.28
N CYS A 37 4.04 1.69 3.15
CA CYS A 37 4.28 3.11 2.93
C CYS A 37 4.04 3.86 4.23
N ARG A 38 3.35 3.17 5.14
CA ARG A 38 2.97 3.70 6.44
C ARG A 38 1.90 4.79 6.29
N ASN A 39 1.12 4.65 5.22
CA ASN A 39 -0.03 5.51 4.96
C ASN A 39 -1.31 4.77 5.36
N HIS A 40 -2.40 5.49 5.53
CA HIS A 40 -3.67 4.90 6.01
C HIS A 40 -4.21 3.87 4.98
N ILE A 41 -5.05 2.93 5.43
CA ILE A 41 -5.51 1.80 4.59
C ILE A 41 -6.25 2.25 3.34
N MET A 42 -7.15 3.19 3.46
CA MET A 42 -7.88 3.61 2.32
C MET A 42 -7.70 5.08 2.08
N ASP A 43 -6.63 5.39 1.40
CA ASP A 43 -6.28 6.75 1.05
C ASP A 43 -5.20 6.69 -0.02
N LEU A 44 -4.82 7.83 -0.52
CA LEU A 44 -3.74 7.96 -1.46
C LEU A 44 -2.43 7.71 -0.75
N CYS A 45 -1.55 6.94 -1.39
CA CYS A 45 -0.26 6.61 -0.81
C CYS A 45 0.64 7.85 -0.76
N ILE A 46 1.92 7.62 -0.45
CA ILE A 46 2.96 8.64 -0.37
C ILE A 46 2.87 9.72 -1.46
N GLU A 47 3.46 9.45 -2.60
CA GLU A 47 3.46 10.36 -3.73
C GLU A 47 2.10 10.40 -4.36
N CYS A 48 1.33 9.35 -4.16
CA CYS A 48 0.07 9.15 -4.83
C CYS A 48 -0.93 10.27 -4.58
N GLN A 49 -0.92 10.85 -3.40
CA GLN A 49 -1.75 12.01 -3.13
C GLN A 49 -1.41 13.21 -4.01
N ALA A 50 -0.14 13.46 -4.20
CA ALA A 50 0.32 14.50 -5.13
C ALA A 50 0.10 14.07 -6.57
N ASN A 51 0.34 12.80 -6.81
CA ASN A 51 0.23 12.15 -8.11
C ASN A 51 -1.20 12.18 -8.63
N GLN A 52 -2.13 11.95 -7.71
CA GLN A 52 -3.52 11.65 -7.99
C GLN A 52 -3.63 10.31 -8.70
N ALA A 53 -3.97 9.29 -7.93
CA ALA A 53 -3.96 7.91 -8.40
C ALA A 53 -4.98 7.70 -9.51
N SER A 54 -4.60 6.87 -10.47
CA SER A 54 -5.37 6.64 -11.67
C SER A 54 -6.75 6.02 -11.37
N ALA A 55 -6.80 5.05 -10.46
CA ALA A 55 -8.03 4.33 -10.18
C ALA A 55 -8.94 5.11 -9.24
N THR A 56 -8.58 5.14 -7.96
CA THR A 56 -9.39 5.77 -6.95
C THR A 56 -8.53 6.68 -6.07
N SER A 57 -9.05 7.84 -5.69
CA SER A 57 -8.31 8.74 -4.81
C SER A 57 -8.75 8.53 -3.36
N GLU A 58 -9.92 7.97 -3.16
CA GLU A 58 -10.42 7.64 -1.84
C GLU A 58 -9.51 6.56 -1.27
N GLU A 59 -9.11 5.68 -2.15
CA GLU A 59 -8.18 4.63 -1.88
C GLU A 59 -7.38 4.44 -3.15
N CYS A 60 -6.08 4.75 -3.09
CA CYS A 60 -5.19 4.60 -4.26
C CYS A 60 -5.45 3.27 -4.97
N THR A 61 -5.00 2.21 -4.33
CA THR A 61 -5.34 0.84 -4.67
C THR A 61 -5.23 0.05 -3.37
N VAL A 62 -6.08 -0.91 -3.15
CA VAL A 62 -6.01 -1.66 -1.90
C VAL A 62 -6.35 -3.13 -2.12
N ALA A 63 -5.62 -4.00 -1.47
CA ALA A 63 -5.84 -5.41 -1.59
C ALA A 63 -5.85 -6.06 -0.24
N TRP A 64 -6.75 -6.99 -0.07
CA TRP A 64 -6.89 -7.66 1.18
C TRP A 64 -6.13 -8.95 1.12
N GLY A 65 -5.51 -9.32 2.21
CA GLY A 65 -4.75 -10.51 2.27
C GLY A 65 -5.52 -11.62 2.94
N VAL A 66 -5.44 -12.82 2.39
CA VAL A 66 -6.10 -13.99 2.97
C VAL A 66 -5.49 -14.26 4.33
N CYS A 67 -4.28 -13.76 4.50
CA CYS A 67 -3.49 -13.91 5.70
C CYS A 67 -3.97 -12.92 6.80
N ASN A 68 -5.24 -12.48 6.69
CA ASN A 68 -5.88 -11.62 7.69
C ASN A 68 -5.13 -10.30 7.74
N HIS A 69 -4.81 -9.83 6.56
CA HIS A 69 -4.06 -8.61 6.42
C HIS A 69 -4.64 -7.72 5.35
N ALA A 70 -4.27 -6.46 5.39
CA ALA A 70 -4.73 -5.50 4.43
C ALA A 70 -3.64 -4.49 4.15
N PHE A 71 -3.33 -4.27 2.89
CA PHE A 71 -2.32 -3.32 2.48
C PHE A 71 -2.76 -2.65 1.20
N HIS A 72 -2.08 -1.60 0.81
CA HIS A 72 -2.37 -1.01 -0.46
C HIS A 72 -1.90 -1.96 -1.52
N PHE A 73 -2.69 -2.14 -2.55
CA PHE A 73 -2.30 -3.02 -3.65
C PHE A 73 -1.02 -2.53 -4.25
N HIS A 74 -0.93 -1.22 -4.39
CA HIS A 74 0.26 -0.57 -4.94
C HIS A 74 1.49 -0.90 -4.10
N CYS A 75 1.37 -0.73 -2.80
CA CYS A 75 2.49 -0.93 -1.91
C CYS A 75 2.82 -2.40 -1.78
N ILE A 76 1.78 -3.22 -1.63
CA ILE A 76 1.99 -4.65 -1.47
C ILE A 76 2.58 -5.25 -2.75
N SER A 77 2.16 -4.74 -3.91
CA SER A 77 2.68 -5.22 -5.19
C SER A 77 4.17 -4.99 -5.28
N ARG A 78 4.60 -3.79 -4.91
CA ARG A 78 6.02 -3.45 -4.92
C ARG A 78 6.77 -4.32 -3.92
N TRP A 79 6.12 -4.53 -2.78
CA TRP A 79 6.64 -5.37 -1.73
C TRP A 79 6.82 -6.79 -2.23
N LEU A 80 5.81 -7.28 -2.89
CA LEU A 80 5.76 -8.64 -3.41
C LEU A 80 6.74 -8.85 -4.54
N LYS A 81 7.11 -7.79 -5.21
CA LYS A 81 8.15 -7.86 -6.21
C LYS A 81 9.44 -8.26 -5.52
N THR A 82 9.67 -7.67 -4.35
CA THR A 82 10.86 -7.95 -3.58
C THR A 82 10.71 -9.15 -2.60
N ARG A 83 9.49 -9.40 -2.12
CA ARG A 83 9.26 -10.37 -1.06
C ARG A 83 8.07 -11.27 -1.35
N GLN A 84 8.11 -12.47 -0.81
CA GLN A 84 7.04 -13.46 -0.97
C GLN A 84 6.06 -13.42 0.20
N VAL A 85 6.45 -12.74 1.26
CA VAL A 85 5.78 -12.88 2.53
C VAL A 85 5.30 -11.56 3.08
N CYS A 86 4.35 -11.61 4.01
CA CYS A 86 3.84 -10.45 4.70
C CYS A 86 4.98 -9.65 5.33
N PRO A 87 4.92 -8.32 5.25
CA PRO A 87 5.91 -7.45 5.92
C PRO A 87 5.86 -7.67 7.42
N LEU A 88 4.67 -7.98 7.89
CA LEU A 88 4.38 -8.08 9.29
C LEU A 88 4.59 -9.51 9.74
N ASP A 89 3.86 -10.41 9.07
CA ASP A 89 3.80 -11.81 9.46
C ASP A 89 5.06 -12.57 9.14
N ASN A 90 5.68 -12.19 8.02
CA ASN A 90 6.74 -13.02 7.40
C ASN A 90 6.18 -14.38 7.00
N ARG A 91 4.91 -14.38 6.63
CA ARG A 91 4.19 -15.54 6.15
C ARG A 91 3.83 -15.27 4.73
N GLU A 92 3.68 -16.29 3.91
CA GLU A 92 3.45 -16.05 2.50
C GLU A 92 2.18 -15.26 2.26
N TRP A 93 2.32 -14.13 1.60
CA TRP A 93 1.22 -13.26 1.34
C TRP A 93 0.32 -13.87 0.26
N GLU A 94 -0.97 -13.79 0.48
CA GLU A 94 -1.94 -14.25 -0.49
C GLU A 94 -3.04 -13.21 -0.63
N PHE A 95 -3.52 -13.00 -1.84
CA PHE A 95 -4.54 -11.99 -2.07
C PHE A 95 -5.91 -12.57 -1.87
N GLN A 96 -6.65 -12.01 -0.94
CA GLN A 96 -8.03 -12.40 -0.73
C GLN A 96 -8.87 -11.78 -1.84
N LYS A 97 -8.61 -10.52 -2.10
CA LYS A 97 -9.25 -9.77 -3.16
C LYS A 97 -8.33 -8.67 -3.64
N TYR A 98 -8.18 -8.55 -4.94
CA TYR A 98 -7.35 -7.53 -5.53
C TYR A 98 -7.95 -7.08 -6.85
N GLY A 99 -7.55 -5.92 -7.33
CA GLY A 99 -8.03 -5.45 -8.60
C GLY A 99 -8.48 -4.02 -8.54
N HIS A 100 -8.73 -3.58 -7.34
CA HIS A 100 -9.11 -2.20 -7.09
C HIS A 100 -7.91 -1.43 -6.55
ZN ZN B . 0.51 1.83 1.10
ZN ZN C . -0.35 4.46 -4.46
ZN ZN D . -0.08 -12.16 7.11
N GLY A 1 -17.14 -0.23 -20.26
CA GLY A 1 -16.63 0.74 -21.19
C GLY A 1 -15.24 1.19 -20.83
N GLY A 2 -14.57 1.78 -21.78
CA GLY A 2 -13.22 2.26 -21.54
C GLY A 2 -13.19 3.74 -21.34
N GLY A 3 -13.92 4.21 -20.34
CA GLY A 3 -14.00 5.64 -20.07
C GLY A 3 -12.81 6.16 -19.29
N GLY A 4 -11.64 5.65 -19.61
CA GLY A 4 -10.44 6.08 -18.94
C GLY A 4 -9.74 7.16 -19.71
N THR A 5 -9.77 8.35 -19.18
CA THR A 5 -9.12 9.47 -19.83
C THR A 5 -8.38 10.30 -18.79
N ASN A 6 -7.23 10.81 -19.16
CA ASN A 6 -6.40 11.60 -18.26
C ASN A 6 -5.59 12.62 -19.05
N SER A 7 -5.25 13.72 -18.41
CA SER A 7 -4.52 14.80 -19.04
C SER A 7 -3.14 14.36 -19.52
N GLY A 8 -2.50 13.46 -18.78
CA GLY A 8 -1.16 13.04 -19.13
C GLY A 8 -0.16 14.10 -18.74
N ALA A 9 0.09 15.02 -19.64
CA ALA A 9 0.90 16.17 -19.35
C ALA A 9 0.00 17.29 -18.86
N GLY A 10 0.56 18.19 -18.09
CA GLY A 10 -0.25 19.21 -17.47
C GLY A 10 -0.46 18.90 -16.03
N LYS A 11 0.59 18.46 -15.37
CA LYS A 11 0.53 18.04 -13.99
C LYS A 11 1.51 18.84 -13.16
N LYS A 12 1.39 18.73 -11.86
CA LYS A 12 2.29 19.42 -10.95
C LYS A 12 3.65 18.74 -11.00
N ARG A 13 4.70 19.53 -10.89
CA ARG A 13 6.03 18.96 -10.80
C ARG A 13 6.16 18.38 -9.41
N PHE A 14 6.86 17.29 -9.28
CA PHE A 14 6.90 16.63 -8.01
C PHE A 14 8.19 16.94 -7.30
N GLU A 15 8.07 17.64 -6.19
CA GLU A 15 9.20 17.96 -5.37
C GLU A 15 9.73 16.67 -4.78
N VAL A 16 11.03 16.51 -4.77
CA VAL A 16 11.58 15.29 -4.24
C VAL A 16 11.71 15.41 -2.74
N LYS A 17 10.75 14.84 -2.05
CA LYS A 17 10.77 14.82 -0.61
C LYS A 17 11.22 13.45 -0.16
N LYS A 18 12.40 13.41 0.40
CA LYS A 18 13.10 12.18 0.72
C LYS A 18 12.68 11.66 2.10
N SER A 19 11.84 12.44 2.78
CA SER A 19 11.32 12.08 4.10
C SER A 19 12.42 12.07 5.15
N ASN A 20 13.48 12.79 4.86
CA ASN A 20 14.61 12.90 5.77
C ASN A 20 14.33 13.95 6.82
N ALA A 21 13.29 14.73 6.59
CA ALA A 21 12.83 15.73 7.54
C ALA A 21 11.43 15.38 8.02
N SER A 22 11.05 14.12 7.80
CA SER A 22 9.75 13.63 8.21
C SER A 22 9.62 13.65 9.72
N ALA A 23 10.72 13.30 10.40
CA ALA A 23 10.85 13.29 11.87
C ALA A 23 10.13 12.11 12.51
N GLN A 24 8.92 11.85 12.04
CA GLN A 24 8.14 10.73 12.53
C GLN A 24 8.76 9.44 12.07
N SER A 25 9.29 8.68 12.99
CA SER A 25 9.98 7.46 12.67
C SER A 25 9.41 6.29 13.46
N ALA A 26 8.67 5.44 12.77
CA ALA A 26 8.04 4.28 13.38
C ALA A 26 7.44 3.40 12.30
N TRP A 27 7.31 2.15 12.58
CA TRP A 27 6.67 1.23 11.67
C TRP A 27 5.26 0.98 12.16
N ASP A 28 4.30 1.64 11.55
CA ASP A 28 2.92 1.50 12.00
C ASP A 28 2.30 0.34 11.27
N ILE A 29 2.12 -0.73 11.99
CA ILE A 29 1.80 -2.03 11.43
C ILE A 29 0.32 -2.38 11.52
N VAL A 30 -0.49 -1.42 11.92
CA VAL A 30 -1.91 -1.65 12.10
C VAL A 30 -2.56 -1.84 10.73
N VAL A 31 -3.40 -2.87 10.60
CA VAL A 31 -4.09 -3.19 9.33
C VAL A 31 -5.12 -2.12 8.93
N ASP A 32 -5.23 -1.07 9.69
CA ASP A 32 -6.08 0.06 9.35
C ASP A 32 -5.31 1.08 8.58
N ASN A 33 -4.08 0.78 8.32
CA ASN A 33 -3.26 1.60 7.49
C ASN A 33 -2.36 0.72 6.68
N CYS A 34 -1.79 1.27 5.67
CA CYS A 34 -0.80 0.57 4.90
C CYS A 34 0.50 0.76 5.62
N ALA A 35 1.16 -0.31 5.96
CA ALA A 35 2.40 -0.18 6.71
C ALA A 35 3.54 0.09 5.75
N ILE A 36 3.32 -0.25 4.50
CA ILE A 36 4.36 -0.19 3.48
C ILE A 36 4.74 1.25 3.16
N CYS A 37 3.74 2.08 2.98
CA CYS A 37 3.95 3.51 2.74
C CYS A 37 3.70 4.28 4.03
N ARG A 38 3.00 3.61 4.92
CA ARG A 38 2.50 4.18 6.15
C ARG A 38 1.55 5.34 5.89
N ASN A 39 0.47 5.01 5.24
CA ASN A 39 -0.66 5.92 5.13
C ASN A 39 -1.92 5.14 5.43
N HIS A 40 -3.05 5.81 5.57
CA HIS A 40 -4.28 5.15 5.99
C HIS A 40 -4.70 4.04 5.01
N ILE A 41 -5.53 3.11 5.50
CA ILE A 41 -5.87 1.91 4.77
C ILE A 41 -6.46 2.18 3.39
N MET A 42 -7.39 3.09 3.30
CA MET A 42 -7.95 3.40 2.03
C MET A 42 -7.73 4.86 1.67
N ASP A 43 -6.60 5.10 1.01
CA ASP A 43 -6.16 6.43 0.63
C ASP A 43 -5.03 6.29 -0.40
N LEU A 44 -4.51 7.41 -0.84
CA LEU A 44 -3.36 7.47 -1.72
C LEU A 44 -2.09 7.08 -0.95
N CYS A 45 -1.14 6.47 -1.63
CA CYS A 45 0.11 6.08 -0.98
C CYS A 45 1.04 7.31 -0.80
N ILE A 46 2.27 7.03 -0.35
CA ILE A 46 3.34 8.04 -0.12
C ILE A 46 3.38 9.14 -1.15
N GLU A 47 4.02 8.86 -2.27
CA GLU A 47 4.09 9.80 -3.34
C GLU A 47 2.76 9.93 -4.00
N CYS A 48 1.99 8.86 -3.97
CA CYS A 48 0.75 8.77 -4.72
C CYS A 48 -0.23 9.90 -4.42
N GLN A 49 -0.29 10.34 -3.18
CA GLN A 49 -1.10 11.51 -2.85
C GLN A 49 -0.64 12.78 -3.56
N ALA A 50 0.66 12.99 -3.64
CA ALA A 50 1.21 14.12 -4.39
C ALA A 50 1.08 13.86 -5.90
N ASN A 51 1.35 12.61 -6.24
CA ASN A 51 1.37 12.11 -7.59
C ASN A 51 0.02 12.25 -8.26
N GLN A 52 -1.01 11.97 -7.47
CA GLN A 52 -2.37 11.87 -7.94
C GLN A 52 -2.53 10.63 -8.80
N ALA A 53 -2.74 9.50 -8.15
CA ALA A 53 -2.97 8.26 -8.85
C ALA A 53 -4.31 8.35 -9.56
N SER A 54 -4.26 8.49 -10.86
CA SER A 54 -5.46 8.69 -11.62
C SER A 54 -6.09 7.35 -11.98
N ALA A 55 -7.03 6.98 -11.14
CA ALA A 55 -7.88 5.82 -11.29
C ALA A 55 -8.85 5.90 -10.15
N THR A 56 -8.33 5.65 -8.98
CA THR A 56 -9.03 5.94 -7.77
C THR A 56 -8.07 6.68 -6.83
N SER A 57 -8.48 7.82 -6.32
CA SER A 57 -7.67 8.57 -5.36
C SER A 57 -8.28 8.42 -3.98
N GLU A 58 -9.47 7.84 -3.94
CA GLU A 58 -10.16 7.50 -2.71
C GLU A 58 -9.35 6.42 -2.04
N GLU A 59 -8.84 5.54 -2.86
CA GLU A 59 -7.92 4.52 -2.51
C GLU A 59 -7.01 4.37 -3.72
N CYS A 60 -5.72 4.49 -3.53
CA CYS A 60 -4.79 4.29 -4.63
C CYS A 60 -5.05 2.92 -5.22
N THR A 61 -5.13 1.96 -4.31
CA THR A 61 -5.63 0.60 -4.48
C THR A 61 -5.39 -0.12 -3.17
N VAL A 62 -6.31 -0.95 -2.75
CA VAL A 62 -6.12 -1.71 -1.54
C VAL A 62 -6.45 -3.17 -1.81
N ALA A 63 -5.79 -4.06 -1.11
CA ALA A 63 -6.03 -5.47 -1.24
C ALA A 63 -5.99 -6.11 0.11
N TRP A 64 -6.85 -7.08 0.31
CA TRP A 64 -6.91 -7.75 1.55
C TRP A 64 -6.10 -9.03 1.44
N GLY A 65 -5.45 -9.38 2.51
CA GLY A 65 -4.66 -10.56 2.54
C GLY A 65 -5.39 -11.68 3.24
N VAL A 66 -5.20 -12.90 2.75
CA VAL A 66 -5.87 -14.08 3.33
C VAL A 66 -5.35 -14.29 4.76
N CYS A 67 -4.16 -13.78 5.01
CA CYS A 67 -3.50 -13.89 6.28
C CYS A 67 -4.04 -12.82 7.26
N ASN A 68 -5.29 -12.39 7.03
CA ASN A 68 -6.01 -11.44 7.87
C ASN A 68 -5.22 -10.13 7.92
N HIS A 69 -4.74 -9.76 6.77
CA HIS A 69 -3.95 -8.56 6.63
C HIS A 69 -4.55 -7.61 5.62
N ALA A 70 -4.17 -6.36 5.71
CA ALA A 70 -4.63 -5.36 4.79
C ALA A 70 -3.50 -4.42 4.44
N PHE A 71 -3.25 -4.27 3.16
CA PHE A 71 -2.23 -3.36 2.66
C PHE A 71 -2.73 -2.74 1.38
N HIS A 72 -2.08 -1.70 0.92
CA HIS A 72 -2.45 -1.16 -0.34
C HIS A 72 -2.03 -2.11 -1.40
N PHE A 73 -2.88 -2.32 -2.37
CA PHE A 73 -2.56 -3.22 -3.46
C PHE A 73 -1.33 -2.73 -4.16
N HIS A 74 -1.26 -1.42 -4.36
CA HIS A 74 -0.12 -0.82 -5.02
C HIS A 74 1.16 -1.07 -4.22
N CYS A 75 1.11 -0.81 -2.93
CA CYS A 75 2.26 -0.95 -2.08
C CYS A 75 2.64 -2.41 -1.92
N ILE A 76 1.64 -3.26 -1.69
CA ILE A 76 1.91 -4.66 -1.51
C ILE A 76 2.46 -5.27 -2.79
N SER A 77 1.97 -4.84 -3.94
CA SER A 77 2.49 -5.30 -5.22
C SER A 77 3.97 -4.93 -5.38
N ARG A 78 4.33 -3.70 -4.99
CA ARG A 78 5.72 -3.26 -5.00
C ARG A 78 6.53 -4.11 -4.02
N TRP A 79 5.92 -4.38 -2.88
CA TRP A 79 6.51 -5.20 -1.85
C TRP A 79 6.75 -6.59 -2.39
N LEU A 80 5.77 -7.13 -3.05
CA LEU A 80 5.78 -8.47 -3.58
C LEU A 80 6.76 -8.64 -4.73
N LYS A 81 7.09 -7.56 -5.39
CA LYS A 81 8.15 -7.59 -6.37
C LYS A 81 9.45 -7.92 -5.68
N THR A 82 9.66 -7.31 -4.53
CA THR A 82 10.88 -7.52 -3.78
C THR A 82 10.79 -8.73 -2.83
N ARG A 83 9.60 -9.00 -2.31
CA ARG A 83 9.43 -9.97 -1.25
C ARG A 83 8.28 -10.92 -1.56
N GLN A 84 8.37 -12.12 -1.04
CA GLN A 84 7.36 -13.13 -1.27
C GLN A 84 6.44 -13.29 -0.07
N VAL A 85 6.76 -12.61 0.99
CA VAL A 85 6.11 -12.86 2.27
C VAL A 85 5.52 -11.59 2.85
N CYS A 86 4.60 -11.75 3.79
CA CYS A 86 4.01 -10.63 4.54
C CYS A 86 5.12 -9.79 5.14
N PRO A 87 5.03 -8.47 5.04
CA PRO A 87 5.99 -7.57 5.68
C PRO A 87 6.04 -7.82 7.18
N LEU A 88 4.86 -8.02 7.71
CA LEU A 88 4.65 -8.12 9.13
C LEU A 88 4.96 -9.52 9.63
N ASP A 89 4.46 -10.52 8.90
CA ASP A 89 4.54 -11.92 9.34
C ASP A 89 5.76 -12.62 8.82
N ASN A 90 6.26 -12.15 7.68
CA ASN A 90 7.30 -12.87 6.94
C ASN A 90 6.85 -14.27 6.54
N ARG A 91 5.57 -14.37 6.20
CA ARG A 91 4.98 -15.62 5.71
C ARG A 91 4.37 -15.33 4.36
N GLU A 92 4.35 -16.32 3.47
CA GLU A 92 4.02 -16.07 2.06
C GLU A 92 2.67 -15.37 1.93
N TRP A 93 2.69 -14.24 1.25
CA TRP A 93 1.53 -13.39 1.12
C TRP A 93 0.52 -13.96 0.12
N GLU A 94 -0.73 -14.00 0.54
CA GLU A 94 -1.82 -14.44 -0.31
C GLU A 94 -2.85 -13.32 -0.45
N PHE A 95 -3.43 -13.20 -1.62
CA PHE A 95 -4.46 -12.18 -1.87
C PHE A 95 -5.83 -12.74 -1.57
N GLN A 96 -6.52 -12.10 -0.65
CA GLN A 96 -7.87 -12.51 -0.29
C GLN A 96 -8.88 -11.95 -1.28
N LYS A 97 -8.79 -10.66 -1.52
CA LYS A 97 -9.70 -9.96 -2.41
C LYS A 97 -9.10 -8.64 -2.87
N TYR A 98 -9.14 -8.41 -4.17
CA TYR A 98 -8.76 -7.15 -4.76
C TYR A 98 -9.55 -6.94 -6.05
N GLY A 99 -9.57 -5.72 -6.55
CA GLY A 99 -10.29 -5.44 -7.78
C GLY A 99 -11.74 -5.07 -7.51
N HIS A 100 -11.97 -4.48 -6.36
CA HIS A 100 -13.29 -4.03 -5.96
C HIS A 100 -13.62 -2.65 -6.55
ZN ZN B . 0.36 2.03 0.88
ZN ZN C . -0.04 4.21 -4.69
ZN ZN D . 0.22 -12.21 7.08
N GLY A 1 -17.16 -13.85 9.78
CA GLY A 1 -17.20 -12.48 9.29
C GLY A 1 -16.17 -12.25 8.20
N GLY A 2 -16.48 -11.33 7.34
CA GLY A 2 -15.59 -11.03 6.24
C GLY A 2 -16.35 -10.89 4.95
N GLY A 3 -15.67 -10.51 3.90
CA GLY A 3 -16.29 -10.33 2.62
C GLY A 3 -16.08 -11.53 1.72
N GLY A 4 -17.17 -12.10 1.24
CA GLY A 4 -17.07 -13.25 0.39
C GLY A 4 -17.77 -13.06 -0.93
N THR A 5 -18.21 -11.85 -1.22
CA THR A 5 -18.92 -11.60 -2.44
C THR A 5 -18.24 -10.52 -3.28
N ASN A 6 -17.56 -10.95 -4.31
CA ASN A 6 -16.91 -10.05 -5.25
C ASN A 6 -16.69 -10.76 -6.58
N SER A 7 -17.24 -10.21 -7.64
CA SER A 7 -17.11 -10.80 -8.95
C SER A 7 -17.08 -9.70 -10.00
N GLY A 8 -16.27 -9.89 -11.03
CA GLY A 8 -16.21 -8.93 -12.10
C GLY A 8 -15.35 -7.73 -11.74
N ALA A 9 -14.37 -7.96 -10.89
CA ALA A 9 -13.48 -6.90 -10.43
C ALA A 9 -12.54 -6.48 -11.55
N GLY A 10 -12.88 -5.40 -12.21
CA GLY A 10 -12.11 -4.94 -13.34
C GLY A 10 -11.53 -3.57 -13.10
N LYS A 11 -10.90 -3.39 -11.95
CA LYS A 11 -10.24 -2.13 -11.66
C LYS A 11 -8.74 -2.35 -11.55
N LYS A 12 -8.03 -2.02 -12.62
CA LYS A 12 -6.58 -2.11 -12.64
C LYS A 12 -6.01 -1.06 -13.57
N ARG A 13 -5.01 -0.37 -13.13
CA ARG A 13 -4.36 0.62 -13.97
C ARG A 13 -2.91 0.17 -14.23
N PHE A 14 -2.48 0.24 -15.49
CA PHE A 14 -1.19 -0.33 -15.89
C PHE A 14 -0.06 0.70 -15.92
N GLU A 15 -0.37 1.96 -15.67
CA GLU A 15 0.64 3.00 -15.70
C GLU A 15 1.61 2.83 -14.54
N VAL A 16 2.83 3.28 -14.72
CA VAL A 16 3.86 3.10 -13.72
C VAL A 16 3.81 4.24 -12.72
N LYS A 17 3.52 3.94 -11.48
CA LYS A 17 3.47 4.96 -10.46
C LYS A 17 4.55 4.67 -9.43
N LYS A 18 5.47 5.61 -9.27
CA LYS A 18 6.61 5.41 -8.41
C LYS A 18 6.39 6.01 -7.05
N SER A 19 6.22 5.16 -6.07
CA SER A 19 6.15 5.60 -4.70
C SER A 19 7.38 5.10 -3.96
N ASN A 20 8.40 5.91 -3.95
CA ASN A 20 9.67 5.54 -3.37
C ASN A 20 9.93 6.32 -2.11
N ALA A 21 9.45 7.55 -2.08
CA ALA A 21 9.61 8.42 -0.92
C ALA A 21 8.64 7.99 0.17
N SER A 22 9.11 7.12 1.03
CA SER A 22 8.29 6.51 2.05
C SER A 22 8.13 7.44 3.26
N ALA A 23 6.98 7.35 3.90
CA ALA A 23 6.69 8.17 5.05
C ALA A 23 6.99 7.42 6.33
N GLN A 24 7.56 8.09 7.29
CA GLN A 24 7.90 7.47 8.54
C GLN A 24 6.98 8.00 9.64
N SER A 25 6.02 7.20 9.99
CA SER A 25 5.10 7.54 11.04
C SER A 25 5.57 6.85 12.31
N ALA A 26 5.86 7.63 13.33
CA ALA A 26 6.41 7.07 14.55
C ALA A 26 5.32 6.69 15.52
N TRP A 27 4.67 5.58 15.24
CA TRP A 27 3.60 5.06 16.06
C TRP A 27 3.76 3.54 16.18
N ASP A 28 2.84 2.80 15.59
CA ASP A 28 2.92 1.35 15.55
C ASP A 28 2.15 0.85 14.35
N ILE A 29 2.23 -0.44 14.08
CA ILE A 29 1.54 -1.02 12.95
C ILE A 29 0.16 -1.51 13.35
N VAL A 30 -0.83 -1.03 12.64
CA VAL A 30 -2.21 -1.36 12.91
C VAL A 30 -2.85 -1.82 11.59
N VAL A 31 -3.65 -2.88 11.62
CA VAL A 31 -4.20 -3.43 10.39
C VAL A 31 -5.37 -2.59 9.85
N ASP A 32 -5.05 -1.36 9.51
CA ASP A 32 -5.92 -0.48 8.76
C ASP A 32 -5.09 0.67 8.22
N ASN A 33 -3.81 0.40 8.06
CA ASN A 33 -2.93 1.29 7.35
C ASN A 33 -1.98 0.46 6.53
N CYS A 34 -1.41 1.06 5.52
CA CYS A 34 -0.43 0.40 4.72
C CYS A 34 0.88 0.62 5.40
N ALA A 35 1.59 -0.43 5.70
CA ALA A 35 2.87 -0.27 6.38
C ALA A 35 3.98 -0.15 5.36
N ILE A 36 3.66 -0.56 4.13
CA ILE A 36 4.64 -0.64 3.06
C ILE A 36 5.08 0.77 2.64
N CYS A 37 4.11 1.64 2.47
CA CYS A 37 4.37 3.05 2.22
C CYS A 37 4.31 3.78 3.54
N ARG A 38 3.54 3.19 4.42
CA ARG A 38 3.23 3.70 5.71
C ARG A 38 2.35 4.93 5.67
N ASN A 39 1.18 4.74 5.06
CA ASN A 39 0.09 5.70 5.07
C ASN A 39 -1.20 4.93 5.38
N HIS A 40 -2.35 5.59 5.43
CA HIS A 40 -3.59 4.90 5.85
C HIS A 40 -4.09 3.86 4.82
N ILE A 41 -5.01 2.97 5.25
CA ILE A 41 -5.36 1.77 4.47
C ILE A 41 -5.99 2.07 3.12
N MET A 42 -6.97 2.91 3.08
CA MET A 42 -7.71 3.06 1.87
C MET A 42 -7.89 4.51 1.54
N ASP A 43 -6.88 5.01 0.88
CA ASP A 43 -6.73 6.39 0.48
C ASP A 43 -5.50 6.41 -0.44
N LEU A 44 -4.97 7.57 -0.73
CA LEU A 44 -3.77 7.69 -1.54
C LEU A 44 -2.53 7.27 -0.75
N CYS A 45 -1.55 6.71 -1.45
CA CYS A 45 -0.29 6.33 -0.85
C CYS A 45 0.57 7.57 -0.58
N ILE A 46 1.79 7.34 -0.17
CA ILE A 46 2.79 8.37 0.11
C ILE A 46 2.88 9.45 -0.95
N GLU A 47 3.56 9.17 -2.02
CA GLU A 47 3.68 10.11 -3.10
C GLU A 47 2.37 10.24 -3.81
N CYS A 48 1.57 9.18 -3.78
CA CYS A 48 0.32 9.13 -4.54
C CYS A 48 -0.66 10.23 -4.11
N GLN A 49 -0.68 10.56 -2.83
CA GLN A 49 -1.49 11.68 -2.36
C GLN A 49 -1.08 13.00 -3.01
N ALA A 50 0.21 13.22 -3.10
CA ALA A 50 0.73 14.39 -3.78
C ALA A 50 0.53 14.25 -5.29
N ASN A 51 0.73 13.04 -5.76
CA ASN A 51 0.66 12.67 -7.16
C ASN A 51 -0.74 12.87 -7.74
N GLN A 52 -1.75 12.52 -6.96
CA GLN A 52 -3.14 12.46 -7.41
C GLN A 52 -3.30 11.34 -8.41
N ALA A 53 -3.63 10.16 -7.90
CA ALA A 53 -3.72 8.95 -8.72
C ALA A 53 -4.80 9.08 -9.77
N SER A 54 -4.47 8.65 -10.98
CA SER A 54 -5.30 8.80 -12.16
C SER A 54 -6.65 8.09 -11.99
N ALA A 55 -6.63 6.89 -11.43
CA ALA A 55 -7.84 6.10 -11.30
C ALA A 55 -8.69 6.59 -10.15
N THR A 56 -8.29 6.27 -8.94
CA THR A 56 -9.03 6.65 -7.78
C THR A 56 -8.11 7.38 -6.81
N SER A 57 -8.55 8.51 -6.28
CA SER A 57 -7.79 9.21 -5.27
C SER A 57 -8.48 9.09 -3.91
N GLU A 58 -9.69 8.55 -3.95
CA GLU A 58 -10.44 8.20 -2.75
C GLU A 58 -9.64 7.10 -2.04
N GLU A 59 -9.04 6.28 -2.87
CA GLU A 59 -8.16 5.22 -2.51
C GLU A 59 -7.26 5.01 -3.70
N CYS A 60 -5.97 4.96 -3.51
CA CYS A 60 -5.06 4.63 -4.60
C CYS A 60 -5.43 3.27 -5.16
N THR A 61 -5.05 2.23 -4.44
CA THR A 61 -5.47 0.86 -4.70
C THR A 61 -5.31 0.08 -3.39
N VAL A 62 -6.22 -0.83 -3.10
CA VAL A 62 -6.15 -1.57 -1.85
C VAL A 62 -6.40 -3.05 -2.08
N ALA A 63 -5.73 -3.89 -1.31
CA ALA A 63 -5.89 -5.32 -1.39
C ALA A 63 -5.93 -5.91 -0.01
N TRP A 64 -6.78 -6.89 0.17
CA TRP A 64 -6.90 -7.55 1.43
C TRP A 64 -6.14 -8.85 1.38
N GLY A 65 -5.53 -9.21 2.48
CA GLY A 65 -4.78 -10.41 2.58
C GLY A 65 -5.58 -11.48 3.29
N VAL A 66 -5.47 -12.71 2.81
CA VAL A 66 -6.14 -13.86 3.43
C VAL A 66 -5.56 -14.08 4.83
N CYS A 67 -4.38 -13.55 5.04
CA CYS A 67 -3.67 -13.60 6.28
C CYS A 67 -4.22 -12.56 7.28
N ASN A 68 -5.46 -12.11 7.05
CA ASN A 68 -6.16 -11.13 7.89
C ASN A 68 -5.37 -9.83 7.90
N HIS A 69 -4.88 -9.48 6.76
CA HIS A 69 -4.09 -8.30 6.59
C HIS A 69 -4.65 -7.37 5.56
N ALA A 70 -4.26 -6.13 5.63
CA ALA A 70 -4.72 -5.12 4.73
C ALA A 70 -3.57 -4.22 4.35
N PHE A 71 -3.32 -4.10 3.05
CA PHE A 71 -2.27 -3.22 2.54
C PHE A 71 -2.76 -2.57 1.25
N HIS A 72 -2.03 -1.60 0.75
CA HIS A 72 -2.38 -1.03 -0.52
C HIS A 72 -1.99 -2.02 -1.58
N PHE A 73 -2.85 -2.20 -2.56
CA PHE A 73 -2.54 -3.10 -3.66
C PHE A 73 -1.29 -2.61 -4.35
N HIS A 74 -1.20 -1.31 -4.53
CA HIS A 74 -0.06 -0.69 -5.17
C HIS A 74 1.23 -1.03 -4.41
N CYS A 75 1.19 -0.84 -3.11
CA CYS A 75 2.35 -1.05 -2.29
C CYS A 75 2.65 -2.52 -2.10
N ILE A 76 1.61 -3.32 -1.87
CA ILE A 76 1.82 -4.75 -1.68
C ILE A 76 2.37 -5.39 -2.95
N SER A 77 1.93 -4.90 -4.11
CA SER A 77 2.47 -5.36 -5.39
C SER A 77 3.97 -5.09 -5.46
N ARG A 78 4.38 -3.88 -5.08
CA ARG A 78 5.80 -3.55 -4.98
C ARG A 78 6.50 -4.38 -3.95
N TRP A 79 5.84 -4.59 -2.84
CA TRP A 79 6.36 -5.36 -1.77
C TRP A 79 6.65 -6.76 -2.24
N LEU A 80 5.69 -7.33 -2.91
CA LEU A 80 5.75 -8.69 -3.41
C LEU A 80 6.76 -8.86 -4.53
N LYS A 81 7.06 -7.77 -5.23
CA LYS A 81 8.13 -7.79 -6.21
C LYS A 81 9.44 -8.10 -5.50
N THR A 82 9.59 -7.52 -4.32
CA THR A 82 10.82 -7.64 -3.57
C THR A 82 10.77 -8.70 -2.45
N ARG A 83 9.56 -9.06 -2.02
CA ARG A 83 9.35 -9.95 -0.88
C ARG A 83 8.26 -10.95 -1.19
N GLN A 84 8.32 -12.09 -0.54
CA GLN A 84 7.34 -13.15 -0.76
C GLN A 84 6.44 -13.34 0.45
N VAL A 85 6.65 -12.53 1.47
CA VAL A 85 5.98 -12.71 2.74
C VAL A 85 5.37 -11.40 3.23
N CYS A 86 4.40 -11.50 4.15
CA CYS A 86 3.83 -10.37 4.85
C CYS A 86 4.91 -9.53 5.48
N PRO A 87 4.83 -8.21 5.36
CA PRO A 87 5.78 -7.30 6.02
C PRO A 87 5.75 -7.51 7.52
N LEU A 88 4.56 -7.74 8.01
CA LEU A 88 4.29 -7.81 9.42
C LEU A 88 4.57 -9.21 9.96
N ASP A 89 4.06 -10.20 9.25
CA ASP A 89 4.11 -11.58 9.77
C ASP A 89 5.34 -12.30 9.31
N ASN A 90 5.86 -11.90 8.16
CA ASN A 90 6.92 -12.66 7.46
C ASN A 90 6.41 -14.07 7.13
N ARG A 91 5.12 -14.10 6.86
CA ARG A 91 4.34 -15.25 6.53
C ARG A 91 3.97 -15.13 5.06
N GLU A 92 3.60 -16.20 4.42
CA GLU A 92 3.26 -16.16 2.99
C GLU A 92 2.08 -15.20 2.77
N TRP A 93 2.29 -14.21 1.92
CA TRP A 93 1.22 -13.28 1.61
C TRP A 93 0.28 -13.92 0.60
N GLU A 94 -1.02 -13.75 0.83
CA GLU A 94 -2.01 -14.27 -0.08
C GLU A 94 -3.09 -13.22 -0.31
N PHE A 95 -3.52 -13.07 -1.56
CA PHE A 95 -4.53 -12.06 -1.89
C PHE A 95 -5.92 -12.60 -1.66
N GLN A 96 -6.62 -11.99 -0.74
CA GLN A 96 -8.02 -12.31 -0.50
C GLN A 96 -8.85 -11.83 -1.68
N LYS A 97 -8.59 -10.57 -2.07
CA LYS A 97 -9.17 -9.91 -3.23
C LYS A 97 -8.72 -8.45 -3.22
N TYR A 98 -9.00 -7.72 -4.29
CA TYR A 98 -8.59 -6.32 -4.36
C TYR A 98 -9.57 -5.47 -5.16
N GLY A 99 -9.48 -4.16 -4.98
CA GLY A 99 -10.37 -3.25 -5.65
C GLY A 99 -11.50 -2.82 -4.75
N HIS A 100 -12.68 -2.70 -5.31
CA HIS A 100 -13.87 -2.34 -4.56
C HIS A 100 -14.36 -3.53 -3.76
ZN ZN B . 0.62 1.91 0.66
ZN ZN C . -0.28 4.45 -4.60
ZN ZN D . 0.08 -11.86 7.33
N GLY A 1 -8.18 19.14 -10.52
CA GLY A 1 -8.60 19.84 -11.73
C GLY A 1 -10.08 19.70 -11.94
N GLY A 2 -10.62 18.61 -11.43
CA GLY A 2 -12.03 18.36 -11.51
C GLY A 2 -12.39 17.52 -12.71
N GLY A 3 -13.67 17.38 -12.98
CA GLY A 3 -14.11 16.62 -14.14
C GLY A 3 -13.74 17.31 -15.44
N GLY A 4 -13.43 16.54 -16.45
CA GLY A 4 -13.02 17.10 -17.72
C GLY A 4 -11.56 16.86 -18.00
N THR A 5 -11.12 17.26 -19.16
CA THR A 5 -9.73 17.10 -19.54
C THR A 5 -9.20 18.43 -20.08
N ASN A 6 -8.06 18.87 -19.57
CA ASN A 6 -7.45 20.08 -20.07
C ASN A 6 -6.28 19.76 -20.97
N SER A 7 -6.08 20.59 -21.97
CA SER A 7 -4.95 20.45 -22.85
C SER A 7 -3.76 21.25 -22.30
N GLY A 8 -2.57 20.80 -22.63
CA GLY A 8 -1.37 21.46 -22.15
C GLY A 8 -0.73 20.73 -20.99
N ALA A 9 -1.50 19.86 -20.35
CA ALA A 9 -0.98 19.01 -19.29
C ALA A 9 -0.06 17.96 -19.88
N GLY A 10 -0.48 17.40 -21.03
CA GLY A 10 0.31 16.40 -21.72
C GLY A 10 0.48 15.15 -20.88
N LYS A 11 -0.61 14.68 -20.31
CA LYS A 11 -0.54 13.56 -19.39
C LYS A 11 -0.34 12.23 -20.09
N LYS A 12 0.57 11.46 -19.55
CA LYS A 12 0.90 10.13 -20.02
C LYS A 12 0.64 9.14 -18.90
N ARG A 13 0.40 7.90 -19.23
CA ARG A 13 0.21 6.88 -18.20
C ARG A 13 1.51 6.61 -17.46
N PHE A 14 1.50 6.87 -16.17
CA PHE A 14 2.63 6.55 -15.33
C PHE A 14 2.15 6.21 -13.94
N GLU A 15 2.95 5.51 -13.21
CA GLU A 15 2.70 5.23 -11.83
C GLU A 15 3.97 5.41 -11.03
N VAL A 16 3.85 5.72 -9.77
CA VAL A 16 5.02 5.92 -8.96
C VAL A 16 5.60 4.61 -8.46
N LYS A 17 6.80 4.33 -8.92
CA LYS A 17 7.56 3.20 -8.47
C LYS A 17 8.71 3.73 -7.65
N LYS A 18 8.78 3.31 -6.42
CA LYS A 18 9.71 3.89 -5.48
C LYS A 18 10.95 3.02 -5.34
N SER A 19 12.11 3.58 -5.65
CA SER A 19 13.38 2.89 -5.45
C SER A 19 13.57 2.60 -3.96
N ASN A 20 13.24 3.59 -3.16
CA ASN A 20 13.31 3.51 -1.71
C ASN A 20 12.03 2.90 -1.15
N ALA A 21 11.60 1.80 -1.75
CA ALA A 21 10.34 1.14 -1.41
C ALA A 21 10.32 0.63 0.03
N SER A 22 11.46 0.17 0.51
CA SER A 22 11.56 -0.32 1.87
C SER A 22 12.64 0.43 2.63
N ALA A 23 12.83 1.69 2.25
CA ALA A 23 13.80 2.55 2.90
C ALA A 23 13.40 2.85 4.32
N GLN A 24 12.10 3.00 4.53
CA GLN A 24 11.56 3.29 5.83
C GLN A 24 11.53 2.03 6.68
N SER A 25 11.73 2.22 7.97
CA SER A 25 11.72 1.13 8.93
C SER A 25 10.33 0.98 9.54
N ALA A 26 9.35 1.62 8.90
CA ALA A 26 7.96 1.61 9.35
C ALA A 26 7.48 0.18 9.57
N TRP A 27 6.95 -0.04 10.74
CA TRP A 27 6.54 -1.37 11.16
C TRP A 27 5.42 -1.22 12.20
N ASP A 28 4.23 -1.63 11.85
CA ASP A 28 3.11 -1.65 12.78
C ASP A 28 2.14 -2.75 12.40
N ILE A 29 1.32 -3.18 13.35
CA ILE A 29 0.46 -4.35 13.16
C ILE A 29 -0.96 -3.96 12.77
N VAL A 30 -1.17 -2.70 12.51
CA VAL A 30 -2.48 -2.19 12.19
C VAL A 30 -2.83 -2.51 10.74
N VAL A 31 -4.02 -3.05 10.52
CA VAL A 31 -4.46 -3.40 9.17
C VAL A 31 -5.30 -2.32 8.52
N ASP A 32 -5.61 -1.26 9.24
CA ASP A 32 -6.29 -0.14 8.60
C ASP A 32 -5.27 0.91 8.22
N ASN A 33 -4.02 0.53 8.32
CA ASN A 33 -2.91 1.34 7.91
C ASN A 33 -1.98 0.52 7.06
N CYS A 34 -1.59 1.05 5.92
CA CYS A 34 -0.64 0.41 5.08
C CYS A 34 0.70 0.72 5.64
N ALA A 35 1.35 -0.26 6.21
CA ALA A 35 2.60 -0.02 6.88
C ALA A 35 3.74 0.06 5.89
N ILE A 36 3.44 -0.31 4.65
CA ILE A 36 4.43 -0.33 3.60
C ILE A 36 4.82 1.10 3.22
N CYS A 37 3.83 1.96 3.06
CA CYS A 37 4.05 3.37 2.80
C CYS A 37 3.91 4.16 4.10
N ARG A 38 3.08 3.60 4.96
CA ARG A 38 2.68 4.15 6.24
C ARG A 38 1.65 5.25 6.06
N ASN A 39 0.57 4.88 5.38
CA ASN A 39 -0.58 5.76 5.26
C ASN A 39 -1.83 4.91 5.43
N HIS A 40 -2.97 5.54 5.51
CA HIS A 40 -4.21 4.84 5.82
C HIS A 40 -4.54 3.78 4.75
N ILE A 41 -5.26 2.74 5.18
CA ILE A 41 -5.51 1.54 4.38
C ILE A 41 -6.08 1.79 2.97
N MET A 42 -7.15 2.53 2.88
CA MET A 42 -7.74 2.75 1.59
C MET A 42 -7.82 4.23 1.34
N ASP A 43 -6.68 4.76 0.99
CA ASP A 43 -6.44 6.17 0.87
C ASP A 43 -5.25 6.32 -0.09
N LEU A 44 -4.70 7.50 -0.16
CA LEU A 44 -3.51 7.79 -0.96
C LEU A 44 -2.27 7.17 -0.32
N CYS A 45 -1.30 6.84 -1.15
CA CYS A 45 -0.03 6.32 -0.66
C CYS A 45 0.92 7.51 -0.40
N ILE A 46 2.21 7.20 -0.32
CA ILE A 46 3.29 8.20 -0.12
C ILE A 46 3.23 9.37 -1.11
N GLU A 47 3.80 9.18 -2.27
CA GLU A 47 3.86 10.22 -3.27
C GLU A 47 2.57 10.34 -4.02
N CYS A 48 1.74 9.32 -3.92
CA CYS A 48 0.51 9.23 -4.71
C CYS A 48 -0.39 10.48 -4.56
N GLN A 49 -0.43 11.02 -3.37
CA GLN A 49 -1.16 12.26 -3.13
C GLN A 49 -0.69 13.42 -4.03
N ALA A 50 0.61 13.51 -4.25
CA ALA A 50 1.18 14.53 -5.15
C ALA A 50 1.18 14.01 -6.59
N ASN A 51 1.34 12.71 -6.71
CA ASN A 51 1.46 12.00 -7.97
C ASN A 51 0.20 12.14 -8.82
N GLN A 52 -0.96 11.92 -8.18
CA GLN A 52 -2.29 12.12 -8.78
C GLN A 52 -2.63 11.13 -9.95
N ALA A 53 -1.64 10.36 -10.39
CA ALA A 53 -1.82 9.45 -11.53
C ALA A 53 -2.72 8.26 -11.18
N SER A 54 -3.04 8.12 -9.90
CA SER A 54 -3.94 7.09 -9.44
C SER A 54 -5.37 7.37 -9.91
N ALA A 55 -5.62 8.64 -10.29
CA ALA A 55 -6.92 9.14 -10.76
C ALA A 55 -7.89 9.36 -9.60
N THR A 56 -8.01 8.38 -8.73
CA THR A 56 -8.83 8.51 -7.55
C THR A 56 -7.92 8.74 -6.35
N SER A 57 -8.15 9.80 -5.63
CA SER A 57 -7.34 10.13 -4.49
C SER A 57 -8.08 9.84 -3.20
N GLU A 58 -9.36 9.53 -3.33
CA GLU A 58 -10.16 9.11 -2.22
C GLU A 58 -9.61 7.78 -1.75
N GLU A 59 -9.13 7.02 -2.72
CA GLU A 59 -8.56 5.74 -2.54
C GLU A 59 -7.60 5.50 -3.68
N CYS A 60 -6.35 5.22 -3.38
CA CYS A 60 -5.43 4.80 -4.40
C CYS A 60 -5.80 3.37 -4.86
N THR A 61 -5.21 2.36 -4.24
CA THR A 61 -5.59 0.97 -4.46
C THR A 61 -5.43 0.21 -3.14
N VAL A 62 -6.20 -0.85 -2.95
CA VAL A 62 -6.15 -1.60 -1.70
C VAL A 62 -6.32 -3.10 -1.95
N ALA A 63 -5.61 -3.91 -1.18
CA ALA A 63 -5.70 -5.35 -1.31
C ALA A 63 -5.75 -6.00 0.05
N TRP A 64 -6.58 -7.01 0.18
CA TRP A 64 -6.72 -7.72 1.41
C TRP A 64 -5.92 -8.99 1.32
N GLY A 65 -5.30 -9.35 2.38
CA GLY A 65 -4.53 -10.56 2.43
C GLY A 65 -5.30 -11.66 3.12
N VAL A 66 -5.23 -12.87 2.56
CA VAL A 66 -5.90 -14.05 3.15
C VAL A 66 -5.32 -14.31 4.54
N CYS A 67 -4.13 -13.81 4.73
CA CYS A 67 -3.37 -13.93 5.94
C CYS A 67 -3.87 -12.91 7.00
N ASN A 68 -5.12 -12.43 6.81
CA ASN A 68 -5.80 -11.51 7.74
C ASN A 68 -5.04 -10.20 7.82
N HIS A 69 -4.52 -9.79 6.69
CA HIS A 69 -3.80 -8.56 6.58
C HIS A 69 -4.42 -7.67 5.55
N ALA A 70 -4.16 -6.40 5.65
CA ALA A 70 -4.67 -5.45 4.70
C ALA A 70 -3.60 -4.42 4.39
N PHE A 71 -3.37 -4.21 3.13
CA PHE A 71 -2.36 -3.25 2.68
C PHE A 71 -2.85 -2.57 1.41
N HIS A 72 -2.13 -1.58 0.94
CA HIS A 72 -2.44 -1.00 -0.34
C HIS A 72 -2.04 -1.98 -1.41
N PHE A 73 -2.85 -2.10 -2.42
CA PHE A 73 -2.52 -2.95 -3.56
C PHE A 73 -1.24 -2.46 -4.20
N HIS A 74 -1.12 -1.14 -4.31
CA HIS A 74 0.06 -0.50 -4.87
C HIS A 74 1.29 -0.90 -4.07
N CYS A 75 1.19 -0.78 -2.76
CA CYS A 75 2.32 -1.01 -1.91
C CYS A 75 2.64 -2.49 -1.81
N ILE A 76 1.61 -3.31 -1.58
CA ILE A 76 1.83 -4.73 -1.41
C ILE A 76 2.36 -5.37 -2.70
N SER A 77 1.87 -4.92 -3.85
CA SER A 77 2.33 -5.47 -5.11
C SER A 77 3.81 -5.21 -5.32
N ARG A 78 4.25 -3.99 -5.02
CA ARG A 78 5.66 -3.64 -5.12
C ARG A 78 6.48 -4.41 -4.10
N TRP A 79 5.88 -4.56 -2.94
CA TRP A 79 6.46 -5.35 -1.88
C TRP A 79 6.68 -6.77 -2.36
N LEU A 80 5.67 -7.31 -2.98
CA LEU A 80 5.67 -8.66 -3.49
C LEU A 80 6.59 -8.84 -4.69
N LYS A 81 6.91 -7.75 -5.35
CA LYS A 81 7.88 -7.78 -6.42
C LYS A 81 9.24 -8.17 -5.84
N THR A 82 9.53 -7.64 -4.67
CA THR A 82 10.79 -7.90 -4.02
C THR A 82 10.70 -8.97 -2.91
N ARG A 83 9.50 -9.22 -2.38
CA ARG A 83 9.32 -10.16 -1.26
C ARG A 83 8.17 -11.14 -1.52
N GLN A 84 8.23 -12.30 -0.90
CA GLN A 84 7.18 -13.29 -1.02
C GLN A 84 6.28 -13.34 0.21
N VAL A 85 6.67 -12.63 1.24
CA VAL A 85 6.05 -12.78 2.53
C VAL A 85 5.46 -11.47 3.03
N CYS A 86 4.52 -11.56 3.98
CA CYS A 86 3.96 -10.41 4.64
C CYS A 86 5.07 -9.55 5.21
N PRO A 87 4.93 -8.22 5.12
CA PRO A 87 5.90 -7.29 5.70
C PRO A 87 6.00 -7.47 7.18
N LEU A 88 4.87 -7.85 7.77
CA LEU A 88 4.71 -7.91 9.20
C LEU A 88 4.92 -9.34 9.68
N ASP A 89 4.15 -10.23 9.08
CA ASP A 89 4.14 -11.65 9.48
C ASP A 89 5.41 -12.35 9.11
N ASN A 90 5.97 -11.95 7.97
CA ASN A 90 7.07 -12.69 7.32
C ASN A 90 6.59 -14.09 6.95
N ARG A 91 5.31 -14.17 6.63
CA ARG A 91 4.65 -15.41 6.19
C ARG A 91 4.30 -15.21 4.75
N GLU A 92 4.26 -16.28 3.96
CA GLU A 92 4.01 -16.14 2.53
C GLU A 92 2.66 -15.43 2.31
N TRP A 93 2.68 -14.37 1.51
CA TRP A 93 1.51 -13.55 1.33
C TRP A 93 0.54 -14.14 0.27
N GLU A 94 -0.76 -14.12 0.60
CA GLU A 94 -1.82 -14.46 -0.36
C GLU A 94 -2.81 -13.31 -0.50
N PHE A 95 -3.27 -13.08 -1.72
CA PHE A 95 -4.27 -12.04 -1.98
C PHE A 95 -5.67 -12.59 -1.79
N GLN A 96 -6.36 -12.08 -0.80
CA GLN A 96 -7.76 -12.44 -0.58
C GLN A 96 -8.60 -11.75 -1.65
N LYS A 97 -8.27 -10.50 -1.91
CA LYS A 97 -8.91 -9.67 -2.91
C LYS A 97 -7.93 -8.57 -3.28
N TYR A 98 -7.91 -8.14 -4.53
CA TYR A 98 -6.97 -7.10 -4.91
C TYR A 98 -7.56 -6.11 -5.91
N GLY A 99 -6.98 -4.93 -5.95
CA GLY A 99 -7.45 -3.87 -6.80
C GLY A 99 -7.88 -2.69 -5.99
N HIS A 100 -9.16 -2.41 -5.98
CA HIS A 100 -9.72 -1.38 -5.13
C HIS A 100 -11.04 -1.88 -4.54
ZN ZN B . 0.43 1.91 1.12
ZN ZN C . -0.58 4.60 -4.57
ZN ZN D . 0.15 -12.04 7.23
N GLY A 1 -26.10 9.66 -32.88
CA GLY A 1 -25.86 9.35 -31.50
C GLY A 1 -25.47 7.90 -31.29
N GLY A 2 -24.31 7.67 -30.74
CA GLY A 2 -23.86 6.32 -30.48
C GLY A 2 -22.44 6.11 -30.92
N GLY A 3 -21.54 6.92 -30.40
CA GLY A 3 -20.14 6.79 -30.76
C GLY A 3 -19.30 6.36 -29.60
N GLY A 4 -19.50 6.99 -28.47
CA GLY A 4 -18.72 6.70 -27.29
C GLY A 4 -17.42 7.48 -27.31
N THR A 5 -16.50 7.14 -26.43
CA THR A 5 -15.24 7.82 -26.39
C THR A 5 -14.11 6.82 -26.13
N ASN A 6 -12.92 7.17 -26.60
CA ASN A 6 -11.74 6.34 -26.42
C ASN A 6 -10.97 6.81 -25.20
N SER A 7 -10.85 5.96 -24.22
CA SER A 7 -10.14 6.29 -23.01
C SER A 7 -8.64 6.44 -23.28
N GLY A 8 -8.09 7.53 -22.80
CA GLY A 8 -6.68 7.79 -22.96
C GLY A 8 -5.95 7.68 -21.65
N ALA A 9 -6.46 6.83 -20.78
CA ALA A 9 -5.87 6.64 -19.47
C ALA A 9 -4.63 5.76 -19.56
N GLY A 10 -3.54 6.36 -19.99
CA GLY A 10 -2.30 5.66 -20.15
C GLY A 10 -1.13 6.54 -19.87
N LYS A 11 -1.35 7.57 -19.09
CA LYS A 11 -0.29 8.49 -18.73
C LYS A 11 0.63 7.85 -17.71
N LYS A 12 1.87 8.28 -17.70
CA LYS A 12 2.87 7.69 -16.86
C LYS A 12 2.58 7.95 -15.38
N ARG A 13 2.28 6.89 -14.67
CA ARG A 13 2.00 6.97 -13.26
C ARG A 13 3.14 6.28 -12.55
N PHE A 14 3.71 6.91 -11.54
CA PHE A 14 4.93 6.40 -10.94
C PHE A 14 4.65 5.50 -9.75
N GLU A 15 5.48 4.50 -9.60
CA GLU A 15 5.36 3.52 -8.55
C GLU A 15 6.11 4.00 -7.30
N VAL A 16 5.73 3.48 -6.15
CA VAL A 16 6.45 3.78 -4.94
C VAL A 16 7.78 3.00 -4.93
N LYS A 17 8.86 3.75 -4.87
CA LYS A 17 10.19 3.21 -5.01
C LYS A 17 10.66 2.62 -3.70
N LYS A 18 11.57 1.67 -3.76
CA LYS A 18 12.20 1.15 -2.56
C LYS A 18 12.91 2.29 -1.83
N SER A 19 12.84 2.27 -0.50
CA SER A 19 13.37 3.34 0.36
C SER A 19 12.51 4.61 0.32
N ASN A 20 11.95 4.89 -0.85
CA ASN A 20 10.92 5.93 -0.99
C ASN A 20 9.70 5.49 -0.20
N ALA A 21 9.40 4.20 -0.31
CA ALA A 21 8.40 3.55 0.51
C ALA A 21 9.04 3.07 1.79
N SER A 22 8.28 2.96 2.83
CA SER A 22 8.80 2.60 4.12
C SER A 22 8.81 1.08 4.30
N ALA A 23 9.81 0.44 3.70
CA ALA A 23 9.99 -0.99 3.86
C ALA A 23 10.35 -1.30 5.30
N GLN A 24 11.10 -0.40 5.92
CA GLN A 24 11.43 -0.53 7.32
C GLN A 24 10.33 0.16 8.13
N SER A 25 9.22 -0.51 8.27
CA SER A 25 8.08 0.07 8.94
C SER A 25 8.15 -0.23 10.43
N ALA A 26 7.15 0.24 11.17
CA ALA A 26 7.09 0.06 12.60
C ALA A 26 6.90 -1.40 12.96
N TRP A 27 7.48 -1.82 14.08
CA TRP A 27 7.33 -3.19 14.54
C TRP A 27 5.88 -3.46 14.88
N ASP A 28 5.25 -2.49 15.54
CA ASP A 28 3.84 -2.56 15.86
C ASP A 28 3.03 -2.51 14.59
N ILE A 29 2.08 -3.41 14.45
CA ILE A 29 1.37 -3.55 13.21
C ILE A 29 -0.12 -3.32 13.37
N VAL A 30 -0.66 -2.54 12.45
CA VAL A 30 -2.07 -2.30 12.35
C VAL A 30 -2.51 -2.51 10.89
N VAL A 31 -3.60 -3.24 10.69
CA VAL A 31 -4.09 -3.54 9.32
C VAL A 31 -4.99 -2.45 8.79
N ASP A 32 -5.26 -1.48 9.63
CA ASP A 32 -6.02 -0.32 9.19
C ASP A 32 -5.09 0.72 8.63
N ASN A 33 -3.81 0.38 8.61
CA ASN A 33 -2.81 1.21 8.02
C ASN A 33 -1.99 0.42 7.03
N CYS A 34 -1.59 1.06 5.97
CA CYS A 34 -0.68 0.46 5.04
C CYS A 34 0.69 0.65 5.63
N ALA A 35 1.32 -0.41 6.02
CA ALA A 35 2.60 -0.30 6.69
C ALA A 35 3.67 0.16 5.72
N ILE A 36 3.44 -0.17 4.46
CA ILE A 36 4.42 -0.02 3.41
C ILE A 36 4.67 1.46 3.09
N CYS A 37 3.60 2.22 3.00
CA CYS A 37 3.71 3.65 2.78
C CYS A 37 3.52 4.38 4.11
N ARG A 38 2.97 3.63 5.06
CA ARG A 38 2.70 4.08 6.42
C ARG A 38 1.49 5.03 6.46
N ASN A 39 0.63 4.92 5.45
CA ASN A 39 -0.57 5.75 5.43
C ASN A 39 -1.78 4.94 5.90
N HIS A 40 -2.91 5.59 6.07
CA HIS A 40 -4.12 4.94 6.53
C HIS A 40 -4.71 4.06 5.41
N ILE A 41 -5.46 3.04 5.81
CA ILE A 41 -6.09 2.11 4.88
C ILE A 41 -7.03 2.86 3.92
N MET A 42 -7.19 2.27 2.72
CA MET A 42 -8.04 2.79 1.64
C MET A 42 -7.92 4.31 1.46
N ASP A 43 -6.75 4.73 1.04
CA ASP A 43 -6.47 6.13 0.76
C ASP A 43 -5.31 6.21 -0.24
N LEU A 44 -4.88 7.41 -0.59
CA LEU A 44 -3.73 7.65 -1.46
C LEU A 44 -2.44 7.27 -0.77
N CYS A 45 -1.49 6.72 -1.50
CA CYS A 45 -0.20 6.40 -0.92
C CYS A 45 0.62 7.67 -0.74
N ILE A 46 1.76 7.52 -0.05
CA ILE A 46 2.69 8.61 0.28
C ILE A 46 2.92 9.60 -0.85
N GLU A 47 3.52 9.12 -1.90
CA GLU A 47 3.91 9.91 -3.00
C GLU A 47 2.78 9.99 -3.97
N CYS A 48 1.92 8.98 -3.93
CA CYS A 48 0.83 8.84 -4.89
C CYS A 48 -0.14 10.00 -4.85
N GLN A 49 -0.41 10.51 -3.66
CA GLN A 49 -1.25 11.71 -3.52
C GLN A 49 -0.63 12.89 -4.30
N ALA A 50 0.67 13.08 -4.14
CA ALA A 50 1.39 14.12 -4.85
C ALA A 50 1.53 13.78 -6.33
N ASN A 51 1.72 12.50 -6.58
CA ASN A 51 1.89 11.94 -7.91
C ASN A 51 0.63 12.15 -8.74
N GLN A 52 -0.51 12.00 -8.06
CA GLN A 52 -1.86 12.19 -8.60
C GLN A 52 -2.44 10.90 -9.17
N ALA A 53 -3.07 10.13 -8.30
CA ALA A 53 -3.70 8.89 -8.69
C ALA A 53 -5.19 9.13 -8.89
N SER A 54 -5.59 9.34 -10.13
CA SER A 54 -6.93 9.74 -10.44
C SER A 54 -7.87 8.56 -10.63
N ALA A 55 -7.32 7.35 -10.61
CA ALA A 55 -8.14 6.14 -10.70
C ALA A 55 -9.14 6.14 -9.56
N THR A 56 -8.62 6.36 -8.37
CA THR A 56 -9.39 6.64 -7.18
C THR A 56 -8.46 7.34 -6.19
N SER A 57 -8.76 8.56 -5.84
CA SER A 57 -7.95 9.27 -4.88
C SER A 57 -8.50 9.02 -3.48
N GLU A 58 -9.71 8.50 -3.43
CA GLU A 58 -10.31 8.08 -2.18
C GLU A 58 -9.49 6.92 -1.64
N GLU A 59 -9.07 6.07 -2.55
CA GLU A 59 -8.21 4.96 -2.28
C GLU A 59 -7.39 4.67 -3.53
N CYS A 60 -6.08 4.87 -3.44
CA CYS A 60 -5.18 4.59 -4.55
C CYS A 60 -5.40 3.18 -5.04
N THR A 61 -5.07 2.24 -4.19
CA THR A 61 -5.27 0.84 -4.41
C THR A 61 -5.39 0.17 -3.05
N VAL A 62 -6.11 -0.91 -2.95
CA VAL A 62 -6.14 -1.66 -1.71
C VAL A 62 -6.30 -3.15 -1.97
N ALA A 63 -5.54 -3.94 -1.26
CA ALA A 63 -5.61 -5.38 -1.37
C ALA A 63 -5.74 -6.00 -0.01
N TRP A 64 -6.63 -6.94 0.09
CA TRP A 64 -6.81 -7.65 1.30
C TRP A 64 -6.04 -8.94 1.24
N GLY A 65 -5.42 -9.28 2.32
CA GLY A 65 -4.68 -10.49 2.40
C GLY A 65 -5.47 -11.56 3.09
N VAL A 66 -5.35 -12.79 2.62
CA VAL A 66 -6.10 -13.93 3.16
C VAL A 66 -5.71 -14.15 4.61
N CYS A 67 -4.52 -13.68 4.93
CA CYS A 67 -3.94 -13.80 6.24
C CYS A 67 -4.47 -12.70 7.18
N ASN A 68 -5.62 -12.13 6.81
CA ASN A 68 -6.31 -11.08 7.56
C ASN A 68 -5.41 -9.86 7.65
N HIS A 69 -4.79 -9.56 6.54
CA HIS A 69 -3.94 -8.40 6.43
C HIS A 69 -4.50 -7.45 5.41
N ALA A 70 -4.14 -6.19 5.54
CA ALA A 70 -4.64 -5.19 4.61
C ALA A 70 -3.55 -4.19 4.29
N PHE A 71 -3.28 -4.03 3.02
CA PHE A 71 -2.31 -3.07 2.51
C PHE A 71 -2.83 -2.42 1.25
N HIS A 72 -2.11 -1.45 0.75
CA HIS A 72 -2.43 -0.92 -0.55
C HIS A 72 -1.95 -1.90 -1.57
N PHE A 73 -2.75 -2.17 -2.59
CA PHE A 73 -2.33 -3.08 -3.64
C PHE A 73 -1.05 -2.57 -4.28
N HIS A 74 -0.99 -1.28 -4.50
CA HIS A 74 0.17 -0.67 -5.13
C HIS A 74 1.43 -0.90 -4.28
N CYS A 75 1.31 -0.66 -2.99
CA CYS A 75 2.43 -0.82 -2.08
C CYS A 75 2.79 -2.28 -1.91
N ILE A 76 1.77 -3.12 -1.69
CA ILE A 76 2.00 -4.55 -1.48
C ILE A 76 2.56 -5.20 -2.75
N SER A 77 2.13 -4.72 -3.91
CA SER A 77 2.61 -5.23 -5.19
C SER A 77 4.11 -5.00 -5.31
N ARG A 78 4.55 -3.81 -4.94
CA ARG A 78 5.98 -3.50 -4.94
C ARG A 78 6.70 -4.41 -3.96
N TRP A 79 6.07 -4.62 -2.83
CA TRP A 79 6.61 -5.47 -1.81
C TRP A 79 6.77 -6.88 -2.33
N LEU A 80 5.73 -7.37 -2.95
CA LEU A 80 5.68 -8.71 -3.50
C LEU A 80 6.56 -8.87 -4.72
N LYS A 81 6.85 -7.77 -5.35
CA LYS A 81 7.77 -7.75 -6.47
C LYS A 81 9.14 -8.21 -6.00
N THR A 82 9.52 -7.79 -4.78
CA THR A 82 10.82 -8.15 -4.24
C THR A 82 10.71 -9.19 -3.06
N ARG A 83 9.50 -9.51 -2.63
CA ARG A 83 9.26 -10.38 -1.47
C ARG A 83 8.06 -11.27 -1.72
N GLN A 84 7.97 -12.35 -1.00
CA GLN A 84 6.86 -13.27 -1.13
C GLN A 84 6.16 -13.54 0.19
N VAL A 85 6.59 -12.82 1.19
CA VAL A 85 6.06 -12.97 2.54
C VAL A 85 5.61 -11.63 3.08
N CYS A 86 4.75 -11.65 4.08
CA CYS A 86 4.23 -10.45 4.70
C CYS A 86 5.36 -9.62 5.31
N PRO A 87 5.30 -8.31 5.20
CA PRO A 87 6.28 -7.44 5.84
C PRO A 87 6.14 -7.48 7.36
N LEU A 88 4.90 -7.69 7.79
CA LEU A 88 4.57 -7.69 9.19
C LEU A 88 4.91 -9.04 9.80
N ASP A 89 4.50 -10.07 9.08
CA ASP A 89 4.48 -11.43 9.61
C ASP A 89 5.70 -12.19 9.14
N ASN A 90 6.16 -11.80 7.97
CA ASN A 90 7.24 -12.49 7.25
C ASN A 90 6.87 -13.94 6.94
N ARG A 91 5.59 -14.14 6.69
CA ARG A 91 5.07 -15.41 6.22
C ARG A 91 4.32 -15.15 4.96
N GLU A 92 4.18 -16.18 4.11
CA GLU A 92 3.63 -16.02 2.76
C GLU A 92 2.42 -15.13 2.70
N TRP A 93 2.51 -14.13 1.86
CA TRP A 93 1.40 -13.26 1.61
C TRP A 93 0.53 -13.87 0.53
N GLU A 94 -0.77 -13.84 0.74
CA GLU A 94 -1.71 -14.29 -0.26
C GLU A 94 -2.83 -13.27 -0.40
N PHE A 95 -3.31 -13.08 -1.62
CA PHE A 95 -4.32 -12.08 -1.88
C PHE A 95 -5.70 -12.65 -1.68
N GLN A 96 -6.46 -12.05 -0.81
CA GLN A 96 -7.85 -12.41 -0.68
C GLN A 96 -8.59 -11.73 -1.83
N LYS A 97 -8.27 -10.46 -2.01
CA LYS A 97 -8.66 -9.64 -3.15
C LYS A 97 -7.46 -8.80 -3.52
N TYR A 98 -7.28 -8.48 -4.79
CA TYR A 98 -6.12 -7.67 -5.16
C TYR A 98 -6.50 -6.32 -5.78
N GLY A 99 -7.37 -6.34 -6.76
CA GLY A 99 -7.77 -5.11 -7.42
C GLY A 99 -9.24 -4.90 -7.29
N HIS A 100 -9.95 -5.27 -8.32
CA HIS A 100 -11.40 -5.29 -8.30
C HIS A 100 -11.85 -6.48 -7.47
ZN ZN B . 0.49 2.10 0.95
ZN ZN C . -0.25 4.36 -4.77
ZN ZN D . -0.17 -11.98 6.21
N GLY A 1 -13.93 29.35 -20.34
CA GLY A 1 -12.77 29.59 -19.52
C GLY A 1 -11.55 28.87 -20.05
N GLY A 2 -11.77 28.14 -21.14
CA GLY A 2 -10.71 27.39 -21.76
C GLY A 2 -10.25 26.24 -20.90
N GLY A 3 -8.96 26.11 -20.75
CA GLY A 3 -8.39 25.04 -20.00
C GLY A 3 -6.93 24.90 -20.33
N GLY A 4 -6.09 25.36 -19.46
CA GLY A 4 -4.69 25.35 -19.72
C GLY A 4 -3.93 24.58 -18.68
N THR A 5 -3.15 23.64 -19.14
CA THR A 5 -2.30 22.89 -18.28
C THR A 5 -0.86 23.23 -18.63
N ASN A 6 -0.13 23.83 -17.70
CA ASN A 6 1.24 24.19 -17.97
C ASN A 6 2.10 22.97 -18.18
N SER A 7 1.95 21.98 -17.28
CA SER A 7 2.67 20.69 -17.35
C SER A 7 4.17 20.88 -17.64
N GLY A 8 4.73 21.95 -17.10
CA GLY A 8 6.09 22.32 -17.42
C GLY A 8 7.11 21.57 -16.61
N ALA A 9 8.23 21.27 -17.22
CA ALA A 9 9.34 20.66 -16.53
C ALA A 9 10.09 21.72 -15.76
N GLY A 10 10.75 21.33 -14.69
CA GLY A 10 11.50 22.29 -13.91
C GLY A 10 10.66 22.91 -12.82
N LYS A 11 9.51 22.32 -12.57
CA LYS A 11 8.67 22.77 -11.51
C LYS A 11 8.80 21.81 -10.35
N LYS A 12 8.75 22.31 -9.15
CA LYS A 12 8.95 21.47 -7.98
C LYS A 12 7.67 20.79 -7.60
N ARG A 13 7.70 19.48 -7.51
CA ARG A 13 6.56 18.71 -7.05
C ARG A 13 6.32 19.02 -5.58
N PHE A 14 7.41 19.17 -4.84
CA PHE A 14 7.34 19.54 -3.45
C PHE A 14 8.04 20.89 -3.23
N GLU A 15 7.26 21.94 -3.06
CA GLU A 15 7.83 23.23 -2.71
C GLU A 15 7.82 23.41 -1.21
N VAL A 16 7.14 22.50 -0.55
CA VAL A 16 7.15 22.39 0.89
C VAL A 16 8.26 21.39 1.26
N LYS A 17 8.84 21.52 2.44
CA LYS A 17 9.94 20.64 2.84
C LYS A 17 9.47 19.22 3.15
N LYS A 18 8.15 19.03 3.21
CA LYS A 18 7.59 17.72 3.40
C LYS A 18 7.72 16.88 2.14
N SER A 19 8.01 15.64 2.33
CA SER A 19 8.16 14.69 1.27
C SER A 19 7.86 13.31 1.82
N ASN A 20 8.37 12.28 1.19
CA ASN A 20 8.17 10.93 1.68
C ASN A 20 9.12 10.70 2.83
N ALA A 21 8.55 10.63 4.02
CA ALA A 21 9.33 10.59 5.24
C ALA A 21 10.09 9.29 5.38
N SER A 22 11.28 9.40 5.93
CA SER A 22 12.07 8.25 6.23
C SER A 22 11.63 7.66 7.56
N ALA A 23 10.96 6.54 7.49
CA ALA A 23 10.41 5.90 8.67
C ALA A 23 11.39 4.90 9.24
N GLN A 24 11.12 4.46 10.43
CA GLN A 24 11.91 3.47 11.10
C GLN A 24 11.30 2.11 10.83
N SER A 25 12.09 1.06 10.84
CA SER A 25 11.61 -0.26 10.56
C SER A 25 10.82 -0.82 11.73
N ALA A 26 9.57 -0.44 11.80
CA ALA A 26 8.64 -0.93 12.77
C ALA A 26 7.41 -1.42 12.05
N TRP A 27 6.87 -2.52 12.50
CA TRP A 27 5.74 -3.12 11.84
C TRP A 27 4.50 -2.99 12.71
N ASP A 28 3.39 -2.61 12.12
CA ASP A 28 2.16 -2.44 12.88
C ASP A 28 1.35 -3.72 12.90
N ILE A 29 0.60 -3.91 13.97
CA ILE A 29 -0.26 -5.07 14.09
C ILE A 29 -1.68 -4.71 13.67
N VAL A 30 -1.87 -3.44 13.37
CA VAL A 30 -3.16 -2.90 13.00
C VAL A 30 -3.13 -2.53 11.53
N VAL A 31 -4.15 -2.96 10.80
CA VAL A 31 -4.12 -2.85 9.35
C VAL A 31 -5.04 -1.77 8.78
N ASP A 32 -5.35 -0.73 9.56
CA ASP A 32 -6.07 0.39 8.97
C ASP A 32 -5.09 1.41 8.43
N ASN A 33 -3.82 1.11 8.59
CA ASN A 33 -2.79 1.86 7.94
C ASN A 33 -1.91 0.92 7.16
N CYS A 34 -1.58 1.31 5.95
CA CYS A 34 -0.69 0.57 5.10
C CYS A 34 0.68 0.73 5.68
N ALA A 35 1.28 -0.34 6.14
CA ALA A 35 2.57 -0.22 6.82
C ALA A 35 3.68 -0.08 5.82
N ILE A 36 3.36 -0.39 4.57
CA ILE A 36 4.34 -0.38 3.52
C ILE A 36 4.76 1.04 3.17
N CYS A 37 3.77 1.91 3.06
CA CYS A 37 3.99 3.31 2.75
C CYS A 37 3.81 4.15 4.01
N ARG A 38 2.99 3.62 4.91
CA ARG A 38 2.63 4.22 6.17
C ARG A 38 1.65 5.35 5.97
N ASN A 39 0.67 5.05 5.15
CA ASN A 39 -0.44 5.93 4.87
C ASN A 39 -1.74 5.21 5.26
N HIS A 40 -2.87 5.89 5.15
CA HIS A 40 -4.13 5.32 5.60
C HIS A 40 -4.61 4.21 4.65
N ILE A 41 -5.30 3.21 5.20
CA ILE A 41 -5.82 2.10 4.42
C ILE A 41 -6.74 2.58 3.31
N MET A 42 -6.60 1.96 2.13
CA MET A 42 -7.47 2.22 0.96
C MET A 42 -7.28 3.62 0.34
N ASP A 43 -6.76 4.56 1.10
CA ASP A 43 -6.60 5.95 0.66
C ASP A 43 -5.39 6.06 -0.28
N LEU A 44 -4.88 7.26 -0.45
CA LEU A 44 -3.70 7.56 -1.24
C LEU A 44 -2.43 7.03 -0.60
N CYS A 45 -1.50 6.59 -1.43
CA CYS A 45 -0.20 6.17 -0.95
C CYS A 45 0.72 7.37 -0.76
N ILE A 46 1.94 7.10 -0.31
CA ILE A 46 3.00 8.09 -0.06
C ILE A 46 3.10 9.16 -1.14
N GLU A 47 3.71 8.80 -2.24
CA GLU A 47 3.88 9.70 -3.34
C GLU A 47 2.57 9.94 -4.01
N CYS A 48 1.71 8.93 -3.98
CA CYS A 48 0.45 8.96 -4.73
C CYS A 48 -0.44 10.14 -4.38
N GLN A 49 -0.44 10.53 -3.12
CA GLN A 49 -1.18 11.72 -2.72
C GLN A 49 -0.63 13.00 -3.38
N ALA A 50 0.68 13.12 -3.41
CA ALA A 50 1.32 14.26 -4.08
C ALA A 50 1.19 14.12 -5.59
N ASN A 51 1.35 12.91 -6.03
CA ASN A 51 1.33 12.49 -7.42
C ASN A 51 -0.03 12.76 -8.05
N GLN A 52 -1.07 12.49 -7.26
CA GLN A 52 -2.46 12.45 -7.72
C GLN A 52 -2.59 11.26 -8.67
N ALA A 53 -2.87 10.10 -8.08
CA ALA A 53 -2.82 8.83 -8.77
C ALA A 53 -3.75 8.80 -9.96
N SER A 54 -3.26 8.25 -11.05
CA SER A 54 -4.02 8.14 -12.28
C SER A 54 -5.13 7.08 -12.16
N ALA A 55 -5.03 6.24 -11.14
CA ALA A 55 -6.07 5.26 -10.89
C ALA A 55 -7.28 5.94 -10.22
N THR A 56 -7.22 6.07 -8.91
CA THR A 56 -8.22 6.78 -8.14
C THR A 56 -7.50 7.46 -6.98
N SER A 57 -7.93 8.65 -6.59
CA SER A 57 -7.35 9.29 -5.43
C SER A 57 -8.31 9.25 -4.25
N GLU A 58 -9.56 8.96 -4.56
CA GLU A 58 -10.57 8.71 -3.55
C GLU A 58 -10.13 7.48 -2.75
N GLU A 59 -9.54 6.57 -3.48
CA GLU A 59 -8.91 5.40 -2.97
C GLU A 59 -7.85 5.03 -3.99
N CYS A 60 -6.61 4.86 -3.58
CA CYS A 60 -5.60 4.47 -4.55
C CYS A 60 -5.87 3.06 -5.05
N THR A 61 -5.32 2.10 -4.35
CA THR A 61 -5.55 0.71 -4.60
C THR A 61 -5.43 -0.03 -3.28
N VAL A 62 -6.21 -1.05 -3.06
CA VAL A 62 -6.13 -1.75 -1.79
C VAL A 62 -6.32 -3.24 -1.94
N ALA A 63 -5.57 -4.00 -1.15
CA ALA A 63 -5.61 -5.43 -1.19
C ALA A 63 -5.73 -5.99 0.21
N TRP A 64 -6.57 -6.97 0.36
CA TRP A 64 -6.76 -7.62 1.60
C TRP A 64 -5.99 -8.92 1.58
N GLY A 65 -5.37 -9.23 2.67
CA GLY A 65 -4.60 -10.43 2.78
C GLY A 65 -5.37 -11.50 3.48
N VAL A 66 -5.22 -12.74 3.02
CA VAL A 66 -5.91 -13.89 3.62
C VAL A 66 -5.46 -14.07 5.05
N CYS A 67 -4.29 -13.57 5.30
CA CYS A 67 -3.66 -13.63 6.60
C CYS A 67 -4.23 -12.56 7.55
N ASN A 68 -5.44 -12.08 7.21
CA ASN A 68 -6.20 -11.07 7.98
C ASN A 68 -5.39 -9.78 8.02
N HIS A 69 -4.74 -9.51 6.92
CA HIS A 69 -3.96 -8.32 6.77
C HIS A 69 -4.56 -7.42 5.72
N ALA A 70 -4.16 -6.18 5.72
CA ALA A 70 -4.63 -5.24 4.73
C ALA A 70 -3.55 -4.25 4.40
N PHE A 71 -3.29 -4.07 3.12
CA PHE A 71 -2.28 -3.14 2.64
C PHE A 71 -2.79 -2.51 1.37
N HIS A 72 -2.09 -1.52 0.87
CA HIS A 72 -2.43 -0.99 -0.42
C HIS A 72 -2.01 -1.98 -1.44
N PHE A 73 -2.83 -2.20 -2.44
CA PHE A 73 -2.49 -3.10 -3.51
C PHE A 73 -1.22 -2.62 -4.19
N HIS A 74 -1.15 -1.33 -4.41
CA HIS A 74 0.03 -0.73 -5.01
C HIS A 74 1.27 -1.00 -4.17
N CYS A 75 1.17 -0.74 -2.89
CA CYS A 75 2.29 -0.90 -1.99
C CYS A 75 2.66 -2.35 -1.84
N ILE A 76 1.66 -3.21 -1.65
CA ILE A 76 1.91 -4.62 -1.48
C ILE A 76 2.48 -5.23 -2.77
N SER A 77 2.00 -4.76 -3.92
CA SER A 77 2.54 -5.21 -5.20
C SER A 77 4.01 -4.84 -5.35
N ARG A 78 4.37 -3.63 -4.91
CA ARG A 78 5.77 -3.21 -4.91
C ARG A 78 6.55 -4.09 -3.93
N TRP A 79 5.92 -4.37 -2.81
CA TRP A 79 6.49 -5.23 -1.79
C TRP A 79 6.72 -6.63 -2.34
N LEU A 80 5.72 -7.15 -2.99
CA LEU A 80 5.72 -8.49 -3.55
C LEU A 80 6.66 -8.62 -4.72
N LYS A 81 6.92 -7.51 -5.36
CA LYS A 81 7.92 -7.45 -6.40
C LYS A 81 9.25 -7.86 -5.80
N THR A 82 9.51 -7.34 -4.61
CA THR A 82 10.73 -7.64 -3.90
C THR A 82 10.62 -8.88 -2.95
N ARG A 83 9.42 -9.17 -2.45
CA ARG A 83 9.25 -10.16 -1.37
C ARG A 83 8.13 -11.15 -1.69
N GLN A 84 8.24 -12.33 -1.13
CA GLN A 84 7.22 -13.36 -1.28
C GLN A 84 6.34 -13.45 -0.03
N VAL A 85 6.75 -12.78 1.02
CA VAL A 85 6.11 -12.95 2.31
C VAL A 85 5.57 -11.66 2.87
N CYS A 86 4.63 -11.79 3.79
CA CYS A 86 4.06 -10.69 4.54
C CYS A 86 5.16 -9.89 5.23
N PRO A 87 5.05 -8.57 5.19
CA PRO A 87 6.00 -7.68 5.88
C PRO A 87 5.96 -7.93 7.38
N LEU A 88 4.79 -8.33 7.82
CA LEU A 88 4.50 -8.44 9.22
C LEU A 88 4.65 -9.88 9.68
N ASP A 89 3.98 -10.78 8.95
CA ASP A 89 3.91 -12.20 9.35
C ASP A 89 5.19 -12.94 9.09
N ASN A 90 5.85 -12.62 7.97
CA ASN A 90 6.93 -13.47 7.41
C ASN A 90 6.34 -14.81 6.99
N ARG A 91 5.09 -14.71 6.59
CA ARG A 91 4.28 -15.77 6.09
C ARG A 91 4.07 -15.46 4.64
N GLU A 92 3.80 -16.43 3.83
CA GLU A 92 3.62 -16.18 2.41
C GLU A 92 2.37 -15.33 2.20
N TRP A 93 2.53 -14.21 1.53
CA TRP A 93 1.43 -13.31 1.33
C TRP A 93 0.42 -13.90 0.36
N GLU A 94 -0.84 -13.85 0.74
CA GLU A 94 -1.92 -14.34 -0.08
C GLU A 94 -3.00 -13.26 -0.23
N PHE A 95 -3.54 -13.13 -1.44
CA PHE A 95 -4.56 -12.12 -1.70
C PHE A 95 -5.94 -12.67 -1.39
N GLN A 96 -6.56 -12.12 -0.35
CA GLN A 96 -7.92 -12.48 0.02
C GLN A 96 -8.90 -11.95 -0.99
N LYS A 97 -8.69 -10.70 -1.36
CA LYS A 97 -9.47 -10.00 -2.36
C LYS A 97 -8.84 -8.63 -2.51
N TYR A 98 -8.89 -8.06 -3.70
CA TYR A 98 -8.30 -6.74 -3.89
C TYR A 98 -9.04 -5.89 -4.90
N GLY A 99 -8.84 -4.60 -4.82
CA GLY A 99 -9.40 -3.67 -5.75
C GLY A 99 -8.37 -2.66 -6.18
N HIS A 100 -8.16 -2.55 -7.47
CA HIS A 100 -7.22 -1.61 -8.02
C HIS A 100 -7.90 -0.73 -9.08
ZN ZN B . 0.32 1.99 0.99
ZN ZN C . -0.54 4.34 -5.04
ZN ZN D . -0.11 -11.85 6.54
#